data_9VMK
#
_entry.id   9VMK
#
_cell.length_a   268.999
_cell.length_b   55.094
_cell.length_c   181.996
_cell.angle_alpha   90.000
_cell.angle_beta   131.858
_cell.angle_gamma   90.000
#
_symmetry.space_group_name_H-M   'C 1 2 1'
#
loop_
_entity.id
_entity.type
_entity.pdbx_description
1 polymer 'Tlr0193 protein'
2 non-polymer beta-D-glucopyranose
3 non-polymer GLYCEROL
4 non-polymer 'CALCIUM ION'
5 non-polymer 'L(+)-TARTARIC ACID'
6 water water
#
_entity_poly.entity_id   1
_entity_poly.type   'polypeptide(L)'
_entity_poly.pdbx_seq_one_letter_code
;AMAMPSDGAALKRYSGSGASSENGVIEFANCAWTRAIGQGWETPYRVRYASNLDDGPWYGMPLGGFGAGCIGRSSAGDFN
LWHVDGGEHIFGTLPACQFSLFEQGEQTQAYALGSAPKDGRLSSWQWYPAGKGTYAVRYPRSWFVYEGVFRAQITCEQFS
PILPHNYQETSYPVAVFLWTFSNPTDQSLTLSLMLSWQNTVGWFCNTTPSSAIAIRDDGSPVYTYTPRWGQSDGNFNELI
QTESFQGWRLRRMPHPNPPQEGDGEWAALIPTGLGEFFGCSRWQPEGDGAHLWQSFSVDGSLPFVNDPTPAAAGEQVAAA
FALRFSLAPGERKQIPVVLAWDFPVTEFGKGVIYYRRYTDFCDRHGTNAVTLAAQALAAYATWQEQIRTWQAPILSHPDW
PDWFKMALCNELYVLSSGGSLWSAASDRDPVGQFAVLECLDYRWYESLDVRLYGSFALLQLWPELEKSVMRAFARAIPTA
DPTLRIIGYFYRGDPETAYKAPRKLANAVPHDLGAPNEHPWEKTNYTAYQDCNLWKDLASDFVLLVYRDFLFTGGTDLNF
ARECWPAVVAALDHLKQFDQDGDGLPENGGAPDQTYDDWKLQGVSAYCGGLWLAALEAAIALGTLLQQPQVEIYRQWLSQ
ARPRYHQLLWNGEYYRLDTGSGSDVIMADQLCGQFYAQLLGLVDIVPPDCCDRALRKIYDTCFLKFHNGQFGAANGLLPN
GQPENPHATHPLEVWTGINFGLAAFLWQRGMIDEAWRLAEVVVRQIYENGLQFRTPEAITANGTFRACMYLRPMAIWALA
LVSGGSRLP
;
_entity_poly.pdbx_strand_id   A,B
#
loop_
_chem_comp.id
_chem_comp.type
_chem_comp.name
_chem_comp.formula
BGC D-saccharide, beta linking beta-D-glucopyranose 'C6 H12 O6'
CA non-polymer 'CALCIUM ION' 'Ca 2'
GOL non-polymer GLYCEROL 'C3 H8 O3'
TLA non-polymer 'L(+)-TARTARIC ACID' 'C4 H6 O6'
#
# COMPACT_ATOMS: atom_id res chain seq x y z
N VAL A 25 44.11 15.01 25.76
CA VAL A 25 43.66 13.58 25.84
C VAL A 25 42.11 13.49 25.81
N ILE A 26 41.39 14.36 26.52
CA ILE A 26 39.96 14.54 26.25
C ILE A 26 39.78 15.33 24.96
N GLU A 27 39.15 14.76 23.92
CA GLU A 27 38.98 15.47 22.66
C GLU A 27 37.85 16.51 22.81
N PHE A 28 38.20 17.79 22.56
CA PHE A 28 37.29 18.94 22.54
C PHE A 28 36.55 19.00 23.87
N ALA A 29 37.31 19.23 24.94
CA ALA A 29 36.78 19.32 26.30
C ALA A 29 35.73 20.42 26.44
N ASN A 30 35.77 21.43 25.57
CA ASN A 30 34.81 22.53 25.66
C ASN A 30 33.43 22.11 25.22
N CYS A 31 33.39 21.06 24.40
CA CYS A 31 32.16 20.40 23.98
C CYS A 31 31.91 19.12 24.81
N ALA A 32 32.24 19.13 26.10
CA ALA A 32 32.05 18.04 27.02
C ALA A 32 31.55 18.61 28.34
N TRP A 33 30.73 17.83 29.06
CA TRP A 33 30.34 18.17 30.43
C TRP A 33 31.50 17.74 31.34
N THR A 34 32.02 18.65 32.20
CA THR A 34 33.18 18.34 33.02
C THR A 34 32.88 18.67 34.47
N ARG A 35 33.41 17.87 35.39
CA ARG A 35 33.36 18.13 36.82
C ARG A 35 34.61 17.49 37.43
N ALA A 36 35.18 18.07 38.45
CA ALA A 36 36.27 17.40 39.17
C ALA A 36 35.77 16.04 39.71
N ILE A 37 36.67 15.05 39.73
CA ILE A 37 36.33 13.70 40.19
C ILE A 37 35.90 13.76 41.64
N GLY A 38 34.69 13.23 41.96
CA GLY A 38 34.20 13.16 43.31
C GLY A 38 33.78 14.52 43.89
N GLN A 39 33.56 15.54 43.04
CA GLN A 39 33.09 16.81 43.50
C GLN A 39 31.58 16.84 43.39
N GLY A 40 30.92 17.04 44.53
CA GLY A 40 29.48 17.01 44.67
C GLY A 40 28.84 18.39 44.44
N TRP A 41 27.59 18.56 44.90
CA TRP A 41 26.76 19.72 44.73
C TRP A 41 26.28 20.22 46.10
N GLU A 42 26.52 21.51 46.34
CA GLU A 42 26.01 22.21 47.52
C GLU A 42 24.48 22.09 47.56
N THR A 43 23.77 22.55 46.52
CA THR A 43 22.31 22.52 46.52
C THR A 43 21.80 22.05 45.16
N PRO A 44 21.83 20.75 44.86
CA PRO A 44 21.29 20.25 43.60
C PRO A 44 19.77 20.35 43.57
N TYR A 45 19.15 20.32 42.39
CA TYR A 45 17.71 20.20 42.30
C TYR A 45 17.23 18.94 43.04
N ARG A 46 16.04 18.99 43.66
CA ARG A 46 15.43 17.88 44.37
C ARG A 46 14.02 17.66 43.87
N VAL A 47 13.51 16.45 44.01
CA VAL A 47 12.22 16.12 43.42
C VAL A 47 11.14 16.92 44.14
N ARG A 48 10.15 17.40 43.38
CA ARG A 48 9.12 18.25 43.94
C ARG A 48 8.12 17.46 44.76
N TYR A 49 7.90 16.15 44.49
CA TYR A 49 7.00 15.32 45.29
C TYR A 49 7.74 14.12 45.88
N ALA A 50 7.54 13.87 47.20
CA ALA A 50 8.36 12.91 47.94
C ALA A 50 8.03 11.47 47.54
N SER A 51 6.86 11.21 46.98
CA SER A 51 6.57 9.86 46.53
C SER A 51 7.37 9.50 45.27
N ASN A 52 7.91 10.48 44.55
CA ASN A 52 8.54 10.26 43.26
C ASN A 52 10.03 9.97 43.49
N LEU A 53 10.73 9.56 42.41
CA LEU A 53 12.12 9.15 42.42
C LEU A 53 13.06 10.37 42.52
N ASP A 54 14.02 10.24 43.44
CA ASP A 54 15.14 11.15 43.53
C ASP A 54 16.29 10.35 44.14
N ASP A 55 17.27 9.90 43.35
CA ASP A 55 18.44 9.16 43.82
C ASP A 55 19.57 10.13 44.14
N GLY A 56 19.34 11.45 43.99
CA GLY A 56 20.40 12.43 44.18
C GLY A 56 21.23 12.63 42.91
N PRO A 57 22.19 13.56 42.95
CA PRO A 57 22.83 14.03 41.73
C PRO A 57 23.92 13.16 41.11
N TRP A 58 24.30 12.03 41.72
CA TRP A 58 25.49 11.31 41.31
C TRP A 58 25.20 10.31 40.17
N TYR A 59 24.56 10.78 39.10
CA TYR A 59 24.51 10.06 37.86
C TYR A 59 25.70 10.48 37.01
N GLY A 60 26.33 9.48 36.38
CA GLY A 60 27.36 9.69 35.36
C GLY A 60 26.87 9.10 34.04
N MET A 61 27.75 9.04 33.03
CA MET A 61 27.38 8.46 31.76
C MET A 61 27.02 6.99 31.88
N PRO A 62 25.84 6.57 31.35
CA PRO A 62 25.52 5.17 31.21
C PRO A 62 26.35 4.44 30.14
N LEU A 63 26.77 3.21 30.45
CA LEU A 63 27.48 2.31 29.56
C LEU A 63 26.58 1.15 29.12
N GLY A 64 26.76 0.71 27.87
CA GLY A 64 25.96 -0.34 27.27
C GLY A 64 25.05 0.20 26.17
N GLY A 65 24.75 -0.66 25.19
CA GLY A 65 23.92 -0.34 24.05
C GLY A 65 22.45 -0.19 24.42
N PHE A 66 21.65 0.35 23.48
CA PHE A 66 20.21 0.45 23.68
C PHE A 66 19.64 -0.95 23.80
N GLY A 67 18.78 -1.18 24.81
CA GLY A 67 18.10 -2.44 24.97
C GLY A 67 19.04 -3.59 25.34
N ALA A 68 20.27 -3.26 25.79
CA ALA A 68 21.32 -4.21 26.11
C ALA A 68 21.27 -4.58 27.60
N GLY A 69 20.53 -3.77 28.37
CA GLY A 69 20.77 -3.58 29.80
C GLY A 69 21.98 -2.68 29.98
N CYS A 70 21.91 -1.73 30.89
CA CYS A 70 23.02 -0.79 31.00
C CYS A 70 23.47 -0.65 32.45
N ILE A 71 24.71 -0.20 32.61
CA ILE A 71 25.22 0.15 33.92
C ILE A 71 25.72 1.59 33.87
N GLY A 72 25.58 2.34 34.92
CA GLY A 72 26.10 3.69 34.95
C GLY A 72 27.13 3.80 36.06
N ARG A 73 28.11 4.68 35.86
CA ARG A 73 29.17 4.97 36.78
C ARG A 73 29.13 6.47 37.02
N SER A 74 29.12 6.85 38.29
CA SER A 74 29.17 8.25 38.72
C SER A 74 30.53 8.92 38.45
N SER A 75 30.52 10.26 38.47
CA SER A 75 31.65 11.15 38.40
C SER A 75 32.52 11.03 39.63
N ALA A 76 32.10 10.30 40.66
CA ALA A 76 32.99 9.82 41.74
C ALA A 76 33.67 8.46 41.46
N GLY A 77 33.25 7.69 40.43
CA GLY A 77 33.85 6.42 40.03
C GLY A 77 33.04 5.20 40.42
N ASP A 78 31.85 5.42 41.02
CA ASP A 78 31.04 4.34 41.53
C ASP A 78 30.09 3.78 40.47
N PHE A 79 30.07 2.43 40.32
CA PHE A 79 29.11 1.75 39.48
C PHE A 79 27.81 1.62 40.26
N ASN A 80 26.85 2.50 39.94
CA ASN A 80 25.75 2.78 40.86
C ASN A 80 24.38 2.70 40.21
N LEU A 81 24.36 2.50 38.90
CA LEU A 81 23.08 2.36 38.24
C LEU A 81 23.06 1.00 37.55
N TRP A 82 22.07 0.15 37.86
CA TRP A 82 21.98 -1.23 37.40
C TRP A 82 20.65 -1.44 36.67
N HIS A 83 20.70 -1.42 35.32
CA HIS A 83 19.52 -1.55 34.48
C HIS A 83 19.67 -2.81 33.65
N VAL A 84 20.24 -3.85 34.24
CA VAL A 84 20.43 -5.09 33.54
C VAL A 84 19.10 -5.79 33.35
N ASP A 85 18.17 -5.59 34.29
CA ASP A 85 16.78 -6.03 34.12
C ASP A 85 16.03 -4.94 33.31
N GLY A 86 15.69 -5.30 32.08
CA GLY A 86 15.06 -4.43 31.09
C GLY A 86 13.80 -3.75 31.61
N GLY A 87 13.86 -2.43 31.72
CA GLY A 87 12.71 -1.63 32.12
C GLY A 87 12.67 -1.33 33.62
N GLU A 88 13.62 -1.88 34.37
CA GLU A 88 13.72 -1.81 35.83
C GLU A 88 14.86 -0.87 36.21
N HIS A 89 14.73 -0.25 37.39
CA HIS A 89 15.70 0.70 37.89
C HIS A 89 16.24 0.23 39.24
N ILE A 90 17.59 0.16 39.37
CA ILE A 90 18.22 -0.10 40.66
C ILE A 90 19.36 0.90 40.74
N PHE A 91 19.38 1.65 41.85
CA PHE A 91 20.44 2.58 42.14
C PHE A 91 21.15 2.10 43.40
N GLY A 92 22.47 2.01 43.39
CA GLY A 92 23.23 1.57 44.55
C GLY A 92 24.58 1.06 44.09
N THR A 93 25.64 1.35 44.82
CA THR A 93 26.99 0.95 44.47
C THR A 93 27.28 -0.48 44.94
N LEU A 94 28.00 -1.26 44.12
CA LEU A 94 28.65 -2.51 44.54
C LEU A 94 30.14 -2.19 44.59
N PRO A 95 30.71 -1.87 45.76
CA PRO A 95 32.04 -1.33 45.82
C PRO A 95 33.11 -2.18 45.15
N ALA A 96 32.88 -3.50 45.03
CA ALA A 96 33.89 -4.43 44.50
C ALA A 96 33.98 -4.35 42.97
N CYS A 97 32.97 -3.71 42.31
CA CYS A 97 32.94 -3.44 40.88
C CYS A 97 33.72 -2.16 40.66
N GLN A 98 35.02 -2.26 40.35
CA GLN A 98 35.87 -1.09 40.42
C GLN A 98 37.23 -1.31 39.73
N PHE A 99 37.85 -0.24 39.26
CA PHE A 99 39.23 -0.25 38.81
C PHE A 99 40.09 0.27 39.95
N SER A 100 41.31 -0.29 40.07
CA SER A 100 42.30 0.12 41.04
C SER A 100 43.67 0.25 40.36
N LEU A 101 44.49 1.20 40.83
CA LEU A 101 45.80 1.47 40.25
C LEU A 101 46.88 1.37 41.31
N PHE A 102 48.01 0.73 40.94
CA PHE A 102 49.23 0.69 41.71
C PHE A 102 50.33 1.37 40.91
N GLU A 103 51.12 2.23 41.56
CA GLU A 103 52.31 2.78 40.96
C GLU A 103 53.48 2.67 41.89
N GLN A 104 54.62 2.23 41.36
CA GLN A 104 55.88 2.29 42.10
C GLN A 104 56.90 3.06 41.27
N GLY A 105 57.35 4.19 41.83
CA GLY A 105 58.54 4.91 41.39
C GLY A 105 59.48 5.05 42.59
N GLU A 106 59.69 6.28 43.08
CA GLU A 106 60.40 6.50 44.33
C GLU A 106 59.50 6.02 45.46
N GLN A 107 58.30 6.59 45.60
CA GLN A 107 57.30 6.08 46.52
C GLN A 107 56.50 4.93 45.88
N THR A 108 55.58 4.35 46.64
CA THR A 108 54.65 3.32 46.17
C THR A 108 53.23 3.77 46.51
N GLN A 109 52.25 3.70 45.60
CA GLN A 109 50.88 4.10 45.95
C GLN A 109 49.87 3.19 45.26
N ALA A 110 48.71 3.02 45.90
CA ALA A 110 47.65 2.26 45.31
C ALA A 110 46.33 2.80 45.81
N TYR A 111 45.39 2.94 44.87
CA TYR A 111 44.05 3.44 45.16
C TYR A 111 43.04 2.72 44.31
N ALA A 112 41.87 2.45 44.89
CA ALA A 112 40.64 2.12 44.17
C ALA A 112 39.95 3.43 43.75
N LEU A 113 39.44 3.46 42.50
CA LEU A 113 39.04 4.68 41.82
C LEU A 113 37.53 4.89 41.95
N GLY A 114 37.04 4.83 43.19
CA GLY A 114 35.65 5.15 43.58
C GLY A 114 35.61 5.80 44.97
N SER A 115 34.44 5.86 45.60
CA SER A 115 34.24 6.34 46.97
C SER A 115 34.46 5.21 47.96
N ALA A 116 35.07 5.57 49.10
CA ALA A 116 35.15 4.74 50.28
C ALA A 116 33.75 4.32 50.69
N PRO A 117 33.46 3.01 50.79
CA PRO A 117 32.13 2.59 51.21
C PRO A 117 31.75 3.23 52.57
N LYS A 118 30.47 3.57 52.79
CA LYS A 118 30.07 4.23 54.02
C LYS A 118 29.91 3.20 55.13
N ASP A 119 30.01 1.90 54.81
CA ASP A 119 29.69 0.82 55.72
C ASP A 119 30.91 -0.01 56.05
N GLY A 120 32.11 0.33 55.55
CA GLY A 120 33.33 -0.39 55.92
C GLY A 120 33.52 -1.79 55.32
N ARG A 121 32.81 -2.16 54.27
CA ARG A 121 33.31 -3.21 53.39
C ARG A 121 34.59 -2.73 52.66
N LEU A 122 35.51 -3.67 52.39
CA LEU A 122 36.76 -3.36 51.71
C LEU A 122 37.56 -2.35 52.52
N SER A 123 37.48 -2.50 53.84
CA SER A 123 38.13 -1.60 54.78
C SER A 123 39.65 -1.58 54.57
N SER A 124 40.27 -2.60 53.99
CA SER A 124 41.73 -2.57 53.77
C SER A 124 42.11 -1.69 52.57
N TRP A 125 41.16 -1.44 51.66
CA TRP A 125 41.44 -0.70 50.44
C TRP A 125 41.64 0.78 50.76
N GLN A 126 42.47 1.47 49.95
CA GLN A 126 42.57 2.92 49.93
C GLN A 126 41.83 3.50 48.71
N TRP A 127 41.16 4.64 48.89
CA TRP A 127 40.29 5.22 47.90
C TRP A 127 40.86 6.54 47.39
N TYR A 128 40.92 6.66 46.06
CA TYR A 128 41.57 7.75 45.37
C TYR A 128 41.06 9.08 45.89
N PRO A 129 41.94 10.03 46.24
CA PRO A 129 41.53 11.36 46.72
C PRO A 129 40.56 12.11 45.79
N ALA A 130 39.46 12.62 46.36
CA ALA A 130 38.48 13.41 45.61
C ALA A 130 39.11 14.67 45.05
N GLY A 131 38.67 15.11 43.90
CA GLY A 131 39.14 16.35 43.33
C GLY A 131 40.52 16.27 42.67
N LYS A 132 41.10 15.10 42.41
CA LYS A 132 42.45 15.04 41.84
C LYS A 132 42.35 14.53 40.43
N GLY A 133 41.63 15.29 39.60
CA GLY A 133 41.43 14.98 38.21
C GLY A 133 40.01 15.35 37.75
N THR A 134 39.76 15.16 36.46
CA THR A 134 38.51 15.56 35.83
C THR A 134 37.76 14.37 35.26
N TYR A 135 36.40 14.41 35.38
CA TYR A 135 35.47 13.54 34.70
C TYR A 135 34.76 14.36 33.63
N ALA A 136 34.69 13.81 32.40
CA ALA A 136 34.25 14.52 31.21
C ALA A 136 33.37 13.59 30.41
N VAL A 137 32.25 14.12 29.86
CA VAL A 137 31.37 13.34 29.03
C VAL A 137 30.92 14.10 27.78
N ARG A 138 31.03 13.41 26.64
CA ARG A 138 30.30 13.66 25.40
C ARG A 138 29.79 12.32 24.83
N TYR A 139 28.56 11.95 25.29
CA TYR A 139 27.97 10.65 25.03
C TYR A 139 28.12 10.26 23.57
N PRO A 140 28.54 9.02 23.27
CA PRO A 140 28.80 7.97 24.26
C PRO A 140 30.23 7.85 24.79
N ARG A 141 31.00 8.92 24.74
CA ARG A 141 32.35 8.89 25.26
C ARG A 141 32.41 9.62 26.60
N SER A 142 33.17 9.04 27.56
CA SER A 142 33.48 9.67 28.83
C SER A 142 34.96 9.42 29.18
N TRP A 143 35.55 10.24 30.02
CA TRP A 143 36.94 10.15 30.41
C TRP A 143 37.03 10.43 31.91
N PHE A 144 37.88 9.64 32.62
CA PHE A 144 38.44 10.04 33.90
C PHE A 144 39.89 10.39 33.64
N VAL A 145 40.29 11.63 33.94
CA VAL A 145 41.71 12.06 33.84
C VAL A 145 42.22 12.24 35.28
N TYR A 146 43.05 11.31 35.75
CA TYR A 146 43.63 11.38 37.08
C TYR A 146 44.90 12.22 36.97
N GLU A 147 45.03 13.16 37.89
CA GLU A 147 46.21 14.01 37.95
C GLU A 147 46.43 14.48 39.36
N GLY A 148 47.69 14.59 39.73
CA GLY A 148 48.10 15.15 41.00
C GLY A 148 48.37 14.10 42.07
N VAL A 149 48.23 12.79 41.77
CA VAL A 149 48.37 11.76 42.81
C VAL A 149 49.44 10.81 42.32
N PHE A 150 49.23 10.17 41.18
CA PHE A 150 50.26 9.35 40.52
C PHE A 150 51.24 10.26 39.77
N ARG A 151 52.47 9.79 39.58
CA ARG A 151 53.48 10.54 38.82
C ARG A 151 53.13 10.44 37.35
N ALA A 152 52.60 9.28 36.97
CA ALA A 152 52.20 9.01 35.61
C ALA A 152 50.93 9.78 35.27
N GLN A 153 50.77 10.07 33.98
CA GLN A 153 49.56 10.65 33.43
C GLN A 153 48.68 9.51 32.93
N ILE A 154 47.45 9.48 33.46
CA ILE A 154 46.56 8.35 33.32
C ILE A 154 45.15 8.85 32.97
N THR A 155 44.63 8.33 31.86
CA THR A 155 43.30 8.56 31.35
C THR A 155 42.66 7.20 31.09
N CYS A 156 41.39 7.04 31.55
CA CYS A 156 40.47 5.98 31.21
C CYS A 156 39.34 6.60 30.40
N GLU A 157 39.23 6.19 29.12
CA GLU A 157 38.13 6.59 28.27
C GLU A 157 37.15 5.43 28.28
N GLN A 158 35.91 5.71 28.71
CA GLN A 158 34.87 4.70 28.78
C GLN A 158 33.89 4.96 27.64
N PHE A 159 33.61 3.94 26.83
CA PHE A 159 32.55 4.08 25.84
C PHE A 159 31.89 2.77 25.47
N SER A 160 30.70 2.88 24.90
CA SER A 160 30.09 1.80 24.16
C SER A 160 29.93 2.22 22.70
N PRO A 161 29.82 1.27 21.73
CA PRO A 161 29.72 1.64 20.33
C PRO A 161 28.29 2.06 19.96
N ILE A 162 27.87 3.23 20.44
CA ILE A 162 26.64 3.87 20.00
C ILE A 162 26.85 4.59 18.66
N LEU A 163 26.25 4.07 17.58
CA LEU A 163 26.59 4.39 16.20
C LEU A 163 25.31 4.63 15.44
N PRO A 164 25.06 5.89 15.06
CA PRO A 164 23.95 6.20 14.17
C PRO A 164 23.94 5.35 12.92
N HIS A 165 22.75 4.95 12.54
CA HIS A 165 22.52 4.20 11.31
C HIS A 165 23.16 2.82 11.39
N ASN A 166 23.43 2.34 12.59
CA ASN A 166 24.00 1.02 12.85
C ASN A 166 23.04 0.34 13.84
N TYR A 167 22.40 -0.74 13.38
CA TYR A 167 21.42 -1.50 14.11
C TYR A 167 21.99 -2.82 14.66
N GLN A 168 23.31 -2.85 14.85
CA GLN A 168 24.02 -3.97 15.41
C GLN A 168 24.79 -3.58 16.68
N GLU A 169 25.96 -2.97 16.54
CA GLU A 169 26.81 -2.68 17.69
C GLU A 169 26.12 -1.79 18.72
N THR A 170 25.26 -0.91 18.24
CA THR A 170 24.47 -0.01 19.08
C THR A 170 23.60 -0.78 20.11
N SER A 171 23.27 -2.04 19.83
CA SER A 171 22.52 -2.93 20.72
C SER A 171 23.39 -3.73 21.70
N TYR A 172 24.71 -3.60 21.64
CA TYR A 172 25.58 -4.56 22.33
C TYR A 172 25.72 -4.25 23.79
N PRO A 173 25.72 -5.29 24.65
CA PRO A 173 26.02 -5.12 26.07
C PRO A 173 27.50 -5.15 26.39
N VAL A 174 28.22 -4.13 25.92
CA VAL A 174 29.67 -4.03 26.14
C VAL A 174 30.03 -2.60 26.52
N ALA A 175 31.10 -2.52 27.31
CA ALA A 175 31.74 -1.26 27.65
C ALA A 175 33.27 -1.42 27.44
N VAL A 176 33.85 -0.44 26.75
CA VAL A 176 35.29 -0.36 26.54
C VAL A 176 35.85 0.70 27.50
N PHE A 177 36.87 0.30 28.25
CA PHE A 177 37.64 1.18 29.09
C PHE A 177 39.05 1.19 28.46
N LEU A 178 39.33 2.26 27.70
CA LEU A 178 40.64 2.46 27.07
C LEU A 178 41.50 3.32 27.98
N TRP A 179 42.56 2.72 28.50
CA TRP A 179 43.48 3.35 29.41
C TRP A 179 44.71 3.83 28.66
N THR A 180 45.12 5.09 28.93
CA THR A 180 46.35 5.63 28.37
C THR A 180 47.19 6.06 29.56
N PHE A 181 48.43 5.55 29.60
CA PHE A 181 49.44 5.85 30.60
C PHE A 181 50.66 6.48 29.92
N SER A 182 51.11 7.65 30.44
CA SER A 182 52.31 8.33 29.96
C SER A 182 53.22 8.62 31.15
N ASN A 183 54.51 8.43 30.95
CA ASN A 183 55.51 8.76 31.95
C ASN A 183 56.17 10.08 31.59
N PRO A 184 55.82 11.20 32.26
CA PRO A 184 56.49 12.47 32.04
C PRO A 184 57.77 12.69 32.83
N THR A 185 58.09 11.81 33.80
CA THR A 185 59.21 11.95 34.71
C THR A 185 60.47 11.43 34.04
N ASP A 186 61.65 11.57 34.66
CA ASP A 186 62.85 10.93 34.11
C ASP A 186 63.14 9.63 34.89
N GLN A 187 62.23 9.25 35.78
CA GLN A 187 62.31 8.05 36.59
C GLN A 187 61.34 7.00 36.01
N SER A 188 61.83 5.77 35.73
CA SER A 188 61.03 4.59 35.41
C SER A 188 59.95 4.27 36.46
N LEU A 189 58.78 3.79 35.99
CA LEU A 189 57.62 3.47 36.83
C LEU A 189 57.18 2.03 36.57
N THR A 190 56.76 1.35 37.65
CA THR A 190 55.94 0.15 37.49
C THR A 190 54.49 0.53 37.80
N LEU A 191 53.54 0.09 36.96
CA LEU A 191 52.10 0.32 37.15
C LEU A 191 51.40 -1.03 37.10
N SER A 192 50.33 -1.17 37.90
CA SER A 192 49.42 -2.28 37.76
C SER A 192 47.97 -1.78 37.70
N LEU A 193 47.15 -2.34 36.82
CA LEU A 193 45.75 -1.96 36.64
C LEU A 193 44.92 -3.19 36.99
N MET A 194 44.08 -3.04 38.03
CA MET A 194 43.20 -4.10 38.51
C MET A 194 41.73 -3.76 38.14
N LEU A 195 41.01 -4.75 37.59
CA LEU A 195 39.57 -4.72 37.54
C LEU A 195 39.04 -5.89 38.39
N SER A 196 38.26 -5.55 39.43
CA SER A 196 37.45 -6.49 40.23
C SER A 196 35.97 -6.27 39.93
N TRP A 197 35.16 -7.31 40.09
CA TRP A 197 33.73 -7.29 39.80
C TRP A 197 33.05 -8.36 40.64
N GLN A 198 31.92 -8.01 41.25
CA GLN A 198 31.09 -8.97 41.94
C GLN A 198 30.19 -9.67 40.94
N ASN A 199 30.00 -11.01 41.12
CA ASN A 199 29.15 -11.86 40.30
C ASN A 199 27.69 -11.69 40.73
N THR A 200 26.94 -10.99 39.89
CA THR A 200 25.53 -10.64 40.13
C THR A 200 24.61 -11.46 39.22
N VAL A 201 25.12 -12.59 38.69
CA VAL A 201 24.28 -13.49 37.92
C VAL A 201 23.09 -13.94 38.77
N GLY A 202 21.90 -13.90 38.16
CA GLY A 202 20.64 -14.23 38.78
C GLY A 202 20.04 -13.13 39.65
N TRP A 203 20.73 -12.00 39.85
CA TRP A 203 20.19 -10.96 40.71
C TRP A 203 19.04 -10.19 40.02
N PHE A 204 19.17 -9.97 38.71
CA PHE A 204 18.40 -8.96 38.00
C PHE A 204 17.17 -9.59 37.34
N CYS A 205 16.18 -9.88 38.19
CA CYS A 205 14.85 -10.36 37.79
C CYS A 205 13.87 -9.94 38.88
N ASN A 206 12.55 -10.05 38.61
CA ASN A 206 11.54 -9.66 39.56
C ASN A 206 10.96 -10.94 40.16
N THR A 207 11.12 -11.12 41.49
CA THR A 207 10.48 -12.24 42.18
C THR A 207 8.97 -12.01 42.40
N THR A 208 8.42 -10.79 42.25
CA THR A 208 6.98 -10.50 42.31
C THR A 208 6.50 -9.86 41.00
N PRO A 209 6.49 -10.60 39.85
CA PRO A 209 6.08 -10.04 38.55
C PRO A 209 4.56 -9.86 38.46
N SER A 210 4.03 -9.14 37.44
CA SER A 210 2.58 -8.99 37.32
C SER A 210 1.92 -8.79 38.69
N SER A 211 2.59 -8.03 39.60
CA SER A 211 2.06 -7.63 40.91
C SER A 211 0.80 -6.75 40.80
N ALA A 212 -0.09 -6.83 41.81
CA ALA A 212 -1.11 -5.82 42.05
C ALA A 212 -0.48 -4.47 41.67
N ILE A 213 -1.28 -3.66 40.92
CA ILE A 213 -0.95 -2.30 40.50
C ILE A 213 -1.65 -1.33 41.49
N ALA A 214 -0.86 -0.51 42.24
CA ALA A 214 -1.40 0.51 43.15
C ALA A 214 -1.61 1.80 42.36
N ILE A 215 -2.40 2.72 42.93
CA ILE A 215 -2.45 4.09 42.46
C ILE A 215 -1.64 4.93 43.48
N ARG A 216 -0.50 5.49 43.02
CA ARG A 216 0.36 6.39 43.79
C ARG A 216 -0.44 7.67 44.13
N ASP A 217 0.03 8.44 45.12
CA ASP A 217 -0.58 9.72 45.53
C ASP A 217 -0.73 10.71 44.37
N ASP A 218 0.16 10.68 43.35
CA ASP A 218 0.05 11.56 42.19
C ASP A 218 -0.99 11.05 41.15
N GLY A 219 -1.57 9.83 41.30
CA GLY A 219 -2.55 9.23 40.37
C GLY A 219 -1.97 8.25 39.31
N SER A 220 -0.63 8.08 39.26
CA SER A 220 0.04 7.14 38.35
C SER A 220 -0.12 5.70 38.83
N PRO A 221 -0.38 4.68 37.97
CA PRO A 221 -0.25 3.28 38.36
C PRO A 221 1.23 2.83 38.54
N VAL A 222 1.46 2.00 39.59
CA VAL A 222 2.80 1.51 39.99
C VAL A 222 2.69 0.02 40.34
N TYR A 223 3.78 -0.73 40.21
CA TYR A 223 3.83 -2.13 40.57
C TYR A 223 4.96 -2.38 41.56
N THR A 224 5.09 -3.63 42.06
CA THR A 224 6.16 -3.97 42.98
C THR A 224 7.31 -4.65 42.23
N TYR A 225 8.53 -4.11 42.38
CA TYR A 225 9.76 -4.75 41.90
C TYR A 225 10.56 -5.27 43.09
N THR A 226 10.74 -6.59 43.16
CA THR A 226 11.53 -7.27 44.18
C THR A 226 12.67 -8.04 43.52
N PRO A 227 13.82 -7.41 43.24
CA PRO A 227 14.92 -8.08 42.54
C PRO A 227 15.62 -9.11 43.44
N ARG A 228 16.42 -10.03 42.92
CA ARG A 228 17.15 -10.98 43.79
C ARG A 228 18.53 -10.39 44.13
N TRP A 229 18.55 -9.12 44.50
CA TRP A 229 19.76 -8.45 44.88
C TRP A 229 20.46 -9.19 46.03
N GLY A 230 21.73 -9.55 45.84
CA GLY A 230 22.50 -10.17 46.90
C GLY A 230 22.28 -11.67 47.03
N GLN A 231 21.55 -12.30 46.11
CA GLN A 231 21.25 -13.73 46.13
C GLN A 231 22.07 -14.48 45.07
N SER A 232 23.21 -15.04 45.52
CA SER A 232 24.31 -15.44 44.68
C SER A 232 24.58 -16.95 44.69
N ASP A 233 23.65 -17.76 45.23
CA ASP A 233 23.80 -19.21 45.38
C ASP A 233 24.00 -19.86 44.00
N GLY A 234 25.12 -20.60 43.85
CA GLY A 234 25.42 -21.24 42.57
C GLY A 234 26.31 -20.39 41.65
N ASN A 235 26.54 -19.10 41.99
CA ASN A 235 27.37 -18.21 41.23
C ASN A 235 28.86 -18.69 41.32
N PHE A 236 29.60 -18.63 40.20
CA PHE A 236 30.99 -19.02 40.19
C PHE A 236 31.71 -18.26 39.10
N ASN A 237 33.02 -18.11 39.29
CA ASN A 237 33.89 -17.29 38.47
C ASN A 237 35.08 -18.14 38.01
N GLU A 238 35.51 -17.90 36.76
CA GLU A 238 36.68 -18.57 36.22
C GLU A 238 37.60 -17.55 35.53
N LEU A 239 38.93 -17.79 35.58
CA LEU A 239 39.89 -17.11 34.73
C LEU A 239 39.67 -17.49 33.27
N ILE A 240 40.00 -16.58 32.36
CA ILE A 240 40.03 -16.85 30.91
C ILE A 240 41.49 -16.59 30.50
N GLN A 241 42.12 -17.52 29.78
CA GLN A 241 43.53 -17.42 29.39
C GLN A 241 43.62 -18.07 28.02
N THR A 242 43.74 -17.34 26.91
CA THR A 242 43.98 -17.87 25.57
C THR A 242 45.23 -17.18 25.04
N GLU A 243 45.66 -17.53 23.83
CA GLU A 243 46.79 -16.85 23.19
C GLU A 243 46.46 -15.37 22.93
N SER A 244 45.18 -15.03 22.65
CA SER A 244 44.76 -13.69 22.22
C SER A 244 44.33 -12.74 23.34
N PHE A 245 43.79 -13.28 24.48
CA PHE A 245 43.10 -12.47 25.47
C PHE A 245 43.08 -13.24 26.80
N GLN A 246 42.98 -12.47 27.87
CA GLN A 246 42.89 -13.03 29.21
C GLN A 246 42.02 -12.11 30.08
N GLY A 247 41.44 -12.71 31.13
CA GLY A 247 40.59 -11.99 32.08
C GLY A 247 39.80 -12.96 32.94
N TRP A 248 38.50 -12.72 33.09
CA TRP A 248 37.65 -13.58 33.91
C TRP A 248 36.25 -13.66 33.32
N ARG A 249 35.50 -14.63 33.84
CA ARG A 249 34.10 -14.84 33.43
C ARG A 249 33.28 -15.25 34.65
N LEU A 250 32.08 -14.63 34.80
CA LEU A 250 31.20 -14.81 35.94
C LEU A 250 29.91 -15.51 35.49
N ARG A 251 29.61 -16.67 36.09
CA ARG A 251 28.51 -17.53 35.68
C ARG A 251 27.76 -18.02 36.92
N ARG A 252 26.82 -18.93 36.65
CA ARG A 252 25.99 -19.56 37.66
C ARG A 252 25.77 -20.99 37.22
N MET A 253 25.81 -21.92 38.18
CA MET A 253 25.51 -23.34 37.99
C MET A 253 24.26 -23.68 38.79
N PRO A 254 23.22 -24.30 38.23
CA PRO A 254 23.15 -24.67 36.83
C PRO A 254 22.68 -23.49 35.97
N HIS A 255 23.02 -23.49 34.68
CA HIS A 255 22.55 -22.49 33.75
C HIS A 255 21.48 -23.13 32.86
N PRO A 256 20.20 -22.79 33.00
CA PRO A 256 19.18 -23.51 32.23
C PRO A 256 19.23 -23.14 30.76
N ASN A 257 18.55 -24.03 30.02
CA ASN A 257 18.35 -23.91 28.61
C ASN A 257 16.91 -24.27 28.30
N PRO A 258 16.04 -23.32 27.90
CA PRO A 258 16.44 -21.94 27.62
C PRO A 258 16.77 -21.14 28.89
N PRO A 259 17.51 -20.02 28.80
CA PRO A 259 17.69 -19.16 29.97
C PRO A 259 16.37 -18.48 30.36
N GLN A 260 16.26 -18.17 31.65
CA GLN A 260 15.23 -17.37 32.27
C GLN A 260 15.81 -15.99 32.49
N GLU A 261 14.93 -15.04 32.82
CA GLU A 261 15.36 -13.69 33.16
C GLU A 261 16.32 -13.73 34.33
N GLY A 262 17.49 -13.14 34.17
CA GLY A 262 18.49 -13.10 35.22
C GLY A 262 19.66 -14.07 34.97
N ASP A 263 19.42 -15.07 34.12
CA ASP A 263 20.43 -16.05 33.74
C ASP A 263 21.35 -15.40 32.73
N GLY A 264 22.66 -15.65 32.88
CA GLY A 264 23.63 -15.18 31.90
C GLY A 264 25.03 -15.15 32.51
N GLU A 265 25.88 -14.29 31.94
CA GLU A 265 27.27 -14.15 32.42
C GLU A 265 27.87 -12.77 32.17
N TRP A 266 28.93 -12.48 32.91
CA TRP A 266 29.79 -11.33 32.71
C TRP A 266 31.14 -11.84 32.23
N ALA A 267 31.86 -11.04 31.40
CA ALA A 267 33.27 -11.28 31.15
C ALA A 267 34.00 -9.95 31.05
N ALA A 268 35.27 -9.98 31.45
CA ALA A 268 36.14 -8.84 31.19
C ALA A 268 37.46 -9.42 30.64
N LEU A 269 38.01 -8.77 29.59
CA LEU A 269 39.20 -9.25 28.89
C LEU A 269 40.15 -8.10 28.64
N ILE A 270 41.45 -8.41 28.64
CA ILE A 270 42.49 -7.57 28.06
C ILE A 270 43.17 -8.38 26.97
N PRO A 271 43.85 -7.76 25.96
CA PRO A 271 44.72 -8.52 25.05
C PRO A 271 45.90 -9.13 25.80
N THR A 272 46.45 -10.24 25.29
CA THR A 272 47.75 -10.75 25.74
C THR A 272 48.88 -9.88 25.21
N GLY A 273 50.06 -9.99 25.83
CA GLY A 273 51.29 -9.37 25.38
C GLY A 273 51.51 -7.98 25.94
N LEU A 274 50.77 -7.48 26.95
CA LEU A 274 50.90 -6.06 27.34
C LEU A 274 51.66 -5.91 28.65
N GLY A 275 51.80 -7.01 29.40
CA GLY A 275 52.39 -6.95 30.73
C GLY A 275 52.24 -8.29 31.42
N GLU A 276 52.37 -8.33 32.76
CA GLU A 276 52.23 -9.55 33.52
C GLU A 276 50.80 -9.64 34.12
N PHE A 277 50.05 -10.69 33.73
CA PHE A 277 48.67 -10.96 34.13
C PHE A 277 48.58 -11.77 35.44
N PHE A 278 47.94 -11.19 36.47
CA PHE A 278 47.53 -11.85 37.72
C PHE A 278 46.00 -12.02 37.74
N GLY A 279 45.56 -13.26 37.98
CA GLY A 279 44.15 -13.62 38.03
C GLY A 279 43.74 -14.20 39.38
N CYS A 280 42.71 -13.65 39.99
CA CYS A 280 42.15 -14.21 41.21
C CYS A 280 40.65 -14.34 40.99
N SER A 281 40.18 -15.56 40.71
CA SER A 281 38.82 -15.79 40.23
C SER A 281 37.76 -15.72 41.33
N ARG A 282 38.17 -15.84 42.59
CA ARG A 282 37.24 -16.05 43.71
C ARG A 282 37.80 -15.36 44.95
N TRP A 283 37.24 -14.20 45.29
CA TRP A 283 37.50 -13.51 46.55
C TRP A 283 36.19 -12.97 47.13
N GLN A 284 36.22 -12.50 48.39
CA GLN A 284 35.01 -12.21 49.16
C GLN A 284 34.72 -10.72 49.21
N PRO A 285 33.74 -10.22 48.41
CA PRO A 285 33.51 -8.78 48.28
C PRO A 285 32.86 -8.11 49.50
N GLU A 286 32.31 -8.90 50.42
CA GLU A 286 31.77 -8.41 51.69
C GLU A 286 32.80 -8.35 52.82
N GLY A 287 33.99 -8.95 52.65
CA GLY A 287 35.06 -8.85 53.62
C GLY A 287 35.86 -7.55 53.53
N ASP A 288 37.10 -7.61 54.07
CA ASP A 288 37.95 -6.44 54.10
C ASP A 288 38.77 -6.25 52.82
N GLY A 289 38.72 -7.18 51.88
CA GLY A 289 39.50 -7.10 50.63
C GLY A 289 41.02 -7.29 50.79
N ALA A 290 41.49 -7.57 52.00
CA ALA A 290 42.90 -7.70 52.32
C ALA A 290 43.64 -8.80 51.55
N HIS A 291 42.96 -9.89 51.13
CA HIS A 291 43.62 -10.96 50.35
C HIS A 291 44.13 -10.40 49.02
N LEU A 292 43.30 -9.58 48.34
CA LEU A 292 43.73 -8.81 47.15
C LEU A 292 44.75 -7.72 47.49
N TRP A 293 44.42 -6.88 48.50
CA TRP A 293 45.07 -5.58 48.68
C TRP A 293 46.51 -5.76 49.16
N GLN A 294 46.71 -6.79 49.98
CA GLN A 294 48.01 -7.06 50.58
C GLN A 294 49.07 -7.30 49.53
N SER A 295 48.70 -7.92 48.41
CA SER A 295 49.56 -8.06 47.25
C SER A 295 49.57 -6.77 46.43
N PHE A 296 48.39 -6.28 46.07
CA PHE A 296 48.25 -5.28 45.03
C PHE A 296 48.91 -3.98 45.43
N SER A 297 48.72 -3.58 46.68
CA SER A 297 49.19 -2.28 47.18
C SER A 297 50.71 -2.31 47.37
N VAL A 298 51.32 -3.52 47.40
CA VAL A 298 52.72 -3.69 47.76
C VAL A 298 53.58 -3.77 46.51
N ASP A 299 53.20 -4.62 45.54
CA ASP A 299 53.94 -4.82 44.30
C ASP A 299 53.05 -4.86 43.05
N GLY A 300 51.71 -4.65 43.20
CA GLY A 300 50.80 -4.65 42.05
C GLY A 300 50.40 -6.03 41.54
N SER A 301 50.69 -7.07 42.33
CA SER A 301 50.29 -8.43 41.96
C SER A 301 48.98 -8.81 42.67
N LEU A 302 48.44 -9.98 42.33
CA LEU A 302 47.34 -10.61 43.01
C LEU A 302 47.72 -12.05 43.30
N PRO A 303 47.23 -12.68 44.40
CA PRO A 303 47.36 -14.13 44.56
C PRO A 303 46.69 -14.82 43.38
N PHE A 304 47.34 -15.86 42.86
CA PHE A 304 46.80 -16.59 41.72
C PHE A 304 45.70 -17.55 42.17
N VAL A 305 44.49 -17.42 41.62
CA VAL A 305 43.38 -18.25 42.04
C VAL A 305 42.54 -18.49 40.81
N ASN A 306 42.39 -19.74 40.42
CA ASN A 306 41.35 -20.12 39.50
C ASN A 306 40.51 -21.15 40.22
N ASP A 307 39.36 -20.73 40.77
CA ASP A 307 38.52 -21.57 41.63
C ASP A 307 37.07 -21.36 41.28
N PRO A 308 36.52 -22.19 40.39
CA PRO A 308 35.13 -22.12 40.00
C PRO A 308 34.13 -22.81 40.95
N THR A 309 34.48 -22.98 42.25
CA THR A 309 33.53 -23.52 43.23
C THR A 309 32.30 -22.61 43.32
N PRO A 310 31.09 -23.11 43.07
CA PRO A 310 29.88 -22.29 43.14
C PRO A 310 29.64 -21.72 44.54
N ALA A 311 29.07 -20.51 44.61
CA ALA A 311 28.87 -19.80 45.87
C ALA A 311 27.89 -20.60 46.75
N ALA A 312 28.22 -20.74 48.05
CA ALA A 312 27.35 -21.38 49.05
C ALA A 312 26.16 -20.47 49.42
N ALA A 313 25.13 -21.01 50.09
CA ALA A 313 24.05 -20.20 50.61
C ALA A 313 24.65 -19.18 51.55
N GLY A 314 24.25 -17.91 51.38
CA GLY A 314 24.78 -16.83 52.19
C GLY A 314 26.11 -16.25 51.70
N GLU A 315 26.73 -16.71 50.63
CA GLU A 315 28.08 -16.28 50.26
C GLU A 315 28.04 -15.47 48.96
N GLN A 316 28.75 -14.34 48.93
CA GLN A 316 28.93 -13.53 47.74
C GLN A 316 30.29 -13.91 47.13
N VAL A 317 30.44 -13.77 45.79
CA VAL A 317 31.71 -14.06 45.13
C VAL A 317 32.03 -12.93 44.13
N ALA A 318 33.31 -12.59 44.02
CA ALA A 318 33.86 -11.64 43.08
C ALA A 318 35.13 -12.21 42.45
N ALA A 319 35.52 -11.61 41.30
CA ALA A 319 36.75 -11.93 40.59
C ALA A 319 37.59 -10.69 40.50
N ALA A 320 38.88 -10.87 40.19
CA ALA A 320 39.75 -9.76 39.87
C ALA A 320 40.88 -10.24 38.95
N PHE A 321 41.34 -9.36 38.09
CA PHE A 321 42.66 -9.51 37.47
C PHE A 321 43.41 -8.19 37.58
N ALA A 322 44.74 -8.30 37.40
CA ALA A 322 45.61 -7.15 37.36
C ALA A 322 46.63 -7.34 36.24
N LEU A 323 46.97 -6.26 35.53
CA LEU A 323 48.05 -6.26 34.57
C LEU A 323 49.14 -5.28 35.01
N ARG A 324 50.34 -5.83 35.28
CA ARG A 324 51.53 -5.09 35.71
C ARG A 324 52.48 -4.92 34.53
N PHE A 325 53.03 -3.71 34.42
CA PHE A 325 53.87 -3.30 33.31
C PHE A 325 54.76 -2.15 33.72
N SER A 326 55.84 -1.95 32.95
CA SER A 326 56.80 -0.90 33.26
C SER A 326 56.60 0.23 32.23
N LEU A 327 56.93 1.46 32.63
CA LEU A 327 56.77 2.62 31.76
C LEU A 327 58.07 3.42 31.87
N ALA A 328 58.90 3.35 30.83
CA ALA A 328 60.20 4.02 30.77
C ALA A 328 59.92 5.51 30.74
N PRO A 329 60.86 6.37 31.17
CA PRO A 329 60.66 7.81 31.03
C PRO A 329 60.29 8.17 29.60
N GLY A 330 59.21 8.97 29.44
CA GLY A 330 58.68 9.41 28.15
C GLY A 330 57.85 8.36 27.40
N GLU A 331 57.74 7.15 27.94
CA GLU A 331 56.96 6.14 27.25
C GLU A 331 55.46 6.40 27.46
N ARG A 332 54.65 5.92 26.51
CA ARG A 332 53.20 5.96 26.54
C ARG A 332 52.69 4.59 26.15
N LYS A 333 51.78 4.00 26.93
CA LYS A 333 51.16 2.69 26.66
C LYS A 333 49.62 2.79 26.69
N GLN A 334 48.92 2.03 25.84
CA GLN A 334 47.48 1.88 25.97
C GLN A 334 47.11 0.45 26.31
N ILE A 335 46.04 0.31 27.10
CA ILE A 335 45.53 -0.99 27.49
C ILE A 335 44.02 -0.89 27.34
N PRO A 336 43.45 -1.64 26.35
CA PRO A 336 42.01 -1.81 26.27
C PRO A 336 41.53 -2.88 27.25
N VAL A 337 40.63 -2.48 28.13
CA VAL A 337 39.91 -3.39 29.02
C VAL A 337 38.43 -3.39 28.57
N VAL A 338 37.88 -4.55 28.22
CA VAL A 338 36.50 -4.62 27.83
C VAL A 338 35.68 -5.42 28.86
N LEU A 339 34.42 -5.03 29.04
CA LEU A 339 33.48 -5.64 29.98
C LEU A 339 32.27 -5.92 29.14
N ALA A 340 31.79 -7.18 29.16
CA ALA A 340 30.56 -7.57 28.49
C ALA A 340 29.64 -8.31 29.47
N TRP A 341 28.32 -8.27 29.17
CA TRP A 341 27.29 -8.94 29.96
C TRP A 341 26.20 -9.49 29.06
N ASP A 342 26.02 -10.82 29.10
CA ASP A 342 25.08 -11.54 28.26
C ASP A 342 23.91 -11.99 29.17
N PHE A 343 22.83 -11.18 29.21
CA PHE A 343 21.60 -11.49 29.89
C PHE A 343 20.49 -11.44 28.85
N PRO A 344 20.26 -12.50 28.06
CA PRO A 344 19.50 -12.40 26.81
C PRO A 344 18.00 -12.18 26.98
N VAL A 345 17.42 -12.57 28.12
CA VAL A 345 15.97 -12.55 28.29
C VAL A 345 15.50 -11.25 28.95
N THR A 346 14.46 -10.63 28.35
CA THR A 346 13.66 -9.61 28.98
C THR A 346 12.26 -10.18 29.16
N GLU A 347 11.92 -10.49 30.43
CA GLU A 347 10.58 -10.85 30.84
C GLU A 347 9.85 -9.62 31.36
N PHE A 348 8.59 -9.45 30.93
CA PHE A 348 7.79 -8.32 31.35
C PHE A 348 6.77 -8.86 32.37
N GLY A 349 5.47 -8.85 32.05
CA GLY A 349 4.48 -9.60 32.80
C GLY A 349 4.89 -11.07 32.80
N LYS A 350 4.40 -11.80 33.80
CA LYS A 350 4.82 -13.19 34.01
C LYS A 350 4.58 -13.93 32.70
N GLY A 351 5.61 -14.57 32.16
CA GLY A 351 5.44 -15.39 30.96
C GLY A 351 5.56 -14.61 29.65
N VAL A 352 5.66 -13.27 29.71
CA VAL A 352 5.85 -12.48 28.50
C VAL A 352 7.35 -12.36 28.26
N ILE A 353 7.86 -13.10 27.27
CA ILE A 353 9.31 -13.27 27.12
C ILE A 353 9.72 -12.69 25.77
N TYR A 354 10.73 -11.85 25.77
CA TYR A 354 11.42 -11.39 24.58
C TYR A 354 12.94 -11.63 24.73
N TYR A 355 13.67 -11.71 23.60
CA TYR A 355 15.13 -11.71 23.60
C TYR A 355 15.63 -10.34 23.13
N ARG A 356 16.78 -9.96 23.67
CA ARG A 356 17.47 -8.73 23.35
C ARG A 356 18.05 -8.83 21.93
N ARG A 357 18.03 -7.72 21.19
CA ARG A 357 18.52 -7.59 19.83
C ARG A 357 19.92 -8.18 19.64
N TYR A 358 20.83 -7.93 20.57
CA TYR A 358 22.24 -8.34 20.40
C TYR A 358 22.37 -9.86 20.22
N THR A 359 21.41 -10.65 20.72
CA THR A 359 21.41 -12.10 20.55
C THR A 359 21.32 -12.50 19.06
N ASP A 360 20.84 -11.57 18.20
CA ASP A 360 20.79 -11.80 16.76
C ASP A 360 22.22 -11.94 16.20
N PHE A 361 23.27 -11.50 16.91
CA PHE A 361 24.64 -11.48 16.42
C PHE A 361 25.48 -12.49 17.19
N CYS A 362 24.91 -13.22 18.16
CA CYS A 362 25.56 -14.34 18.84
C CYS A 362 24.53 -15.44 18.93
N ASP A 363 23.89 -15.67 20.08
CA ASP A 363 22.74 -16.59 20.16
C ASP A 363 21.96 -16.22 21.41
N ARG A 364 20.90 -17.00 21.70
CA ARG A 364 20.01 -16.73 22.83
C ARG A 364 20.28 -17.58 24.07
N HIS A 365 21.47 -18.18 24.20
CA HIS A 365 21.73 -19.14 25.25
C HIS A 365 22.26 -18.49 26.54
N GLY A 366 22.75 -17.26 26.46
CA GLY A 366 23.30 -16.62 27.63
C GLY A 366 24.70 -17.14 28.00
N THR A 367 25.46 -17.55 26.97
CA THR A 367 26.76 -18.18 27.17
C THR A 367 27.79 -17.50 26.28
N ASN A 368 27.71 -16.17 26.01
CA ASN A 368 28.46 -15.54 24.94
C ASN A 368 29.24 -14.32 25.42
N ALA A 369 29.38 -14.12 26.72
CA ALA A 369 30.04 -12.91 27.16
C ALA A 369 31.50 -12.86 26.66
N VAL A 370 32.21 -14.00 26.64
CA VAL A 370 33.60 -13.96 26.20
C VAL A 370 33.67 -13.61 24.72
N THR A 371 32.74 -14.13 23.89
CA THR A 371 32.67 -13.84 22.47
C THR A 371 32.44 -12.34 22.25
N LEU A 372 31.49 -11.76 22.99
CA LEU A 372 31.21 -10.34 22.84
C LEU A 372 32.42 -9.52 23.31
N ALA A 373 33.04 -9.86 24.42
CA ALA A 373 34.22 -9.13 24.88
C ALA A 373 35.37 -9.23 23.85
N ALA A 374 35.51 -10.40 23.20
CA ALA A 374 36.59 -10.66 22.26
C ALA A 374 36.36 -9.76 21.05
N GLN A 375 35.10 -9.65 20.62
CA GLN A 375 34.74 -8.78 19.52
C GLN A 375 35.11 -7.35 19.81
N ALA A 376 34.80 -6.94 21.02
CA ALA A 376 35.10 -5.62 21.49
C ALA A 376 36.61 -5.38 21.46
N LEU A 377 37.39 -6.40 21.85
CA LEU A 377 38.86 -6.26 21.88
C LEU A 377 39.38 -6.06 20.47
N ALA A 378 38.81 -6.79 19.51
CA ALA A 378 39.16 -6.69 18.11
C ALA A 378 38.76 -5.35 17.52
N ALA A 379 37.53 -4.87 17.79
CA ALA A 379 36.89 -3.79 17.02
C ALA A 379 36.86 -2.43 17.74
N TYR A 380 37.37 -2.31 18.97
CA TYR A 380 37.19 -1.08 19.77
C TYR A 380 37.75 0.15 19.08
N ALA A 381 38.90 0.04 18.40
CA ALA A 381 39.55 1.16 17.71
C ALA A 381 38.72 1.56 16.50
N THR A 382 38.15 0.59 15.78
CA THR A 382 37.21 0.93 14.73
C THR A 382 36.01 1.71 15.30
N TRP A 383 35.41 1.19 16.39
CA TRP A 383 34.23 1.81 17.00
C TRP A 383 34.52 3.25 17.41
N GLN A 384 35.65 3.46 18.09
CA GLN A 384 36.09 4.80 18.48
C GLN A 384 36.23 5.75 17.28
N GLU A 385 36.82 5.26 16.18
CA GLU A 385 36.96 6.04 14.95
C GLU A 385 35.58 6.40 14.41
N GLN A 386 34.65 5.45 14.44
CA GLN A 386 33.29 5.66 13.97
C GLN A 386 32.55 6.69 14.84
N ILE A 387 32.76 6.68 16.19
CA ILE A 387 32.13 7.66 17.05
C ILE A 387 32.68 9.06 16.72
N ARG A 388 34.02 9.19 16.67
CA ARG A 388 34.62 10.45 16.23
C ARG A 388 34.02 10.89 14.91
N THR A 389 33.78 9.97 13.96
CA THR A 389 33.29 10.32 12.64
C THR A 389 31.86 10.90 12.71
N TRP A 390 30.95 10.24 13.47
CA TRP A 390 29.58 10.75 13.50
C TRP A 390 29.46 12.02 14.35
N GLN A 391 30.34 12.23 15.32
CA GLN A 391 30.28 13.46 16.10
C GLN A 391 30.91 14.68 15.39
N ALA A 392 31.81 14.42 14.40
CA ALA A 392 32.61 15.44 13.71
C ALA A 392 31.74 16.54 13.06
N PRO A 393 30.70 16.27 12.26
CA PRO A 393 29.75 17.31 11.86
C PRO A 393 29.14 18.18 12.97
N ILE A 394 28.84 17.59 14.14
CA ILE A 394 28.35 18.34 15.28
C ILE A 394 29.46 19.23 15.85
N LEU A 395 30.61 18.61 16.17
CA LEU A 395 31.70 19.37 16.77
C LEU A 395 32.22 20.49 15.86
N SER A 396 32.23 20.32 14.55
CA SER A 396 32.83 21.31 13.66
C SER A 396 31.79 22.32 13.19
N HIS A 397 30.56 22.26 13.66
CA HIS A 397 29.50 23.09 13.06
C HIS A 397 29.80 24.55 13.36
N PRO A 398 29.91 25.43 12.34
CA PRO A 398 30.29 26.83 12.56
C PRO A 398 29.22 27.68 13.27
N ASP A 399 27.95 27.30 13.24
CA ASP A 399 26.88 28.12 13.77
C ASP A 399 26.31 27.61 15.09
N TRP A 400 26.93 26.61 15.74
CA TRP A 400 26.43 26.06 16.99
C TRP A 400 27.36 26.44 18.14
N PRO A 401 26.85 26.85 19.33
CA PRO A 401 27.71 27.07 20.49
C PRO A 401 28.18 25.76 21.10
N ASP A 402 29.33 25.80 21.78
CA ASP A 402 29.86 24.60 22.44
C ASP A 402 28.86 23.91 23.37
N TRP A 403 28.13 24.66 24.21
CA TRP A 403 27.18 24.13 25.19
C TRP A 403 26.12 23.32 24.47
N PHE A 404 25.87 23.63 23.21
CA PHE A 404 24.83 22.98 22.43
C PHE A 404 25.32 21.67 21.84
N LYS A 405 26.58 21.71 21.35
CA LYS A 405 27.25 20.53 20.83
C LYS A 405 27.30 19.44 21.89
N MET A 406 27.61 19.85 23.12
CA MET A 406 27.69 19.01 24.30
C MET A 406 26.33 18.42 24.62
N ALA A 407 25.28 19.27 24.62
CA ALA A 407 23.97 18.81 25.07
C ALA A 407 23.29 17.87 24.06
N LEU A 408 23.51 18.15 22.76
CA LEU A 408 23.06 17.33 21.66
C LEU A 408 23.52 15.88 21.82
N CYS A 409 24.80 15.69 22.17
CA CYS A 409 25.33 14.37 22.43
C CYS A 409 24.80 13.79 23.74
N ASN A 410 24.88 14.61 24.80
CA ASN A 410 24.63 14.12 26.14
C ASN A 410 23.16 13.74 26.33
N GLU A 411 22.21 14.45 25.72
CA GLU A 411 20.78 14.13 25.87
C GLU A 411 20.42 12.75 25.29
N LEU A 412 21.35 12.19 24.51
CA LEU A 412 21.18 10.86 23.92
C LEU A 412 21.21 9.77 25.00
N TYR A 413 21.78 10.07 26.17
CA TYR A 413 22.06 9.07 27.24
C TYR A 413 20.79 8.23 27.53
N VAL A 414 19.60 8.86 27.41
CA VAL A 414 18.34 8.24 27.83
C VAL A 414 17.95 7.06 26.93
N LEU A 415 18.46 7.01 25.71
CA LEU A 415 18.21 5.89 24.82
C LEU A 415 18.86 4.63 25.40
N SER A 416 19.93 4.78 26.18
CA SER A 416 20.51 3.69 26.95
C SER A 416 19.80 3.55 28.32
N SER A 417 19.77 4.56 29.22
CA SER A 417 19.32 4.34 30.60
C SER A 417 17.81 4.41 30.84
N GLY A 418 16.99 4.92 29.89
CA GLY A 418 15.55 5.04 30.11
C GLY A 418 14.81 3.71 29.93
N GLY A 419 15.25 2.66 30.66
CA GLY A 419 14.67 1.33 30.59
C GLY A 419 14.51 0.80 29.16
N SER A 420 15.50 1.11 28.31
CA SER A 420 15.35 0.91 26.87
C SER A 420 15.26 -0.61 26.54
N LEU A 421 14.36 -0.91 25.62
CA LEU A 421 14.13 -2.22 25.03
C LEU A 421 14.51 -2.16 23.55
N TRP A 422 15.14 -3.25 23.11
CA TRP A 422 15.40 -3.50 21.68
C TRP A 422 15.40 -5.01 21.55
N SER A 423 14.37 -5.57 20.92
CA SER A 423 14.16 -6.99 20.86
C SER A 423 14.80 -7.57 19.60
N ALA A 424 14.84 -8.90 19.53
CA ALA A 424 15.30 -9.68 18.40
C ALA A 424 14.48 -9.41 17.16
N ALA A 425 15.10 -9.47 15.97
CA ALA A 425 14.40 -9.26 14.73
C ALA A 425 13.35 -10.33 14.47
N SER A 426 12.38 -9.96 13.66
CA SER A 426 11.39 -10.85 13.06
C SER A 426 11.17 -10.44 11.60
N ASP A 427 10.28 -11.18 10.91
CA ASP A 427 9.92 -10.83 9.56
C ASP A 427 9.28 -9.45 9.53
N ARG A 428 8.40 -9.13 10.49
CA ARG A 428 7.63 -7.89 10.41
C ARG A 428 8.42 -6.76 11.07
N ASP A 429 9.45 -7.10 11.84
CA ASP A 429 10.30 -6.12 12.50
C ASP A 429 11.75 -6.51 12.27
N PRO A 430 12.29 -6.23 11.05
CA PRO A 430 13.54 -6.80 10.60
C PRO A 430 14.80 -6.34 11.35
N VAL A 431 14.76 -5.21 12.10
CA VAL A 431 15.86 -4.82 12.99
C VAL A 431 15.42 -4.90 14.46
N GLY A 432 14.31 -5.59 14.72
CA GLY A 432 13.76 -5.65 16.08
C GLY A 432 12.74 -4.54 16.35
N GLN A 433 12.00 -4.67 17.47
CA GLN A 433 11.19 -3.57 17.97
C GLN A 433 12.01 -2.80 19.05
N PHE A 434 11.66 -1.52 19.24
CA PHE A 434 12.42 -0.60 20.08
C PHE A 434 11.48 0.16 20.99
N ALA A 435 11.91 0.52 22.19
CA ALA A 435 11.12 1.40 23.04
C ALA A 435 11.96 2.01 24.17
N VAL A 436 11.79 3.34 24.38
CA VAL A 436 12.31 4.05 25.56
C VAL A 436 11.12 4.39 26.48
N LEU A 437 11.31 4.23 27.79
CA LEU A 437 10.31 4.64 28.79
C LEU A 437 10.11 6.16 28.67
N GLU A 438 8.88 6.62 28.99
CA GLU A 438 8.64 8.02 29.21
C GLU A 438 9.58 8.53 30.32
N CYS A 439 9.61 7.79 31.44
CA CYS A 439 10.58 8.02 32.50
C CYS A 439 10.46 6.90 33.54
N LEU A 440 11.16 7.08 34.65
CA LEU A 440 11.19 6.08 35.70
C LEU A 440 9.90 6.15 36.53
N ASP A 441 9.40 7.36 36.80
CA ASP A 441 8.18 7.54 37.60
C ASP A 441 6.94 7.12 36.85
N TYR A 442 6.95 7.31 35.54
CA TYR A 442 5.78 7.05 34.70
C TYR A 442 6.17 5.88 33.76
N ARG A 443 6.01 4.65 34.25
CA ARG A 443 6.79 3.52 33.77
C ARG A 443 6.04 2.84 32.64
N TRP A 444 6.01 3.52 31.49
CA TRP A 444 5.40 3.02 30.28
C TRP A 444 6.16 3.60 29.08
N TYR A 445 6.02 2.97 27.91
CA TYR A 445 6.90 3.20 26.75
C TYR A 445 6.34 4.17 25.72
N GLU A 446 7.25 5.05 25.25
CA GLU A 446 7.18 5.75 23.96
C GLU A 446 5.89 6.60 23.91
N SER A 447 5.55 7.26 25.04
CA SER A 447 4.27 8.01 25.15
C SER A 447 4.19 8.98 23.95
N LEU A 448 3.06 8.95 23.23
CA LEU A 448 2.94 9.48 21.88
C LEU A 448 2.99 11.01 21.90
N ASP A 449 2.28 11.58 22.87
CA ASP A 449 2.33 13.02 23.13
C ASP A 449 3.74 13.46 23.43
N VAL A 450 4.45 12.71 24.27
CA VAL A 450 5.80 13.09 24.68
C VAL A 450 6.81 12.95 23.52
N ARG A 451 6.66 11.93 22.68
CA ARG A 451 7.59 11.63 21.59
C ARG A 451 7.40 12.58 20.41
N LEU A 452 6.23 13.26 20.32
CA LEU A 452 6.08 14.32 19.33
C LEU A 452 7.30 15.28 19.30
N TYR A 453 7.84 15.66 20.46
N TYR A 453 7.72 15.61 20.54
CA TYR A 453 9.09 16.41 20.51
CA TYR A 453 8.88 16.42 20.90
C TYR A 453 10.26 15.50 20.89
C TYR A 453 10.16 15.57 20.98
N GLY A 454 10.03 14.45 21.70
CA GLY A 454 11.12 13.65 22.25
C GLY A 454 11.84 12.81 21.19
N SER A 455 11.18 12.48 20.06
CA SER A 455 11.67 11.47 19.12
C SER A 455 12.60 11.97 18.02
N PHE A 456 12.94 13.26 17.99
CA PHE A 456 13.70 13.85 16.89
C PHE A 456 15.11 13.21 16.78
N ALA A 457 15.74 12.86 17.91
CA ALA A 457 17.06 12.24 17.86
C ALA A 457 16.94 10.86 17.22
N LEU A 458 15.92 10.08 17.62
CA LEU A 458 15.77 8.72 17.12
C LEU A 458 15.56 8.80 15.61
N LEU A 459 14.71 9.75 15.14
CA LEU A 459 14.46 9.97 13.72
C LEU A 459 15.76 10.22 12.93
N GLN A 460 16.58 11.12 13.45
CA GLN A 460 17.78 11.55 12.78
C GLN A 460 18.83 10.45 12.75
N LEU A 461 19.02 9.71 13.85
CA LEU A 461 20.18 8.83 14.03
C LEU A 461 19.87 7.33 13.92
N TRP A 462 18.61 6.90 14.18
CA TRP A 462 18.21 5.51 14.04
C TRP A 462 16.79 5.45 13.44
N PRO A 463 16.62 5.96 12.20
CA PRO A 463 15.30 6.03 11.57
C PRO A 463 14.60 4.68 11.51
N GLU A 464 15.36 3.56 11.46
CA GLU A 464 14.71 2.25 11.41
C GLU A 464 14.04 1.90 12.74
N LEU A 465 14.63 2.37 13.85
CA LEU A 465 14.02 2.18 15.17
C LEU A 465 12.79 3.09 15.30
N GLU A 466 12.94 4.31 14.85
CA GLU A 466 11.83 5.26 14.86
C GLU A 466 10.61 4.68 14.13
N LYS A 467 10.83 4.15 12.91
CA LYS A 467 9.76 3.56 12.12
C LYS A 467 9.14 2.33 12.81
N SER A 468 9.93 1.49 13.45
CA SER A 468 9.40 0.37 14.23
C SER A 468 8.47 0.87 15.35
N VAL A 469 8.79 2.00 15.99
CA VAL A 469 7.95 2.52 17.05
C VAL A 469 6.60 2.93 16.45
N MET A 470 6.64 3.66 15.31
CA MET A 470 5.42 4.17 14.73
C MET A 470 4.57 3.03 14.16
N ARG A 471 5.22 1.96 13.65
CA ARG A 471 4.46 0.79 13.18
C ARG A 471 3.70 0.11 14.33
N ALA A 472 4.34 0.03 15.50
CA ALA A 472 3.71 -0.49 16.72
C ALA A 472 2.47 0.32 17.08
N PHE A 473 2.57 1.64 16.97
CA PHE A 473 1.37 2.50 17.13
C PHE A 473 0.31 2.14 16.10
N ALA A 474 0.68 2.15 14.81
CA ALA A 474 -0.24 1.86 13.72
C ALA A 474 -0.96 0.52 13.95
N ARG A 475 -0.23 -0.55 14.36
CA ARG A 475 -0.83 -1.88 14.61
C ARG A 475 -1.87 -1.81 15.75
N ALA A 476 -1.62 -0.92 16.74
CA ALA A 476 -2.41 -0.89 17.96
C ALA A 476 -3.70 -0.09 17.76
N ILE A 477 -3.69 0.84 16.80
CA ILE A 477 -4.79 1.78 16.71
C ILE A 477 -6.10 1.04 16.50
N PRO A 478 -6.22 0.04 15.59
CA PRO A 478 -7.47 -0.67 15.43
C PRO A 478 -7.78 -1.65 16.55
N THR A 479 -6.91 -1.84 17.53
CA THR A 479 -7.16 -2.84 18.57
C THR A 479 -8.04 -2.23 19.65
N ALA A 480 -8.62 -3.10 20.50
CA ALA A 480 -9.44 -2.69 21.63
C ALA A 480 -9.23 -3.63 22.84
N ASP A 481 -9.35 -3.07 24.04
CA ASP A 481 -9.57 -3.81 25.26
C ASP A 481 -10.67 -3.13 26.06
N PRO A 482 -11.95 -3.58 25.99
CA PRO A 482 -13.07 -2.95 26.68
C PRO A 482 -13.14 -3.07 28.18
N THR A 483 -12.16 -3.76 28.77
CA THR A 483 -12.07 -3.97 30.19
C THR A 483 -12.04 -2.61 30.91
N LEU A 484 -12.87 -2.48 31.94
CA LEU A 484 -12.90 -1.27 32.76
C LEU A 484 -11.71 -1.27 33.70
N ARG A 485 -10.98 -0.16 33.82
CA ARG A 485 -9.92 -0.02 34.78
C ARG A 485 -10.11 1.33 35.45
N ILE A 486 -9.61 1.45 36.70
CA ILE A 486 -9.63 2.70 37.48
C ILE A 486 -8.83 3.83 36.82
N ILE A 487 -9.45 5.00 36.70
CA ILE A 487 -8.74 6.20 36.26
C ILE A 487 -8.15 6.97 37.46
N GLY A 488 -6.81 7.10 37.50
CA GLY A 488 -6.12 7.64 38.65
C GLY A 488 -6.55 9.06 39.02
N TYR A 489 -6.89 9.86 38.02
CA TYR A 489 -7.23 11.26 38.23
C TYR A 489 -8.40 11.38 39.21
N PHE A 490 -9.35 10.44 39.12
CA PHE A 490 -10.54 10.47 39.94
C PHE A 490 -10.42 9.57 41.17
N TYR A 491 -9.30 8.85 41.34
CA TYR A 491 -9.28 7.80 42.34
C TYR A 491 -9.26 8.44 43.73
N ARG A 492 -10.13 7.98 44.63
CA ARG A 492 -10.25 8.49 45.99
C ARG A 492 -10.14 7.36 47.04
N GLY A 493 -9.56 6.21 46.76
CA GLY A 493 -9.15 5.24 47.77
C GLY A 493 -10.15 4.09 47.90
N ASP A 494 -11.22 4.14 47.11
CA ASP A 494 -12.18 3.05 47.15
C ASP A 494 -12.38 2.40 45.77
N PRO A 495 -11.71 1.26 45.51
CA PRO A 495 -11.84 0.50 44.27
C PRO A 495 -13.26 0.25 43.77
N GLU A 496 -14.17 -0.09 44.67
CA GLU A 496 -15.50 -0.48 44.28
C GLU A 496 -16.19 0.75 43.70
N THR A 497 -15.98 1.91 44.31
CA THR A 497 -16.69 3.12 43.98
C THR A 497 -16.04 3.85 42.81
N ALA A 498 -14.74 3.61 42.58
CA ALA A 498 -13.90 4.45 41.77
C ALA A 498 -14.39 4.50 40.32
N TYR A 499 -14.28 5.68 39.70
CA TYR A 499 -14.56 5.80 38.27
C TYR A 499 -13.60 4.93 37.43
N LYS A 500 -14.20 4.23 36.47
CA LYS A 500 -13.47 3.33 35.58
C LYS A 500 -13.78 3.63 34.12
N ALA A 501 -12.80 3.43 33.23
CA ALA A 501 -13.03 3.52 31.79
C ALA A 501 -12.39 2.35 31.04
N PRO A 502 -12.88 2.05 29.83
CA PRO A 502 -12.31 0.99 28.98
C PRO A 502 -10.82 1.20 28.70
N ARG A 503 -10.02 0.16 28.87
CA ARG A 503 -8.59 0.24 28.70
C ARG A 503 -8.25 0.85 27.34
N LYS A 504 -8.87 0.35 26.25
CA LYS A 504 -8.68 0.93 24.94
C LYS A 504 -9.92 0.77 24.09
N LEU A 505 -10.38 1.83 23.41
CA LEU A 505 -11.45 1.72 22.39
C LEU A 505 -10.85 1.47 21.01
N ALA A 506 -11.58 0.72 20.16
CA ALA A 506 -11.12 0.47 18.80
C ALA A 506 -10.96 1.79 18.06
N ASN A 507 -9.85 1.95 17.34
CA ASN A 507 -9.53 3.15 16.56
C ASN A 507 -9.19 4.40 17.36
N ALA A 508 -9.23 4.36 18.66
CA ALA A 508 -8.63 5.39 19.47
C ALA A 508 -7.11 5.20 19.39
N VAL A 509 -6.37 6.28 19.66
CA VAL A 509 -4.90 6.29 19.52
C VAL A 509 -4.34 6.10 20.93
N PRO A 510 -3.59 5.01 21.15
CA PRO A 510 -3.12 4.73 22.49
C PRO A 510 -2.11 5.80 22.88
N HIS A 511 -2.03 6.06 24.18
CA HIS A 511 -1.09 7.00 24.79
C HIS A 511 0.35 6.50 24.73
N ASP A 512 0.56 5.19 24.93
CA ASP A 512 1.85 4.58 25.08
C ASP A 512 1.84 3.14 24.54
N LEU A 513 3.04 2.51 24.50
CA LEU A 513 3.19 1.17 23.97
C LEU A 513 3.33 0.14 25.11
N GLY A 514 2.66 0.36 26.26
CA GLY A 514 2.69 -0.58 27.37
C GLY A 514 3.83 -0.33 28.35
N ALA A 515 4.13 -1.34 29.22
CA ALA A 515 4.91 -1.16 30.42
C ALA A 515 5.69 -2.46 30.65
N PRO A 516 6.83 -2.38 31.37
CA PRO A 516 7.69 -3.53 31.62
C PRO A 516 7.17 -4.56 32.60
N ASN A 517 6.00 -4.30 33.20
CA ASN A 517 5.34 -5.21 34.14
C ASN A 517 4.16 -5.87 33.43
N GLU A 518 3.98 -5.67 32.11
CA GLU A 518 2.87 -6.23 31.34
C GLU A 518 3.36 -6.73 29.99
N HIS A 519 3.16 -5.96 28.90
CA HIS A 519 3.48 -6.44 27.56
C HIS A 519 3.75 -5.30 26.57
N PRO A 520 5.02 -4.83 26.51
CA PRO A 520 5.41 -3.79 25.56
C PRO A 520 5.05 -4.10 24.13
N TRP A 521 4.63 -3.03 23.41
CA TRP A 521 4.26 -3.06 22.01
C TRP A 521 2.87 -3.64 21.81
N GLU A 522 2.55 -4.77 22.47
CA GLU A 522 1.33 -5.52 22.16
C GLU A 522 0.17 -5.09 23.05
N LYS A 523 0.42 -4.73 24.31
CA LYS A 523 -0.62 -4.21 25.16
C LYS A 523 -0.39 -2.71 25.42
N THR A 524 -1.15 -1.88 24.68
CA THR A 524 -0.92 -0.44 24.60
C THR A 524 -1.91 0.31 25.50
N ASN A 525 -1.66 1.64 25.63
CA ASN A 525 -2.52 2.52 26.41
C ASN A 525 -2.55 2.06 27.87
N TYR A 526 -1.35 1.83 28.44
CA TYR A 526 -1.19 1.35 29.80
C TYR A 526 -1.54 2.44 30.83
N THR A 527 -1.09 3.69 30.66
CA THR A 527 -1.33 4.68 31.71
C THR A 527 -2.84 4.75 32.01
N ALA A 528 -3.13 4.92 33.29
CA ALA A 528 -4.51 5.03 33.79
C ALA A 528 -4.77 6.38 34.47
N TYR A 529 -3.77 7.27 34.51
CA TYR A 529 -3.93 8.60 35.05
C TYR A 529 -5.13 9.33 34.40
N GLN A 530 -5.18 9.47 33.07
CA GLN A 530 -6.36 9.91 32.37
C GLN A 530 -6.86 8.79 31.48
N ASP A 531 -8.12 8.90 31.03
CA ASP A 531 -8.65 8.10 29.94
C ASP A 531 -8.24 8.71 28.58
N CYS A 532 -7.10 8.24 28.06
CA CYS A 532 -6.49 8.71 26.82
C CYS A 532 -7.29 8.32 25.58
N ASN A 533 -8.30 7.48 25.76
CA ASN A 533 -9.27 7.30 24.70
C ASN A 533 -9.87 8.64 24.29
N LEU A 534 -9.89 9.63 25.19
CA LEU A 534 -10.58 10.91 25.05
C LEU A 534 -9.59 12.03 24.67
N TRP A 535 -8.27 11.77 24.61
CA TRP A 535 -7.34 12.85 24.33
C TRP A 535 -7.53 13.45 22.92
N LYS A 536 -7.38 14.76 22.77
CA LYS A 536 -7.65 15.46 21.51
C LYS A 536 -6.37 15.78 20.74
N ASP A 537 -5.20 15.43 21.29
CA ASP A 537 -3.89 15.61 20.63
C ASP A 537 -3.28 14.34 20.01
N LEU A 538 -3.45 13.18 20.68
CA LEU A 538 -2.83 11.90 20.29
C LEU A 538 -3.03 11.55 18.79
N ALA A 539 -4.25 11.65 18.29
CA ALA A 539 -4.52 11.31 16.91
C ALA A 539 -3.71 12.18 16.00
N SER A 540 -3.65 13.49 16.28
CA SER A 540 -2.97 14.41 15.39
C SER A 540 -1.46 14.14 15.46
N ASP A 541 -0.97 13.85 16.68
CA ASP A 541 0.42 13.50 16.91
C ASP A 541 0.84 12.31 16.04
N PHE A 542 -0.03 11.30 16.05
CA PHE A 542 0.22 10.08 15.31
C PHE A 542 0.49 10.44 13.86
N VAL A 543 -0.47 11.17 13.22
CA VAL A 543 -0.40 11.54 11.82
C VAL A 543 0.85 12.34 11.52
N LEU A 544 1.14 13.35 12.36
CA LEU A 544 2.30 14.18 12.13
C LEU A 544 3.61 13.41 12.20
N LEU A 545 3.69 12.46 13.14
CA LEU A 545 4.89 11.63 13.31
C LEU A 545 5.05 10.70 12.10
N VAL A 546 3.96 10.11 11.62
CA VAL A 546 4.02 9.25 10.46
C VAL A 546 4.56 10.04 9.25
N TYR A 547 3.99 11.22 9.01
CA TYR A 547 4.36 12.00 7.84
C TYR A 547 5.80 12.51 7.98
N ARG A 548 6.13 13.10 9.12
CA ARG A 548 7.52 13.50 9.42
C ARG A 548 8.54 12.37 9.14
N ASP A 549 8.29 11.17 9.67
CA ASP A 549 9.20 10.03 9.56
C ASP A 549 9.40 9.62 8.11
N PHE A 550 8.30 9.56 7.36
CA PHE A 550 8.33 9.33 5.91
C PHE A 550 9.13 10.39 5.17
N LEU A 551 8.80 11.66 5.42
CA LEU A 551 9.40 12.83 4.78
C LEU A 551 10.89 12.91 5.06
N PHE A 552 11.27 12.87 6.33
CA PHE A 552 12.64 13.10 6.72
C PHE A 552 13.53 11.89 6.46
N THR A 553 13.00 10.74 6.04
CA THR A 553 13.87 9.65 5.65
C THR A 553 13.88 9.56 4.12
N GLY A 554 13.57 10.66 3.44
CA GLY A 554 13.84 10.78 2.02
C GLY A 554 12.59 10.61 1.18
N GLY A 555 11.43 10.40 1.80
CA GLY A 555 10.21 10.34 1.03
C GLY A 555 10.09 9.13 0.09
N THR A 556 10.79 8.01 0.36
CA THR A 556 10.79 6.82 -0.50
C THR A 556 10.31 5.55 0.20
N ASP A 557 10.03 5.59 1.51
CA ASP A 557 9.63 4.36 2.16
C ASP A 557 8.10 4.21 2.04
N LEU A 558 7.65 3.84 0.84
CA LEU A 558 6.24 3.61 0.52
C LEU A 558 5.69 2.46 1.36
N ASN A 559 6.53 1.48 1.77
CA ASN A 559 6.06 0.41 2.65
C ASN A 559 5.55 0.96 4.00
N PHE A 560 6.42 1.76 4.66
CA PHE A 560 6.02 2.43 5.89
C PHE A 560 4.72 3.22 5.71
N ALA A 561 4.66 4.05 4.65
CA ALA A 561 3.52 4.93 4.40
C ALA A 561 2.22 4.13 4.29
N ARG A 562 2.23 3.05 3.45
CA ARG A 562 1.06 2.21 3.20
C ARG A 562 0.67 1.41 4.44
N GLU A 563 1.66 0.94 5.21
CA GLU A 563 1.40 0.29 6.48
C GLU A 563 0.71 1.25 7.45
N CYS A 564 1.09 2.55 7.51
CA CYS A 564 0.51 3.45 8.51
C CYS A 564 -0.85 4.05 8.07
N TRP A 565 -1.16 3.99 6.78
CA TRP A 565 -2.18 4.82 6.19
C TRP A 565 -3.55 4.43 6.76
N PRO A 566 -3.90 3.12 6.86
CA PRO A 566 -5.17 2.76 7.50
C PRO A 566 -5.31 3.31 8.92
N ALA A 567 -4.21 3.40 9.66
CA ALA A 567 -4.23 3.87 11.02
C ALA A 567 -4.39 5.40 11.01
N VAL A 568 -3.87 6.05 9.97
CA VAL A 568 -4.02 7.51 9.84
C VAL A 568 -5.51 7.84 9.72
N VAL A 569 -6.21 7.04 8.91
CA VAL A 569 -7.62 7.23 8.61
C VAL A 569 -8.42 7.02 9.90
N ALA A 570 -8.09 5.93 10.61
CA ALA A 570 -8.79 5.56 11.82
C ALA A 570 -8.63 6.67 12.84
N ALA A 571 -7.41 7.16 12.99
CA ALA A 571 -7.08 8.16 14.01
C ALA A 571 -7.85 9.46 13.73
N LEU A 572 -7.94 9.89 12.47
CA LEU A 572 -8.54 11.19 12.17
C LEU A 572 -10.04 11.10 12.36
N ASP A 573 -10.65 9.95 12.08
CA ASP A 573 -12.09 9.76 12.33
C ASP A 573 -12.37 9.69 13.80
N HIS A 574 -11.47 9.07 14.57
CA HIS A 574 -11.58 8.96 16.02
C HIS A 574 -11.70 10.38 16.56
N LEU A 575 -10.78 11.24 16.16
CA LEU A 575 -10.67 12.58 16.69
C LEU A 575 -11.81 13.47 16.16
N LYS A 576 -12.29 13.25 14.92
CA LYS A 576 -13.35 14.08 14.34
C LYS A 576 -14.65 14.01 15.14
N GLN A 577 -14.87 12.92 15.85
CA GLN A 577 -16.12 12.70 16.56
C GLN A 577 -16.22 13.72 17.67
N PHE A 578 -15.10 14.35 18.08
CA PHE A 578 -15.09 15.34 19.18
C PHE A 578 -15.30 16.77 18.63
N ASP A 579 -15.54 16.89 17.30
CA ASP A 579 -16.12 18.09 16.69
C ASP A 579 -17.63 18.09 16.89
N GLN A 580 -18.11 18.53 18.05
CA GLN A 580 -19.52 18.47 18.45
C GLN A 580 -20.45 19.31 17.57
N ASP A 581 -19.99 20.50 17.17
CA ASP A 581 -20.83 21.48 16.50
C ASP A 581 -20.62 21.48 14.99
N GLY A 582 -19.67 20.70 14.45
CA GLY A 582 -19.51 20.55 13.00
C GLY A 582 -18.82 21.72 12.30
N ASP A 583 -18.12 22.59 13.01
CA ASP A 583 -17.31 23.62 12.39
C ASP A 583 -15.98 23.09 11.82
N GLY A 584 -15.63 21.82 12.06
CA GLY A 584 -14.39 21.28 11.49
C GLY A 584 -13.27 21.09 12.48
N LEU A 585 -13.49 21.61 13.70
CA LEU A 585 -12.52 21.65 14.78
C LEU A 585 -12.98 20.80 15.96
N PRO A 586 -12.11 19.86 16.45
CA PRO A 586 -12.45 19.10 17.64
C PRO A 586 -12.38 19.97 18.89
N GLU A 587 -13.21 19.67 19.89
CA GLU A 587 -13.29 20.50 21.11
C GLU A 587 -12.81 19.71 22.33
N ASN A 588 -11.90 20.31 23.11
CA ASN A 588 -11.50 19.82 24.41
C ASN A 588 -12.64 19.95 25.41
N GLY A 589 -12.62 19.09 26.44
CA GLY A 589 -13.63 19.03 27.50
C GLY A 589 -13.28 17.95 28.51
N GLY A 590 -14.05 17.91 29.63
CA GLY A 590 -13.88 16.95 30.70
C GLY A 590 -12.55 17.09 31.39
N ALA A 591 -12.07 15.98 31.96
CA ALA A 591 -10.76 15.94 32.60
C ALA A 591 -9.70 16.37 31.59
N PRO A 592 -8.50 16.81 32.03
CA PRO A 592 -7.38 17.03 31.10
C PRO A 592 -7.27 15.96 30.01
N ASP A 593 -7.25 16.45 28.76
CA ASP A 593 -7.44 15.66 27.55
C ASP A 593 -6.30 15.91 26.56
N GLN A 594 -5.06 16.07 27.09
CA GLN A 594 -3.91 16.24 26.22
C GLN A 594 -2.65 16.21 27.08
N THR A 595 -1.48 16.41 26.46
CA THR A 595 -0.18 16.25 27.11
C THR A 595 -0.07 17.06 28.43
N TYR A 596 -0.70 18.27 28.53
CA TYR A 596 -0.73 19.02 29.78
C TYR A 596 -1.87 18.41 30.60
N ASP A 597 -1.59 17.22 31.21
CA ASP A 597 -2.64 16.33 31.68
C ASP A 597 -3.06 16.67 33.10
N ASP A 598 -2.60 17.81 33.65
CA ASP A 598 -3.26 18.39 34.85
C ASP A 598 -4.09 19.64 34.48
N TRP A 599 -4.17 20.00 33.19
CA TRP A 599 -4.63 21.31 32.74
C TRP A 599 -5.90 21.14 31.92
N LYS A 600 -7.06 21.49 32.49
CA LYS A 600 -8.37 21.32 31.87
C LYS A 600 -8.55 22.36 30.77
N LEU A 601 -8.97 21.94 29.58
CA LEU A 601 -9.23 22.85 28.46
C LEU A 601 -10.69 22.67 28.06
N GLN A 602 -11.25 23.70 27.48
CA GLN A 602 -12.68 23.72 27.17
C GLN A 602 -12.91 24.40 25.83
N GLY A 603 -13.54 23.69 24.88
CA GLY A 603 -13.77 24.14 23.51
C GLY A 603 -12.51 23.91 22.65
N VAL A 604 -12.42 24.64 21.54
CA VAL A 604 -11.28 24.51 20.66
C VAL A 604 -10.12 25.10 21.41
N SER A 605 -9.00 24.36 21.55
CA SER A 605 -7.82 24.93 22.16
C SER A 605 -6.87 25.34 21.06
N ALA A 606 -6.13 26.42 21.26
CA ALA A 606 -4.97 26.67 20.40
C ALA A 606 -4.15 25.40 20.12
N TYR A 607 -3.79 24.70 21.20
CA TYR A 607 -2.85 23.57 21.16
C TYR A 607 -3.36 22.46 20.23
N CYS A 608 -4.53 21.88 20.54
CA CYS A 608 -5.04 20.70 19.88
C CYS A 608 -5.61 21.06 18.53
N GLY A 609 -6.21 22.29 18.43
CA GLY A 609 -6.79 22.77 17.20
C GLY A 609 -5.67 22.95 16.19
N GLY A 610 -4.54 23.46 16.67
CA GLY A 610 -3.41 23.70 15.76
C GLY A 610 -2.79 22.39 15.29
N LEU A 611 -2.65 21.39 16.20
CA LEU A 611 -2.08 20.12 15.81
C LEU A 611 -2.98 19.44 14.79
N TRP A 612 -4.31 19.59 14.98
CA TRP A 612 -5.29 19.04 14.07
C TRP A 612 -5.19 19.61 12.65
N LEU A 613 -5.06 20.95 12.52
CA LEU A 613 -4.87 21.61 11.25
C LEU A 613 -3.61 21.06 10.55
N ALA A 614 -2.50 20.96 11.27
CA ALA A 614 -1.26 20.47 10.69
C ALA A 614 -1.44 19.00 10.29
N ALA A 615 -2.14 18.22 11.12
CA ALA A 615 -2.39 16.80 10.87
C ALA A 615 -3.22 16.61 9.60
N LEU A 616 -4.28 17.43 9.42
CA LEU A 616 -5.07 17.38 8.19
C LEU A 616 -4.18 17.64 6.98
N GLU A 617 -3.40 18.70 7.06
CA GLU A 617 -2.43 19.02 6.00
C GLU A 617 -1.48 17.85 5.71
N ALA A 618 -0.95 17.21 6.75
CA ALA A 618 -0.10 16.04 6.62
C ALA A 618 -0.84 14.89 5.93
N ALA A 619 -2.12 14.64 6.31
CA ALA A 619 -2.82 13.51 5.75
C ALA A 619 -3.08 13.78 4.28
N ILE A 620 -3.41 15.02 3.95
CA ILE A 620 -3.65 15.43 2.58
C ILE A 620 -2.41 15.18 1.72
N ALA A 621 -1.24 15.63 2.19
CA ALA A 621 0.01 15.45 1.45
C ALA A 621 0.28 13.96 1.25
N LEU A 622 0.16 13.17 2.32
CA LEU A 622 0.55 11.77 2.25
C LEU A 622 -0.48 10.98 1.45
N GLY A 623 -1.78 11.21 1.73
CA GLY A 623 -2.88 10.57 1.02
C GLY A 623 -2.82 10.85 -0.48
N THR A 624 -2.37 12.05 -0.87
CA THR A 624 -2.27 12.41 -2.28
C THR A 624 -1.20 11.56 -2.98
N LEU A 625 -0.04 11.45 -2.33
CA LEU A 625 1.03 10.59 -2.79
C LEU A 625 0.58 9.13 -2.98
N LEU A 626 -0.13 8.58 -2.00
CA LEU A 626 -0.58 7.20 -1.97
C LEU A 626 -1.87 7.05 -2.77
N GLN A 627 -2.43 8.14 -3.30
CA GLN A 627 -3.60 8.06 -4.17
C GLN A 627 -4.81 7.53 -3.42
N GLN A 628 -5.09 8.03 -2.21
CA GLN A 628 -6.15 7.49 -1.38
C GLN A 628 -7.38 8.39 -1.39
N PRO A 629 -8.58 7.82 -1.23
CA PRO A 629 -9.82 8.55 -1.43
C PRO A 629 -10.17 9.52 -0.31
N GLN A 630 -9.61 9.32 0.88
CA GLN A 630 -9.99 10.11 2.04
C GLN A 630 -9.50 11.56 1.93
N VAL A 631 -8.54 11.83 1.03
CA VAL A 631 -7.95 13.15 0.83
C VAL A 631 -9.05 14.20 0.64
N GLU A 632 -10.09 13.88 -0.12
CA GLU A 632 -11.11 14.87 -0.43
C GLU A 632 -11.89 15.21 0.84
N ILE A 633 -12.13 14.23 1.71
CA ILE A 633 -12.84 14.48 2.97
C ILE A 633 -12.01 15.46 3.82
N TYR A 634 -10.70 15.19 3.97
CA TYR A 634 -9.79 16.00 4.76
C TYR A 634 -9.72 17.44 4.25
N ARG A 635 -9.65 17.63 2.95
CA ARG A 635 -9.68 18.95 2.31
C ARG A 635 -10.95 19.74 2.69
N GLN A 636 -12.10 19.06 2.71
CA GLN A 636 -13.36 19.68 3.10
C GLN A 636 -13.28 20.16 4.54
N TRP A 637 -12.84 19.27 5.45
CA TRP A 637 -12.67 19.64 6.85
C TRP A 637 -11.72 20.82 7.02
N LEU A 638 -10.58 20.79 6.33
CA LEU A 638 -9.53 21.77 6.43
C LEU A 638 -10.06 23.14 5.96
N SER A 639 -10.84 23.12 4.86
CA SER A 639 -11.40 24.32 4.28
C SER A 639 -12.30 25.05 5.29
N GLN A 640 -13.07 24.35 6.14
CA GLN A 640 -13.84 24.95 7.22
C GLN A 640 -12.97 25.31 8.45
N ALA A 641 -12.13 24.36 8.90
CA ALA A 641 -11.43 24.41 10.17
C ALA A 641 -10.32 25.45 10.21
N ARG A 642 -9.53 25.62 9.13
CA ARG A 642 -8.36 26.46 9.21
C ARG A 642 -8.77 27.94 9.44
N PRO A 643 -9.66 28.53 8.61
CA PRO A 643 -10.08 29.92 8.82
C PRO A 643 -10.78 30.11 10.16
N ARG A 644 -11.62 29.14 10.57
CA ARG A 644 -12.39 29.22 11.79
C ARG A 644 -11.46 29.29 13.01
N TYR A 645 -10.33 28.56 12.96
CA TYR A 645 -9.40 28.54 14.08
C TYR A 645 -8.92 29.95 14.42
N HIS A 646 -8.42 30.68 13.40
CA HIS A 646 -7.97 32.06 13.55
C HIS A 646 -9.14 32.97 13.97
N GLN A 647 -10.28 32.82 13.35
CA GLN A 647 -11.45 33.63 13.66
C GLN A 647 -11.96 33.52 15.09
N LEU A 648 -11.80 32.34 15.73
CA LEU A 648 -12.22 32.12 17.11
C LEU A 648 -11.15 32.49 18.14
N LEU A 649 -9.85 32.35 17.84
CA LEU A 649 -8.83 32.29 18.88
C LEU A 649 -7.88 33.47 18.85
N TRP A 650 -7.79 34.22 17.75
CA TRP A 650 -6.88 35.35 17.73
C TRP A 650 -7.41 36.51 18.58
N ASN A 651 -6.62 36.95 19.56
CA ASN A 651 -7.06 37.99 20.50
C ASN A 651 -6.44 39.35 20.16
N GLY A 652 -5.53 39.45 19.17
CA GLY A 652 -4.84 40.67 18.80
C GLY A 652 -3.35 40.62 19.10
N GLU A 653 -2.92 39.77 20.03
CA GLU A 653 -1.50 39.67 20.38
C GLU A 653 -1.00 38.21 20.39
N TYR A 654 -1.89 37.25 20.70
CA TYR A 654 -1.59 35.81 20.70
C TYR A 654 -2.90 35.04 20.52
N TYR A 655 -2.77 33.69 20.48
CA TYR A 655 -3.93 32.82 20.41
C TYR A 655 -4.37 32.46 21.83
N ARG A 656 -5.70 32.63 22.05
CA ARG A 656 -6.31 32.33 23.32
C ARG A 656 -6.11 30.84 23.62
N LEU A 657 -6.01 30.49 24.90
CA LEU A 657 -5.92 29.12 25.40
C LEU A 657 -6.96 28.23 24.73
N ASP A 658 -8.22 28.67 24.73
CA ASP A 658 -9.30 27.80 24.30
C ASP A 658 -10.55 28.66 24.16
N THR A 659 -11.60 28.16 23.53
CA THR A 659 -12.77 28.97 23.25
C THR A 659 -13.69 29.02 24.46
N GLY A 660 -13.50 28.17 25.48
CA GLY A 660 -14.57 27.95 26.43
C GLY A 660 -14.26 28.38 27.85
N SER A 661 -13.00 28.62 28.21
CA SER A 661 -12.68 28.84 29.61
C SER A 661 -12.64 30.32 29.95
N GLY A 662 -12.51 31.22 29.00
CA GLY A 662 -12.29 32.62 29.35
C GLY A 662 -10.96 32.90 30.06
N SER A 663 -9.92 32.07 29.95
CA SER A 663 -8.59 32.36 30.48
C SER A 663 -7.86 33.33 29.60
N ASP A 664 -7.11 34.25 30.20
CA ASP A 664 -6.21 35.12 29.45
C ASP A 664 -4.78 34.60 29.36
N VAL A 665 -4.56 33.38 29.87
CA VAL A 665 -3.21 32.81 29.89
C VAL A 665 -2.63 32.69 28.47
N ILE A 666 -1.34 33.05 28.36
CA ILE A 666 -0.54 32.79 27.18
C ILE A 666 0.08 31.40 27.37
N MET A 667 -0.36 30.45 26.58
CA MET A 667 0.20 29.08 26.62
C MET A 667 1.44 29.07 25.71
N ALA A 668 2.62 28.76 26.26
CA ALA A 668 3.88 28.79 25.50
C ALA A 668 3.85 27.93 24.24
N ASP A 669 3.20 26.75 24.28
CA ASP A 669 3.20 25.76 23.22
C ASP A 669 1.95 25.87 22.32
N GLN A 670 1.24 27.03 22.38
CA GLN A 670 -0.02 27.22 21.65
C GLN A 670 0.10 26.90 20.16
N LEU A 671 1.23 27.19 19.50
CA LEU A 671 1.31 27.06 18.05
C LEU A 671 2.20 25.88 17.62
N CYS A 672 2.28 24.85 18.47
CA CYS A 672 2.96 23.61 18.16
C CYS A 672 2.56 23.12 16.75
N GLY A 673 1.28 23.24 16.41
CA GLY A 673 0.83 22.84 15.07
C GLY A 673 1.50 23.61 13.93
N GLN A 674 1.85 24.89 14.17
CA GLN A 674 2.48 25.72 13.15
C GLN A 674 3.98 25.42 13.01
N PHE A 675 4.64 25.18 14.17
CA PHE A 675 5.98 24.62 14.17
C PHE A 675 6.00 23.37 13.28
N TYR A 676 5.09 22.42 13.53
CA TYR A 676 5.13 21.15 12.80
C TYR A 676 4.79 21.33 11.32
N ALA A 677 3.74 22.13 11.00
CA ALA A 677 3.33 22.33 9.62
C ALA A 677 4.52 22.83 8.79
N GLN A 678 5.18 23.85 9.27
CA GLN A 678 6.28 24.43 8.51
C GLN A 678 7.46 23.47 8.43
N LEU A 679 7.78 22.78 9.52
CA LEU A 679 8.80 21.72 9.52
C LEU A 679 8.54 20.69 8.44
N LEU A 680 7.28 20.34 8.22
CA LEU A 680 6.91 19.30 7.25
C LEU A 680 6.69 19.86 5.84
N GLY A 681 7.04 21.15 5.62
CA GLY A 681 6.88 21.79 4.34
C GLY A 681 5.42 21.97 3.92
N LEU A 682 4.48 22.10 4.87
CA LEU A 682 3.05 22.20 4.59
C LEU A 682 2.62 23.66 4.69
N VAL A 683 1.38 23.97 4.29
CA VAL A 683 0.94 25.36 4.31
C VAL A 683 0.77 25.81 5.76
N ASP A 684 1.09 27.10 6.02
CA ASP A 684 0.95 27.74 7.32
C ASP A 684 -0.50 27.55 7.82
N ILE A 685 -0.69 27.21 9.11
CA ILE A 685 -2.03 26.90 9.61
C ILE A 685 -2.72 28.18 10.10
N VAL A 686 -1.90 29.22 10.32
CA VAL A 686 -2.30 30.58 10.72
C VAL A 686 -1.59 31.63 9.87
N PRO A 687 -2.06 32.93 9.82
CA PRO A 687 -1.34 33.98 9.11
C PRO A 687 0.06 34.09 9.68
N PRO A 688 1.10 34.14 8.85
CA PRO A 688 2.48 34.13 9.36
C PRO A 688 2.87 35.31 10.24
N ASP A 689 2.27 36.49 10.05
CA ASP A 689 2.58 37.64 10.91
C ASP A 689 1.97 37.41 12.29
N CYS A 690 0.84 36.70 12.36
CA CYS A 690 0.19 36.48 13.66
C CYS A 690 1.02 35.44 14.41
N CYS A 691 1.49 34.42 13.70
CA CYS A 691 2.46 33.46 14.24
C CYS A 691 3.60 34.17 14.96
N ASP A 692 4.23 35.13 14.29
CA ASP A 692 5.45 35.80 14.82
C ASP A 692 5.15 36.76 15.97
N ARG A 693 4.00 37.45 15.90
CA ARG A 693 3.55 38.27 17.00
C ARG A 693 3.33 37.42 18.26
N ALA A 694 2.58 36.33 18.12
CA ALA A 694 2.30 35.37 19.20
C ALA A 694 3.60 34.84 19.77
N LEU A 695 4.50 34.44 18.91
CA LEU A 695 5.76 33.84 19.35
C LEU A 695 6.60 34.86 20.14
N ARG A 696 6.58 36.12 19.68
CA ARG A 696 7.28 37.24 20.32
C ARG A 696 6.71 37.48 21.71
N LYS A 697 5.39 37.44 21.81
CA LYS A 697 4.71 37.55 23.09
C LYS A 697 5.08 36.43 24.07
N ILE A 698 5.09 35.20 23.56
CA ILE A 698 5.40 34.04 24.36
C ILE A 698 6.81 34.20 24.91
N TYR A 699 7.78 34.49 24.05
CA TYR A 699 9.15 34.70 24.47
C TYR A 699 9.20 35.79 25.55
N ASP A 700 8.49 36.92 25.32
CA ASP A 700 8.64 38.09 26.18
C ASP A 700 7.98 37.82 27.53
N THR A 701 6.96 36.95 27.55
CA THR A 701 6.16 36.74 28.74
C THR A 701 6.56 35.46 29.47
N CYS A 702 6.33 34.29 28.84
CA CYS A 702 6.52 32.97 29.46
C CYS A 702 7.98 32.75 29.88
N PHE A 703 8.89 33.44 29.16
CA PHE A 703 10.32 33.37 29.41
C PHE A 703 10.79 34.63 30.16
N LEU A 704 10.73 35.81 29.49
CA LEU A 704 11.44 36.99 30.02
C LEU A 704 10.77 37.59 31.29
N LYS A 705 9.47 37.37 31.51
CA LYS A 705 8.77 37.83 32.72
C LYS A 705 8.51 36.70 33.70
N PHE A 706 9.17 35.55 33.51
CA PHE A 706 9.10 34.46 34.48
C PHE A 706 10.43 34.47 35.20
N HIS A 707 10.42 35.11 36.39
CA HIS A 707 11.61 35.17 37.23
C HIS A 707 12.78 35.67 36.43
N ASN A 708 12.52 36.68 35.59
CA ASN A 708 13.50 37.35 34.74
C ASN A 708 14.25 36.42 33.80
N GLY A 709 13.63 35.35 33.27
CA GLY A 709 14.30 34.50 32.28
C GLY A 709 15.40 33.64 32.91
N GLN A 710 15.28 33.32 34.20
CA GLN A 710 16.34 32.59 34.87
C GLN A 710 16.21 31.09 34.69
N PHE A 711 15.02 30.57 34.40
CA PHE A 711 14.76 29.14 34.32
C PHE A 711 14.36 28.63 32.92
N GLY A 712 13.94 29.49 31.97
CA GLY A 712 13.30 29.11 30.72
C GLY A 712 11.82 29.55 30.70
N ALA A 713 11.09 29.08 29.70
CA ALA A 713 9.70 29.44 29.45
C ALA A 713 8.77 28.57 30.29
N ALA A 714 8.04 29.19 31.21
CA ALA A 714 6.88 28.56 31.87
C ALA A 714 5.81 28.20 30.83
N ASN A 715 5.00 27.17 31.14
CA ASN A 715 4.03 26.65 30.20
C ASN A 715 2.85 27.60 29.98
N GLY A 716 2.52 28.44 30.98
CA GLY A 716 1.42 29.40 30.86
C GLY A 716 1.47 30.50 31.93
N LEU A 717 1.54 31.77 31.50
CA LEU A 717 1.45 32.97 32.34
C LEU A 717 0.41 33.94 31.75
N LEU A 718 -0.07 34.88 32.59
CA LEU A 718 -0.90 36.02 32.13
C LEU A 718 0.03 36.99 31.43
N PRO A 719 -0.51 37.90 30.59
CA PRO A 719 0.32 38.85 29.87
C PRO A 719 1.19 39.70 30.79
N ASN A 720 0.82 39.86 32.07
CA ASN A 720 1.63 40.64 32.99
C ASN A 720 2.70 39.78 33.68
N GLY A 721 2.91 38.53 33.29
CA GLY A 721 3.98 37.75 33.88
C GLY A 721 3.53 37.02 35.13
N GLN A 722 2.28 37.20 35.55
CA GLN A 722 1.76 36.57 36.77
C GLN A 722 1.10 35.23 36.46
N PRO A 723 1.01 34.29 37.41
CA PRO A 723 0.18 33.11 37.25
C PRO A 723 -1.29 33.45 37.24
N GLU A 724 -2.08 32.73 36.45
CA GLU A 724 -3.52 32.84 36.51
C GLU A 724 -3.96 32.29 37.85
N ASN A 725 -3.49 31.11 38.24
CA ASN A 725 -3.75 30.50 39.53
C ASN A 725 -2.42 30.13 40.14
N PRO A 726 -2.06 30.66 41.34
CA PRO A 726 -0.74 30.39 41.90
C PRO A 726 -0.62 28.96 42.45
N HIS A 727 -1.75 28.24 42.58
CA HIS A 727 -1.78 26.85 43.01
C HIS A 727 -1.67 25.86 41.80
N ALA A 728 -1.45 26.32 40.58
CA ALA A 728 -1.43 25.45 39.40
C ALA A 728 -0.13 24.63 39.35
N THR A 729 -0.21 23.48 38.67
CA THR A 729 0.98 22.65 38.44
C THR A 729 1.62 23.01 37.09
N HIS A 730 1.14 22.40 36.01
CA HIS A 730 1.78 22.44 34.70
C HIS A 730 2.08 23.90 34.29
N PRO A 731 1.12 24.83 34.37
CA PRO A 731 1.36 26.17 33.86
C PRO A 731 2.64 26.85 34.38
N LEU A 732 3.00 26.55 35.63
CA LEU A 732 4.08 27.21 36.32
C LEU A 732 5.36 26.35 36.33
N GLU A 733 5.39 25.21 35.62
CA GLU A 733 6.60 24.41 35.49
C GLU A 733 7.25 24.84 34.18
N VAL A 734 8.59 24.74 34.07
CA VAL A 734 9.33 24.82 32.82
C VAL A 734 9.62 23.40 32.36
N TRP A 735 9.02 22.98 31.23
CA TRP A 735 9.29 21.65 30.65
C TRP A 735 10.44 21.75 29.66
N THR A 736 11.54 21.02 29.99
CA THR A 736 12.78 21.01 29.20
C THR A 736 12.48 20.77 27.71
N GLY A 737 11.72 19.74 27.43
CA GLY A 737 11.43 19.40 26.04
C GLY A 737 10.57 20.45 25.30
N ILE A 738 9.61 21.03 26.02
CA ILE A 738 8.80 22.12 25.42
C ILE A 738 9.70 23.29 25.05
N ASN A 739 10.64 23.61 25.93
CA ASN A 739 11.58 24.72 25.73
C ASN A 739 12.41 24.48 24.46
N PHE A 740 12.90 23.24 24.29
CA PHE A 740 13.75 22.91 23.13
C PHE A 740 12.91 22.95 21.86
N GLY A 741 11.64 22.53 21.93
CA GLY A 741 10.71 22.62 20.80
C GLY A 741 10.44 24.09 20.43
N LEU A 742 10.27 24.91 21.47
CA LEU A 742 10.10 26.35 21.35
C LEU A 742 11.32 27.05 20.76
N ALA A 743 12.52 26.67 21.25
CA ALA A 743 13.76 27.14 20.65
C ALA A 743 13.86 26.81 19.17
N ALA A 744 13.56 25.58 18.74
CA ALA A 744 13.54 25.21 17.32
C ALA A 744 12.55 26.09 16.55
N PHE A 745 11.40 26.40 17.21
CA PHE A 745 10.34 27.16 16.53
C PHE A 745 10.83 28.60 16.30
N LEU A 746 11.39 29.17 17.36
CA LEU A 746 11.99 30.47 17.31
C LEU A 746 12.99 30.51 16.16
N TRP A 747 13.84 29.48 16.03
CA TRP A 747 14.90 29.52 15.04
C TRP A 747 14.30 29.49 13.64
N GLN A 748 13.30 28.64 13.49
CA GLN A 748 12.60 28.45 12.23
C GLN A 748 11.93 29.75 11.76
N ARG A 749 11.50 30.58 12.71
CA ARG A 749 10.80 31.81 12.33
C ARG A 749 11.79 32.97 12.22
N GLY A 750 13.12 32.72 12.29
CA GLY A 750 14.10 33.78 12.13
C GLY A 750 14.50 34.50 13.43
N MET A 751 13.96 34.05 14.58
CA MET A 751 14.33 34.63 15.86
C MET A 751 15.50 33.83 16.44
N ILE A 752 16.65 33.93 15.78
CA ILE A 752 17.83 33.09 16.01
C ILE A 752 18.38 33.33 17.39
N ASP A 753 18.58 34.60 17.76
CA ASP A 753 19.20 34.97 19.03
C ASP A 753 18.37 34.49 20.21
N GLU A 754 17.05 34.66 20.06
CA GLU A 754 16.08 34.24 21.06
C GLU A 754 16.23 32.75 21.33
N ALA A 755 16.32 32.01 20.22
CA ALA A 755 16.39 30.57 20.21
C ALA A 755 17.60 30.08 21.03
N TRP A 756 18.78 30.62 20.71
CA TRP A 756 19.98 30.26 21.43
C TRP A 756 19.88 30.65 22.90
N ARG A 757 19.26 31.79 23.20
CA ARG A 757 19.20 32.25 24.57
C ARG A 757 18.26 31.33 25.36
N LEU A 758 17.10 30.94 24.79
CA LEU A 758 16.18 30.09 25.55
C LEU A 758 16.80 28.72 25.85
N ALA A 759 17.27 28.05 24.80
CA ALA A 759 17.93 26.77 24.90
C ALA A 759 19.11 26.83 25.85
N GLU A 760 19.89 27.92 25.86
CA GLU A 760 21.06 28.00 26.74
C GLU A 760 20.65 27.97 28.22
N VAL A 761 19.55 28.63 28.54
CA VAL A 761 19.09 28.70 29.93
C VAL A 761 18.81 27.30 30.45
N VAL A 762 18.13 26.51 29.65
CA VAL A 762 17.65 25.20 30.07
C VAL A 762 18.82 24.24 30.19
N VAL A 763 19.72 24.20 29.18
CA VAL A 763 20.96 23.44 29.29
C VAL A 763 21.76 23.75 30.58
N ARG A 764 21.97 25.03 30.90
CA ARG A 764 22.71 25.39 32.11
C ARG A 764 22.01 24.90 33.37
N GLN A 765 20.69 25.00 33.44
CA GLN A 765 19.92 24.53 34.59
C GLN A 765 20.17 23.05 34.83
N ILE A 766 20.16 22.28 33.73
CA ILE A 766 20.30 20.85 33.81
C ILE A 766 21.72 20.49 34.24
N TYR A 767 22.70 21.08 33.57
CA TYR A 767 24.06 20.59 33.63
C TYR A 767 24.79 21.21 34.79
N GLU A 768 24.29 22.30 35.35
CA GLU A 768 24.95 22.92 36.49
C GLU A 768 24.37 22.50 37.84
N ASN A 769 23.11 22.08 37.90
CA ASN A 769 22.38 21.88 39.14
C ASN A 769 22.07 20.41 39.47
N GLY A 770 22.91 19.50 38.93
CA GLY A 770 22.86 18.08 39.33
C GLY A 770 21.74 17.25 38.68
N LEU A 771 21.38 17.58 37.43
CA LEU A 771 20.42 16.78 36.67
C LEU A 771 21.02 16.06 35.48
N GLN A 772 22.34 16.07 35.32
CA GLN A 772 23.00 15.44 34.16
C GLN A 772 22.71 13.95 34.21
N PHE A 773 22.39 13.37 33.02
CA PHE A 773 22.13 11.94 32.82
C PHE A 773 20.89 11.51 33.60
N ARG A 774 19.99 12.47 33.87
CA ARG A 774 18.65 12.16 34.34
C ARG A 774 17.72 13.38 34.13
N THR A 775 17.89 14.04 32.98
CA THR A 775 17.17 15.24 32.59
C THR A 775 15.67 15.05 32.84
N PRO A 776 15.01 15.92 33.59
CA PRO A 776 13.61 15.73 33.92
C PRO A 776 12.63 16.37 32.94
N GLU A 777 11.36 16.03 33.09
CA GLU A 777 10.33 16.73 32.35
C GLU A 777 10.38 18.21 32.73
N ALA A 778 10.39 18.48 34.06
CA ALA A 778 10.07 19.80 34.59
C ALA A 778 11.09 20.25 35.61
N ILE A 779 11.42 21.55 35.58
CA ILE A 779 11.96 22.27 36.73
C ILE A 779 10.97 23.37 37.16
N THR A 780 11.04 23.75 38.45
CA THR A 780 10.31 24.87 39.07
C THR A 780 11.30 25.99 39.39
N ALA A 781 10.76 27.17 39.74
CA ALA A 781 11.55 28.29 40.25
C ALA A 781 11.97 28.06 41.71
N ASN A 782 11.54 26.96 42.35
CA ASN A 782 11.95 26.70 43.72
C ASN A 782 13.03 25.65 43.85
N GLY A 783 13.84 25.40 42.81
CA GLY A 783 14.90 24.40 42.86
C GLY A 783 14.39 22.97 42.96
N THR A 784 13.20 22.67 42.46
CA THR A 784 12.69 21.31 42.43
C THR A 784 12.53 20.88 40.96
N PHE A 785 12.38 19.56 40.77
CA PHE A 785 12.16 18.94 39.47
C PHE A 785 11.01 17.95 39.55
N ARG A 786 10.46 17.57 38.41
CA ARG A 786 9.47 16.50 38.30
C ARG A 786 9.86 15.59 37.13
N ALA A 787 9.82 14.25 37.40
CA ALA A 787 9.98 13.15 36.46
C ALA A 787 11.41 13.16 35.87
N CYS A 788 12.40 12.67 36.65
CA CYS A 788 13.77 12.53 36.15
C CYS A 788 13.84 11.49 35.03
N MET A 789 14.88 11.56 34.18
CA MET A 789 15.19 10.60 33.13
C MET A 789 14.05 10.53 32.13
N TYR A 790 13.79 11.71 31.55
CA TYR A 790 12.59 11.95 30.77
C TYR A 790 12.89 11.88 29.28
N LEU A 791 11.93 11.39 28.53
CA LEU A 791 11.98 11.22 27.07
C LEU A 791 11.93 12.55 26.31
N ARG A 792 11.14 13.51 26.81
CA ARG A 792 10.86 14.76 26.07
C ARG A 792 12.12 15.59 25.73
N PRO A 793 13.10 15.82 26.66
CA PRO A 793 14.26 16.63 26.35
C PRO A 793 15.12 16.27 25.13
N MET A 794 14.98 15.07 24.52
CA MET A 794 15.68 14.74 23.28
C MET A 794 15.23 15.68 22.16
N ALA A 795 14.15 16.47 22.43
CA ALA A 795 13.70 17.56 21.56
C ALA A 795 14.76 18.62 21.26
N ILE A 796 15.87 18.62 21.99
CA ILE A 796 17.02 19.43 21.63
C ILE A 796 17.43 19.13 20.19
N TRP A 797 17.18 17.91 19.71
CA TRP A 797 17.51 17.53 18.34
C TRP A 797 16.65 18.27 17.30
N ALA A 798 15.50 18.78 17.70
CA ALA A 798 14.65 19.50 16.74
C ALA A 798 15.29 20.84 16.40
N LEU A 799 15.92 21.48 17.39
CA LEU A 799 16.71 22.68 17.18
C LEU A 799 17.89 22.36 16.28
N ALA A 800 18.49 21.17 16.44
CA ALA A 800 19.64 20.81 15.62
C ALA A 800 19.18 20.67 14.15
N LEU A 801 18.01 20.06 13.97
CA LEU A 801 17.50 19.77 12.66
C LEU A 801 17.16 21.07 11.92
N VAL A 802 16.52 22.03 12.55
CA VAL A 802 16.12 23.22 11.81
C VAL A 802 17.32 24.12 11.55
N SER A 803 18.33 24.02 12.40
CA SER A 803 19.44 24.95 12.36
C SER A 803 20.66 24.33 11.70
N GLY A 804 20.67 23.03 11.44
CA GLY A 804 21.89 22.35 11.07
C GLY A 804 22.22 22.58 9.61
N GLY A 805 21.23 23.08 8.83
CA GLY A 805 21.26 23.05 7.38
C GLY A 805 21.72 21.67 6.90
N SER A 806 22.84 21.63 6.17
CA SER A 806 23.26 20.42 5.49
C SER A 806 23.82 19.31 6.40
N ARG A 807 24.48 19.63 7.51
CA ARG A 807 25.15 18.64 8.36
C ARG A 807 24.21 17.75 9.18
N LEU A 808 24.80 16.88 10.05
CA LEU A 808 24.11 15.95 10.96
C LEU A 808 24.25 14.50 10.45
N PRO A 809 24.64 13.50 11.30
CA PRO A 809 25.06 12.17 10.79
C PRO A 809 23.96 11.25 10.25
N VAL B 25 -6.09 -21.50 -49.51
CA VAL B 25 -7.57 -21.59 -49.26
C VAL B 25 -8.00 -20.50 -48.24
N ILE B 26 -7.07 -19.97 -47.40
CA ILE B 26 -7.29 -18.77 -46.60
C ILE B 26 -7.28 -17.55 -47.54
N GLU B 27 -8.40 -16.82 -47.69
CA GLU B 27 -8.44 -15.61 -48.51
C GLU B 27 -7.77 -14.43 -47.80
N PHE B 28 -6.65 -13.93 -48.35
CA PHE B 28 -5.87 -12.79 -47.94
C PHE B 28 -5.33 -12.97 -46.52
N ALA B 29 -4.58 -14.06 -46.35
CA ALA B 29 -3.92 -14.40 -45.12
C ALA B 29 -3.11 -13.24 -44.55
N ASN B 30 -2.64 -12.39 -45.43
CA ASN B 30 -1.95 -11.19 -45.00
C ASN B 30 -2.85 -10.23 -44.23
N CYS B 31 -4.17 -10.22 -44.47
CA CYS B 31 -5.10 -9.47 -43.66
C CYS B 31 -5.88 -10.32 -42.66
N ALA B 32 -5.17 -11.26 -42.01
CA ALA B 32 -5.71 -12.21 -41.03
C ALA B 32 -4.68 -12.37 -39.93
N TRP B 33 -5.13 -12.60 -38.68
CA TRP B 33 -4.24 -12.97 -37.59
C TRP B 33 -3.96 -14.47 -37.74
N THR B 34 -2.67 -14.84 -37.70
CA THR B 34 -2.27 -16.21 -37.95
C THR B 34 -1.34 -16.68 -36.84
N ARG B 35 -1.44 -17.97 -36.49
CA ARG B 35 -0.53 -18.60 -35.55
C ARG B 35 -0.54 -20.09 -35.92
N ALA B 36 0.58 -20.77 -35.70
CA ALA B 36 0.66 -22.22 -35.86
C ALA B 36 -0.34 -22.81 -34.88
N ILE B 37 -1.11 -23.83 -35.29
CA ILE B 37 -2.08 -24.56 -34.48
C ILE B 37 -1.34 -25.10 -33.28
N GLY B 38 -1.88 -24.86 -32.07
CA GLY B 38 -1.28 -25.34 -30.86
C GLY B 38 0.02 -24.66 -30.46
N GLN B 39 0.44 -23.57 -31.11
CA GLN B 39 1.63 -22.88 -30.66
C GLN B 39 1.23 -21.77 -29.68
N GLY B 40 1.85 -21.81 -28.50
CA GLY B 40 1.44 -21.01 -27.36
C GLY B 40 2.36 -19.79 -27.25
N TRP B 41 2.54 -19.27 -26.04
CA TRP B 41 3.21 -17.98 -25.83
C TRP B 41 4.25 -18.14 -24.74
N GLU B 42 5.47 -17.64 -24.99
CA GLU B 42 6.46 -17.71 -23.95
C GLU B 42 6.14 -16.75 -22.81
N THR B 43 5.85 -15.48 -23.11
CA THR B 43 5.51 -14.52 -22.06
C THR B 43 4.31 -13.66 -22.50
N PRO B 44 3.08 -14.17 -22.48
CA PRO B 44 1.93 -13.33 -22.79
C PRO B 44 1.72 -12.24 -21.73
N TYR B 45 0.95 -11.21 -22.03
CA TYR B 45 0.49 -10.29 -21.02
C TYR B 45 -0.29 -11.06 -19.95
N ARG B 46 -0.24 -10.57 -18.71
CA ARG B 46 -1.03 -11.08 -17.59
C ARG B 46 -1.74 -9.94 -16.88
N VAL B 47 -2.86 -10.26 -16.23
CA VAL B 47 -3.67 -9.28 -15.52
C VAL B 47 -2.82 -8.65 -14.41
N ARG B 48 -2.95 -7.33 -14.21
CA ARG B 48 -2.15 -6.59 -13.25
C ARG B 48 -2.69 -6.81 -11.84
N TYR B 49 -3.99 -7.17 -11.66
CA TYR B 49 -4.58 -7.34 -10.34
C TYR B 49 -5.13 -8.76 -10.24
N ALA B 50 -4.63 -9.51 -9.25
CA ALA B 50 -4.87 -10.94 -9.12
C ALA B 50 -6.35 -11.23 -8.89
N SER B 51 -7.12 -10.30 -8.38
CA SER B 51 -8.54 -10.50 -8.21
C SER B 51 -9.29 -10.43 -9.52
N ASN B 52 -8.68 -9.93 -10.63
CA ASN B 52 -9.44 -9.73 -11.87
C ASN B 52 -9.25 -10.96 -12.77
N LEU B 53 -10.03 -11.07 -13.86
CA LEU B 53 -10.00 -12.21 -14.78
C LEU B 53 -8.71 -12.30 -15.63
N ASP B 54 -8.10 -13.50 -15.64
CA ASP B 54 -7.02 -13.89 -16.51
C ASP B 54 -7.11 -15.41 -16.72
N ASP B 55 -7.82 -15.78 -17.81
CA ASP B 55 -7.95 -17.13 -18.33
C ASP B 55 -6.71 -17.60 -19.06
N GLY B 56 -5.73 -16.71 -19.27
CA GLY B 56 -4.59 -16.98 -20.14
C GLY B 56 -4.90 -16.70 -21.61
N PRO B 57 -3.87 -16.87 -22.48
CA PRO B 57 -3.91 -16.38 -23.86
C PRO B 57 -4.66 -17.21 -24.88
N TRP B 58 -5.23 -18.36 -24.50
CA TRP B 58 -5.76 -19.31 -25.47
C TRP B 58 -7.20 -18.95 -25.81
N TYR B 59 -7.44 -17.70 -26.21
CA TYR B 59 -8.73 -17.35 -26.85
C TYR B 59 -8.59 -17.36 -28.37
N GLY B 60 -9.62 -17.88 -29.02
CA GLY B 60 -9.73 -17.85 -30.46
C GLY B 60 -11.03 -17.19 -30.89
N MET B 61 -11.34 -17.26 -32.16
CA MET B 61 -12.45 -16.52 -32.71
C MET B 61 -13.72 -17.06 -32.08
N PRO B 62 -14.61 -16.20 -31.55
CA PRO B 62 -15.91 -16.68 -31.09
C PRO B 62 -16.89 -16.98 -32.21
N LEU B 63 -17.68 -18.01 -32.00
CA LEU B 63 -18.69 -18.39 -32.97
C LEU B 63 -20.08 -18.17 -32.37
N GLY B 64 -21.02 -17.80 -33.23
CA GLY B 64 -22.38 -17.50 -32.84
C GLY B 64 -22.68 -16.02 -33.10
N GLY B 65 -23.95 -15.74 -33.35
CA GLY B 65 -24.39 -14.37 -33.51
C GLY B 65 -24.34 -13.54 -32.22
N PHE B 66 -24.52 -12.22 -32.39
CA PHE B 66 -24.63 -11.31 -31.27
C PHE B 66 -25.93 -11.63 -30.54
N GLY B 67 -25.83 -11.75 -29.18
CA GLY B 67 -26.99 -11.97 -28.33
C GLY B 67 -27.58 -13.36 -28.47
N ALA B 68 -26.78 -14.28 -29.05
CA ALA B 68 -27.26 -15.60 -29.40
C ALA B 68 -26.78 -16.62 -28.37
N GLY B 69 -25.80 -16.22 -27.57
CA GLY B 69 -24.96 -17.15 -26.88
C GLY B 69 -23.83 -17.49 -27.83
N CYS B 70 -22.62 -17.57 -27.33
CA CYS B 70 -21.55 -17.88 -28.27
C CYS B 70 -20.64 -18.90 -27.62
N ILE B 71 -19.82 -19.55 -28.45
CA ILE B 71 -18.83 -20.50 -27.98
C ILE B 71 -17.54 -20.11 -28.64
N GLY B 72 -16.43 -20.28 -27.98
CA GLY B 72 -15.14 -19.94 -28.57
C GLY B 72 -14.31 -21.19 -28.69
N ARG B 73 -13.44 -21.23 -29.72
CA ARG B 73 -12.51 -22.32 -29.93
C ARG B 73 -11.13 -21.71 -30.01
N SER B 74 -10.18 -22.22 -29.24
CA SER B 74 -8.81 -21.73 -29.24
C SER B 74 -8.08 -22.09 -30.54
N SER B 75 -6.92 -21.46 -30.73
CA SER B 75 -6.01 -21.72 -31.83
C SER B 75 -5.37 -23.12 -31.66
N ALA B 76 -5.66 -23.86 -30.56
CA ALA B 76 -5.23 -25.26 -30.39
C ALA B 76 -6.36 -26.22 -30.78
N GLY B 77 -7.54 -25.68 -31.11
CA GLY B 77 -8.72 -26.48 -31.48
C GLY B 77 -9.71 -26.75 -30.32
N ASP B 78 -9.50 -26.22 -29.13
CA ASP B 78 -10.32 -26.56 -27.96
C ASP B 78 -11.49 -25.61 -27.79
N PHE B 79 -12.69 -26.15 -27.71
CA PHE B 79 -13.86 -25.34 -27.45
C PHE B 79 -13.87 -25.04 -25.95
N ASN B 80 -13.36 -23.84 -25.58
CA ASN B 80 -13.03 -23.46 -24.20
C ASN B 80 -13.78 -22.23 -23.68
N LEU B 81 -14.63 -21.57 -24.50
CA LEU B 81 -15.34 -20.40 -24.03
C LEU B 81 -16.82 -20.69 -24.21
N TRP B 82 -17.58 -20.61 -23.14
CA TRP B 82 -19.01 -20.96 -23.15
C TRP B 82 -19.86 -19.80 -22.67
N HIS B 83 -20.49 -19.09 -23.62
CA HIS B 83 -21.27 -17.92 -23.28
C HIS B 83 -22.72 -18.17 -23.68
N VAL B 84 -23.23 -19.38 -23.45
CA VAL B 84 -24.62 -19.71 -23.78
C VAL B 84 -25.60 -19.05 -22.82
N ASP B 85 -25.14 -18.82 -21.59
CA ASP B 85 -25.88 -18.06 -20.58
C ASP B 85 -25.57 -16.57 -20.79
N GLY B 86 -26.54 -15.85 -21.39
CA GLY B 86 -26.35 -14.46 -21.84
C GLY B 86 -25.84 -13.58 -20.69
N GLY B 87 -24.63 -13.04 -20.87
CA GLY B 87 -24.02 -12.13 -19.91
C GLY B 87 -23.06 -12.86 -18.98
N GLU B 88 -22.99 -14.19 -19.04
CA GLU B 88 -22.12 -14.93 -18.13
C GLU B 88 -20.90 -15.42 -18.88
N HIS B 89 -19.82 -15.71 -18.15
CA HIS B 89 -18.56 -16.19 -18.71
C HIS B 89 -18.17 -17.51 -18.02
N ILE B 90 -18.05 -18.62 -18.81
CA ILE B 90 -17.35 -19.82 -18.36
C ILE B 90 -16.18 -20.07 -19.31
N PHE B 91 -14.99 -20.33 -18.76
CA PHE B 91 -13.85 -20.72 -19.57
C PHE B 91 -13.47 -22.16 -19.17
N GLY B 92 -13.32 -23.08 -20.12
CA GLY B 92 -13.02 -24.48 -19.82
C GLY B 92 -13.37 -25.35 -21.02
N THR B 93 -12.53 -26.35 -21.31
CA THR B 93 -12.67 -27.25 -22.46
C THR B 93 -13.59 -28.40 -22.10
N LEU B 94 -14.57 -28.74 -22.92
CA LEU B 94 -15.22 -30.06 -22.84
C LEU B 94 -14.62 -30.86 -23.99
N PRO B 95 -13.68 -31.77 -23.70
CA PRO B 95 -12.88 -32.43 -24.73
C PRO B 95 -13.65 -33.20 -25.80
N ALA B 96 -14.84 -33.70 -25.40
CA ALA B 96 -15.71 -34.49 -26.24
C ALA B 96 -16.37 -33.64 -27.33
N CYS B 97 -16.26 -32.30 -27.16
CA CYS B 97 -16.75 -31.31 -28.12
C CYS B 97 -15.62 -31.02 -29.13
N GLN B 98 -15.62 -31.76 -30.26
CA GLN B 98 -14.44 -31.85 -31.09
C GLN B 98 -14.71 -32.51 -32.45
N PHE B 99 -13.87 -32.13 -33.42
CA PHE B 99 -13.74 -32.77 -34.73
C PHE B 99 -12.56 -33.74 -34.69
N SER B 100 -12.77 -34.90 -35.32
CA SER B 100 -11.72 -35.88 -35.51
C SER B 100 -11.67 -36.27 -36.99
N LEU B 101 -10.45 -36.56 -37.45
CA LEU B 101 -10.21 -36.97 -38.83
C LEU B 101 -9.55 -38.35 -38.89
N PHE B 102 -10.04 -39.17 -39.84
CA PHE B 102 -9.47 -40.46 -40.23
C PHE B 102 -9.05 -40.36 -41.70
N GLU B 103 -7.84 -40.86 -42.00
CA GLU B 103 -7.33 -40.98 -43.36
C GLU B 103 -6.64 -42.34 -43.57
N GLN B 104 -7.06 -43.06 -44.62
CA GLN B 104 -6.33 -44.23 -45.07
C GLN B 104 -5.87 -44.06 -46.50
N GLY B 105 -4.57 -44.26 -46.71
CA GLY B 105 -4.01 -44.62 -48.02
C GLY B 105 -3.03 -45.80 -47.89
N GLU B 106 -1.75 -45.52 -48.10
CA GLU B 106 -0.58 -46.31 -47.75
C GLU B 106 -0.75 -46.76 -46.31
N GLN B 107 -0.79 -45.78 -45.41
CA GLN B 107 -0.94 -45.99 -43.99
C GLN B 107 -2.34 -45.57 -43.55
N THR B 108 -2.66 -45.82 -42.28
CA THR B 108 -3.87 -45.37 -41.60
C THR B 108 -3.48 -44.41 -40.47
N GLN B 109 -4.22 -43.29 -40.31
CA GLN B 109 -3.98 -42.27 -39.29
C GLN B 109 -5.31 -41.68 -38.80
N ALA B 110 -5.39 -41.34 -37.50
CA ALA B 110 -6.59 -40.74 -36.93
C ALA B 110 -6.21 -39.85 -35.76
N TYR B 111 -6.71 -38.59 -35.81
CA TYR B 111 -6.54 -37.60 -34.77
C TYR B 111 -7.80 -36.76 -34.52
N ALA B 112 -8.01 -36.53 -33.21
CA ALA B 112 -8.94 -35.53 -32.69
C ALA B 112 -8.22 -34.17 -32.75
N LEU B 113 -8.94 -33.14 -33.20
CA LEU B 113 -8.28 -31.89 -33.57
C LEU B 113 -8.36 -30.85 -32.43
N GLY B 114 -7.89 -31.28 -31.26
CA GLY B 114 -7.65 -30.44 -30.10
C GLY B 114 -6.39 -30.85 -29.39
N SER B 115 -6.28 -30.43 -28.12
CA SER B 115 -5.22 -30.76 -27.18
C SER B 115 -5.57 -32.01 -26.43
N ALA B 116 -4.58 -32.84 -26.08
CA ALA B 116 -4.80 -34.01 -25.21
C ALA B 116 -5.25 -33.55 -23.81
N PRO B 117 -6.40 -34.02 -23.25
CA PRO B 117 -6.81 -33.65 -21.89
C PRO B 117 -5.79 -33.91 -20.80
N LYS B 118 -5.57 -32.92 -19.93
CA LYS B 118 -4.56 -33.02 -18.88
C LYS B 118 -4.97 -34.04 -17.83
N ASP B 119 -6.27 -34.32 -17.74
CA ASP B 119 -6.83 -35.21 -16.75
C ASP B 119 -7.04 -36.63 -17.25
N GLY B 120 -6.55 -37.01 -18.44
CA GLY B 120 -6.67 -38.40 -18.86
C GLY B 120 -8.09 -38.88 -19.21
N ARG B 121 -9.03 -37.98 -19.49
CA ARG B 121 -10.27 -38.37 -20.17
C ARG B 121 -10.02 -38.59 -21.66
N LEU B 122 -10.86 -39.41 -22.32
CA LEU B 122 -10.61 -39.80 -23.71
C LEU B 122 -9.20 -40.32 -23.92
N SER B 123 -8.75 -41.23 -23.05
CA SER B 123 -7.38 -41.73 -23.09
C SER B 123 -7.07 -42.54 -24.35
N SER B 124 -8.08 -43.18 -24.95
CA SER B 124 -7.91 -43.99 -26.18
C SER B 124 -7.72 -43.14 -27.43
N TRP B 125 -8.16 -41.86 -27.42
CA TRP B 125 -8.05 -40.97 -28.59
C TRP B 125 -6.61 -40.51 -28.75
N GLN B 126 -6.19 -40.27 -30.00
CA GLN B 126 -4.94 -39.60 -30.35
C GLN B 126 -5.21 -38.14 -30.76
N TRP B 127 -4.29 -37.23 -30.47
CA TRP B 127 -4.54 -35.80 -30.61
C TRP B 127 -3.57 -35.19 -31.62
N TYR B 128 -4.10 -34.45 -32.60
CA TYR B 128 -3.36 -33.89 -33.71
C TYR B 128 -2.08 -33.24 -33.22
N PRO B 129 -0.91 -33.47 -33.83
CA PRO B 129 0.33 -32.85 -33.34
C PRO B 129 0.35 -31.31 -33.49
N ALA B 130 0.80 -30.64 -32.41
CA ALA B 130 0.94 -29.20 -32.37
C ALA B 130 1.94 -28.73 -33.42
N GLY B 131 1.61 -27.65 -34.14
CA GLY B 131 2.47 -27.06 -35.14
C GLY B 131 2.19 -27.55 -36.57
N LYS B 132 1.36 -28.55 -36.81
CA LYS B 132 1.19 -29.09 -38.13
C LYS B 132 -0.01 -28.42 -38.78
N GLY B 133 0.16 -27.11 -38.93
CA GLY B 133 -0.80 -26.28 -39.65
C GLY B 133 -0.88 -24.86 -39.07
N THR B 134 -1.88 -24.13 -39.57
CA THR B 134 -2.05 -22.72 -39.34
C THR B 134 -3.49 -22.45 -38.90
N TYR B 135 -3.65 -21.62 -37.86
CA TYR B 135 -4.94 -21.02 -37.50
C TYR B 135 -4.94 -19.55 -37.94
N ALA B 136 -6.00 -19.12 -38.59
CA ALA B 136 -6.11 -17.78 -39.15
C ALA B 136 -7.49 -17.20 -38.82
N VAL B 137 -7.56 -15.87 -38.53
CA VAL B 137 -8.83 -15.20 -38.25
C VAL B 137 -8.88 -13.83 -38.92
N ARG B 138 -10.00 -13.62 -39.61
CA ARG B 138 -10.47 -12.29 -39.97
C ARG B 138 -11.97 -12.25 -39.70
N TYR B 139 -12.33 -11.84 -38.45
CA TYR B 139 -13.69 -12.04 -37.97
C TYR B 139 -14.70 -11.58 -38.99
N PRO B 140 -15.80 -12.29 -39.29
CA PRO B 140 -16.23 -13.54 -38.63
C PRO B 140 -15.79 -14.86 -39.28
N ARG B 141 -14.66 -14.83 -40.00
CA ARG B 141 -14.13 -15.99 -40.64
C ARG B 141 -12.83 -16.40 -39.99
N SER B 142 -12.68 -17.71 -39.78
CA SER B 142 -11.48 -18.35 -39.27
C SER B 142 -11.27 -19.64 -40.05
N TRP B 143 -10.04 -20.14 -40.00
CA TRP B 143 -9.59 -21.28 -40.75
C TRP B 143 -8.61 -22.02 -39.87
N PHE B 144 -8.75 -23.36 -39.90
CA PHE B 144 -7.68 -24.29 -39.55
C PHE B 144 -7.23 -24.97 -40.83
N VAL B 145 -5.94 -24.79 -41.16
CA VAL B 145 -5.31 -25.44 -42.30
C VAL B 145 -4.37 -26.48 -41.72
N TYR B 146 -4.70 -27.76 -41.90
CA TYR B 146 -3.86 -28.87 -41.44
C TYR B 146 -2.83 -29.22 -42.53
N GLU B 147 -1.56 -29.35 -42.13
CA GLU B 147 -0.45 -29.56 -43.05
C GLU B 147 0.62 -30.46 -42.44
N GLY B 148 1.09 -31.49 -43.17
CA GLY B 148 2.30 -32.21 -42.80
C GLY B 148 2.04 -33.44 -41.93
N VAL B 149 0.78 -33.87 -41.81
CA VAL B 149 0.43 -35.09 -41.11
C VAL B 149 -0.42 -35.95 -42.04
N PHE B 150 -1.61 -35.50 -42.44
CA PHE B 150 -2.42 -36.23 -43.39
C PHE B 150 -1.78 -36.07 -44.76
N ARG B 151 -2.17 -36.91 -45.73
CA ARG B 151 -1.74 -36.75 -47.12
C ARG B 151 -2.61 -35.75 -47.86
N ALA B 152 -3.90 -35.75 -47.52
CA ALA B 152 -4.83 -34.79 -48.09
C ALA B 152 -4.48 -33.40 -47.55
N GLN B 153 -4.72 -32.39 -48.37
CA GLN B 153 -4.79 -31.00 -47.96
C GLN B 153 -6.20 -30.74 -47.39
N ILE B 154 -6.23 -30.28 -46.13
CA ILE B 154 -7.49 -30.22 -45.40
C ILE B 154 -7.63 -28.86 -44.73
N THR B 155 -8.75 -28.17 -45.01
CA THR B 155 -9.09 -26.89 -44.43
C THR B 155 -10.49 -26.99 -43.84
N CYS B 156 -10.61 -26.48 -42.60
CA CYS B 156 -11.87 -26.17 -41.93
C CYS B 156 -12.01 -24.62 -41.78
N GLU B 157 -12.93 -24.04 -42.54
CA GLU B 157 -13.34 -22.64 -42.37
C GLU B 157 -14.55 -22.58 -41.41
N GLN B 158 -14.38 -21.87 -40.26
CA GLN B 158 -15.46 -21.66 -39.29
C GLN B 158 -15.98 -20.22 -39.41
N PHE B 159 -17.31 -20.07 -39.51
CA PHE B 159 -17.85 -18.73 -39.57
C PHE B 159 -19.31 -18.72 -39.11
N SER B 160 -19.77 -17.56 -38.62
CA SER B 160 -21.18 -17.32 -38.39
C SER B 160 -21.54 -16.18 -39.30
N PRO B 161 -22.83 -16.07 -39.62
CA PRO B 161 -23.33 -15.03 -40.50
C PRO B 161 -23.45 -13.62 -39.87
N ILE B 162 -22.31 -13.01 -39.55
CA ILE B 162 -22.23 -11.66 -39.03
C ILE B 162 -22.23 -10.71 -40.22
N LEU B 163 -23.39 -10.07 -40.44
CA LEU B 163 -23.69 -9.32 -41.63
C LEU B 163 -24.12 -7.89 -41.30
N PRO B 164 -23.24 -6.89 -41.57
CA PRO B 164 -23.63 -5.48 -41.47
C PRO B 164 -24.99 -5.18 -42.11
N HIS B 165 -25.82 -4.41 -41.43
CA HIS B 165 -27.09 -3.94 -41.94
C HIS B 165 -28.09 -5.07 -42.04
N ASN B 166 -27.77 -6.21 -41.45
CA ASN B 166 -28.68 -7.35 -41.35
C ASN B 166 -29.03 -7.53 -39.85
N TYR B 167 -30.33 -7.48 -39.50
CA TYR B 167 -30.80 -7.62 -38.14
C TYR B 167 -31.52 -8.97 -37.89
N GLN B 168 -31.14 -9.98 -38.70
CA GLN B 168 -31.73 -11.32 -38.61
C GLN B 168 -30.61 -12.35 -38.36
N GLU B 169 -29.89 -12.74 -39.40
CA GLU B 169 -28.91 -13.80 -39.31
C GLU B 169 -27.77 -13.43 -38.38
N THR B 170 -27.48 -12.13 -38.23
CA THR B 170 -26.41 -11.68 -37.32
C THR B 170 -26.70 -12.07 -35.86
N SER B 171 -27.99 -12.34 -35.56
CA SER B 171 -28.49 -12.74 -34.26
C SER B 171 -28.53 -14.28 -34.04
N TYR B 172 -28.14 -15.06 -35.04
CA TYR B 172 -28.40 -16.52 -35.08
C TYR B 172 -27.38 -17.33 -34.31
N PRO B 173 -27.88 -18.29 -33.48
CA PRO B 173 -27.00 -19.20 -32.74
C PRO B 173 -26.51 -20.35 -33.64
N VAL B 174 -25.70 -20.06 -34.68
CA VAL B 174 -25.22 -21.08 -35.58
C VAL B 174 -23.75 -20.79 -35.89
N ALA B 175 -23.03 -21.89 -36.10
CA ALA B 175 -21.67 -21.93 -36.58
C ALA B 175 -21.64 -22.84 -37.82
N VAL B 176 -21.02 -22.38 -38.91
CA VAL B 176 -20.75 -23.15 -40.12
C VAL B 176 -19.27 -23.52 -40.09
N PHE B 177 -19.01 -24.83 -40.19
CA PHE B 177 -17.66 -25.39 -40.35
C PHE B 177 -17.58 -25.99 -41.76
N LEU B 178 -17.02 -25.24 -42.72
CA LEU B 178 -16.96 -25.62 -44.12
C LEU B 178 -15.62 -26.28 -44.37
N TRP B 179 -15.68 -27.61 -44.57
CA TRP B 179 -14.49 -28.44 -44.79
C TRP B 179 -14.22 -28.60 -46.30
N THR B 180 -12.95 -28.38 -46.68
CA THR B 180 -12.40 -28.55 -48.02
C THR B 180 -11.29 -29.58 -47.93
N PHE B 181 -11.45 -30.68 -48.69
CA PHE B 181 -10.44 -31.74 -48.78
C PHE B 181 -9.95 -31.86 -50.23
N SER B 182 -8.65 -31.94 -50.43
CA SER B 182 -8.12 -32.21 -51.78
C SER B 182 -6.96 -33.20 -51.69
N ASN B 183 -6.82 -34.09 -52.71
CA ASN B 183 -5.84 -35.17 -52.75
C ASN B 183 -4.77 -34.77 -53.76
N PRO B 184 -3.57 -34.27 -53.34
CA PRO B 184 -2.51 -33.91 -54.28
C PRO B 184 -1.57 -35.07 -54.61
N THR B 185 -1.91 -36.29 -54.12
CA THR B 185 -1.15 -37.52 -54.34
C THR B 185 -1.74 -38.25 -55.53
N ASP B 186 -1.15 -39.39 -55.90
CA ASP B 186 -1.70 -40.14 -57.02
C ASP B 186 -2.11 -41.54 -56.53
N GLN B 187 -2.35 -41.71 -55.21
CA GLN B 187 -3.09 -42.83 -54.65
C GLN B 187 -4.39 -42.32 -54.03
N SER B 188 -5.51 -42.93 -54.41
CA SER B 188 -6.81 -42.76 -53.78
C SER B 188 -6.71 -42.71 -52.26
N LEU B 189 -7.55 -41.88 -51.62
CA LEU B 189 -7.63 -41.83 -50.16
C LEU B 189 -9.08 -42.09 -49.68
N THR B 190 -9.21 -42.73 -48.51
CA THR B 190 -10.47 -42.78 -47.80
C THR B 190 -10.33 -41.87 -46.58
N LEU B 191 -11.27 -40.93 -46.42
CA LEU B 191 -11.31 -39.97 -45.32
C LEU B 191 -12.62 -40.18 -44.56
N SER B 192 -12.60 -39.86 -43.26
CA SER B 192 -13.82 -39.79 -42.46
C SER B 192 -13.69 -38.61 -41.51
N LEU B 193 -14.75 -37.82 -41.45
CA LEU B 193 -14.86 -36.65 -40.57
C LEU B 193 -15.87 -36.97 -39.50
N MET B 194 -15.40 -36.86 -38.23
CA MET B 194 -16.29 -37.00 -37.09
C MET B 194 -16.48 -35.67 -36.34
N LEU B 195 -17.76 -35.39 -36.00
CA LEU B 195 -18.12 -34.40 -35.00
C LEU B 195 -18.81 -35.10 -33.82
N SER B 196 -18.17 -34.97 -32.65
CA SER B 196 -18.72 -35.40 -31.36
C SER B 196 -19.00 -34.15 -30.52
N TRP B 197 -20.01 -34.23 -29.64
CA TRP B 197 -20.41 -33.14 -28.77
C TRP B 197 -21.01 -33.72 -27.48
N GLN B 198 -20.67 -33.13 -26.31
CA GLN B 198 -21.36 -33.40 -25.04
C GLN B 198 -22.64 -32.62 -24.87
N ASN B 199 -23.69 -33.31 -24.41
CA ASN B 199 -25.01 -32.72 -24.21
C ASN B 199 -25.01 -31.89 -22.89
N THR B 200 -25.00 -30.56 -23.08
CA THR B 200 -24.90 -29.58 -22.01
C THR B 200 -26.24 -28.90 -21.80
N VAL B 201 -27.36 -29.50 -22.26
CA VAL B 201 -28.64 -28.87 -21.98
C VAL B 201 -28.82 -28.77 -20.46
N GLY B 202 -29.40 -27.65 -20.00
CA GLY B 202 -29.73 -27.44 -18.60
C GLY B 202 -28.56 -26.89 -17.82
N TRP B 203 -27.35 -26.85 -18.42
CA TRP B 203 -26.12 -26.46 -17.70
C TRP B 203 -26.02 -24.93 -17.45
N PHE B 204 -26.45 -24.12 -18.45
CA PHE B 204 -26.09 -22.71 -18.62
C PHE B 204 -27.22 -21.83 -18.05
N CYS B 205 -27.17 -21.77 -16.72
CA CYS B 205 -28.05 -20.99 -15.85
C CYS B 205 -27.34 -20.81 -14.51
N ASN B 206 -27.83 -19.84 -13.71
CA ASN B 206 -27.38 -19.53 -12.36
C ASN B 206 -28.35 -20.20 -11.35
N THR B 207 -27.86 -21.13 -10.53
CA THR B 207 -28.58 -21.56 -9.32
C THR B 207 -28.58 -20.50 -8.20
N THR B 208 -27.73 -19.47 -8.21
CA THR B 208 -27.75 -18.43 -7.17
C THR B 208 -27.97 -17.06 -7.81
N PRO B 209 -29.14 -16.80 -8.46
CA PRO B 209 -29.41 -15.51 -9.11
C PRO B 209 -29.67 -14.40 -8.09
N SER B 210 -29.52 -13.13 -8.54
CA SER B 210 -29.80 -11.92 -7.76
C SER B 210 -29.10 -11.99 -6.40
N SER B 211 -27.90 -12.60 -6.39
CA SER B 211 -27.09 -12.86 -5.19
C SER B 211 -26.54 -11.56 -4.59
N ALA B 212 -26.11 -11.68 -3.32
CA ALA B 212 -25.39 -10.66 -2.56
C ALA B 212 -24.35 -10.09 -3.50
N ILE B 213 -24.24 -8.73 -3.50
CA ILE B 213 -23.17 -7.97 -4.15
C ILE B 213 -22.09 -7.67 -3.09
N ALA B 214 -20.87 -8.18 -3.31
CA ALA B 214 -19.64 -7.81 -2.59
C ALA B 214 -18.90 -6.70 -3.36
N ILE B 215 -18.11 -5.89 -2.64
CA ILE B 215 -17.25 -4.92 -3.26
C ILE B 215 -15.91 -5.66 -3.37
N ARG B 216 -15.42 -5.92 -4.59
CA ARG B 216 -14.12 -6.57 -4.79
C ARG B 216 -13.03 -5.61 -4.32
N ASP B 217 -11.79 -6.08 -4.10
CA ASP B 217 -10.73 -5.22 -3.60
C ASP B 217 -10.45 -4.00 -4.50
N ASP B 218 -10.88 -3.98 -5.79
CA ASP B 218 -10.66 -2.86 -6.73
C ASP B 218 -11.79 -1.80 -6.67
N GLY B 219 -12.84 -2.07 -5.84
CA GLY B 219 -14.00 -1.21 -5.62
C GLY B 219 -15.27 -1.52 -6.45
N SER B 220 -15.15 -2.49 -7.40
CA SER B 220 -16.24 -2.86 -8.31
C SER B 220 -17.27 -3.75 -7.58
N PRO B 221 -18.60 -3.58 -7.82
CA PRO B 221 -19.56 -4.60 -7.40
C PRO B 221 -19.41 -5.89 -8.25
N VAL B 222 -19.53 -7.06 -7.56
CA VAL B 222 -19.50 -8.42 -8.14
C VAL B 222 -20.63 -9.28 -7.55
N TYR B 223 -21.12 -10.32 -8.29
CA TYR B 223 -22.14 -11.27 -7.84
C TYR B 223 -21.58 -12.71 -7.98
N THR B 224 -22.35 -13.68 -7.48
CA THR B 224 -22.00 -15.11 -7.52
C THR B 224 -22.77 -15.79 -8.68
N TYR B 225 -21.97 -16.40 -9.59
CA TYR B 225 -22.51 -17.23 -10.68
C TYR B 225 -22.23 -18.70 -10.37
N THR B 226 -23.28 -19.48 -10.13
CA THR B 226 -23.15 -20.92 -9.84
C THR B 226 -23.89 -21.68 -10.95
N PRO B 227 -23.27 -21.91 -12.12
CA PRO B 227 -23.93 -22.62 -13.22
C PRO B 227 -24.16 -24.11 -12.91
N ARG B 228 -25.06 -24.82 -13.61
CA ARG B 228 -25.29 -26.25 -13.41
C ARG B 228 -24.38 -27.08 -14.30
N TRP B 229 -23.09 -26.72 -14.32
CA TRP B 229 -22.06 -27.36 -15.12
C TRP B 229 -21.90 -28.80 -14.68
N GLY B 230 -22.03 -29.75 -15.61
CA GLY B 230 -21.87 -31.17 -15.34
C GLY B 230 -23.11 -31.82 -14.78
N GLN B 231 -24.29 -31.20 -14.90
CA GLN B 231 -25.54 -31.68 -14.33
C GLN B 231 -26.51 -32.03 -15.45
N SER B 232 -26.50 -33.30 -15.86
CA SER B 232 -27.03 -33.73 -17.14
C SER B 232 -28.25 -34.63 -17.02
N ASP B 233 -28.84 -34.72 -15.82
CA ASP B 233 -29.96 -35.58 -15.53
C ASP B 233 -31.08 -35.30 -16.51
N GLY B 234 -31.59 -36.33 -17.20
CA GLY B 234 -32.69 -36.13 -18.12
C GLY B 234 -32.21 -35.80 -19.55
N ASN B 235 -30.90 -35.56 -19.71
CA ASN B 235 -30.41 -35.16 -21.03
C ASN B 235 -30.34 -36.39 -21.92
N PHE B 236 -30.83 -36.26 -23.17
CA PHE B 236 -30.74 -37.33 -24.14
C PHE B 236 -30.38 -36.82 -25.52
N ASN B 237 -29.92 -37.76 -26.36
CA ASN B 237 -29.44 -37.46 -27.71
C ASN B 237 -30.15 -38.40 -28.70
N GLU B 238 -30.52 -37.85 -29.88
CA GLU B 238 -31.04 -38.63 -30.99
C GLU B 238 -30.29 -38.33 -32.29
N LEU B 239 -30.27 -39.31 -33.22
CA LEU B 239 -29.83 -39.10 -34.60
C LEU B 239 -30.91 -38.38 -35.38
N ILE B 240 -30.49 -37.57 -36.34
CA ILE B 240 -31.45 -36.98 -37.28
C ILE B 240 -31.13 -37.58 -38.65
N GLN B 241 -32.15 -38.03 -39.38
CA GLN B 241 -31.98 -38.73 -40.67
C GLN B 241 -33.15 -38.32 -41.53
N THR B 242 -32.96 -37.48 -42.57
CA THR B 242 -34.02 -37.12 -43.50
C THR B 242 -33.45 -37.30 -44.89
N GLU B 243 -34.23 -37.04 -45.93
CA GLU B 243 -33.70 -37.09 -47.30
C GLU B 243 -32.66 -35.99 -47.55
N SER B 244 -32.79 -34.81 -46.92
CA SER B 244 -31.95 -33.65 -47.21
C SER B 244 -30.73 -33.53 -46.31
N PHE B 245 -30.84 -34.01 -45.05
CA PHE B 245 -29.79 -33.83 -44.05
C PHE B 245 -29.80 -34.97 -43.01
N GLN B 246 -28.69 -35.08 -42.31
CA GLN B 246 -28.54 -36.05 -41.24
C GLN B 246 -27.55 -35.50 -40.20
N GLY B 247 -27.68 -35.96 -38.94
CA GLY B 247 -26.68 -35.72 -37.91
C GLY B 247 -27.23 -36.09 -36.53
N TRP B 248 -27.20 -35.15 -35.57
CA TRP B 248 -27.78 -35.41 -34.25
C TRP B 248 -28.40 -34.18 -33.62
N ARG B 249 -29.18 -34.42 -32.55
CA ARG B 249 -29.89 -33.41 -31.77
C ARG B 249 -29.80 -33.79 -30.30
N LEU B 250 -29.42 -32.82 -29.46
CA LEU B 250 -29.18 -32.98 -28.03
C LEU B 250 -30.27 -32.22 -27.29
N ARG B 251 -31.02 -32.93 -26.43
CA ARG B 251 -32.19 -32.38 -25.75
C ARG B 251 -32.19 -32.72 -24.27
N ARG B 252 -33.32 -32.44 -23.61
CA ARG B 252 -33.51 -32.81 -22.21
C ARG B 252 -34.95 -33.15 -22.03
N MET B 253 -35.21 -34.20 -21.24
CA MET B 253 -36.57 -34.56 -20.86
C MET B 253 -36.75 -34.38 -19.36
N PRO B 254 -37.84 -33.76 -18.84
CA PRO B 254 -38.83 -33.08 -19.66
C PRO B 254 -38.31 -31.71 -20.13
N HIS B 255 -38.88 -31.20 -21.20
CA HIS B 255 -38.55 -29.86 -21.66
C HIS B 255 -39.77 -28.98 -21.40
N PRO B 256 -39.65 -28.02 -20.46
CA PRO B 256 -40.84 -27.29 -20.05
C PRO B 256 -41.36 -26.35 -21.12
N ASN B 257 -42.59 -25.95 -20.89
CA ASN B 257 -43.24 -24.99 -21.74
C ASN B 257 -44.03 -24.01 -20.90
N PRO B 258 -43.62 -22.73 -20.76
CA PRO B 258 -42.47 -22.16 -21.44
C PRO B 258 -41.13 -22.71 -21.00
N PRO B 259 -40.07 -22.59 -21.82
CA PRO B 259 -38.74 -22.97 -21.36
C PRO B 259 -38.26 -22.02 -20.27
N GLN B 260 -37.37 -22.49 -19.40
CA GLN B 260 -36.62 -21.68 -18.45
C GLN B 260 -35.22 -21.47 -19.01
N GLU B 261 -34.45 -20.62 -18.36
CA GLU B 261 -33.04 -20.41 -18.72
C GLU B 261 -32.34 -21.76 -18.62
N GLY B 262 -31.52 -22.11 -19.63
CA GLY B 262 -30.78 -23.36 -19.72
C GLY B 262 -31.50 -24.47 -20.49
N ASP B 263 -32.83 -24.37 -20.63
CA ASP B 263 -33.64 -25.25 -21.44
C ASP B 263 -33.43 -24.94 -22.93
N GLY B 264 -33.35 -25.99 -23.75
CA GLY B 264 -33.12 -25.83 -25.18
C GLY B 264 -32.58 -27.10 -25.81
N GLU B 265 -31.90 -26.94 -26.98
CA GLU B 265 -31.34 -28.09 -27.68
C GLU B 265 -30.15 -27.66 -28.51
N TRP B 266 -29.24 -28.62 -28.77
CA TRP B 266 -28.20 -28.55 -29.79
C TRP B 266 -28.57 -29.44 -30.98
N ALA B 267 -28.07 -29.09 -32.20
CA ALA B 267 -28.16 -29.95 -33.37
C ALA B 267 -26.98 -29.67 -34.28
N ALA B 268 -26.46 -30.74 -34.91
CA ALA B 268 -25.42 -30.64 -35.93
C ALA B 268 -25.90 -31.44 -37.15
N LEU B 269 -25.68 -30.92 -38.38
CA LEU B 269 -26.21 -31.52 -39.58
C LEU B 269 -25.16 -31.43 -40.67
N ILE B 270 -25.18 -32.42 -41.57
CA ILE B 270 -24.57 -32.35 -42.90
C ILE B 270 -25.68 -32.61 -43.91
N PRO B 271 -25.43 -32.22 -45.19
CA PRO B 271 -26.28 -32.62 -46.29
C PRO B 271 -26.16 -34.13 -46.54
N THR B 272 -27.23 -34.78 -47.01
CA THR B 272 -27.14 -36.14 -47.55
C THR B 272 -26.39 -36.12 -48.86
N GLY B 273 -25.92 -37.31 -49.24
CA GLY B 273 -25.40 -37.52 -50.58
C GLY B 273 -23.89 -37.30 -50.68
N LEU B 274 -23.13 -37.24 -49.58
CA LEU B 274 -21.73 -36.85 -49.66
C LEU B 274 -20.82 -37.98 -49.21
N GLY B 275 -21.38 -39.00 -48.57
CA GLY B 275 -20.57 -40.16 -48.23
C GLY B 275 -21.37 -41.14 -47.37
N GLU B 276 -20.66 -42.02 -46.69
CA GLU B 276 -21.36 -42.95 -45.85
C GLU B 276 -21.50 -42.33 -44.45
N PHE B 277 -22.73 -42.27 -43.94
CA PHE B 277 -23.04 -41.69 -42.65
C PHE B 277 -23.02 -42.72 -41.53
N PHE B 278 -22.27 -42.48 -40.45
CA PHE B 278 -22.35 -43.27 -39.22
C PHE B 278 -22.71 -42.35 -38.04
N GLY B 279 -23.75 -42.76 -37.30
CA GLY B 279 -24.23 -42.05 -36.14
C GLY B 279 -24.18 -42.89 -34.87
N CYS B 280 -23.66 -42.27 -33.79
CA CYS B 280 -23.64 -42.83 -32.46
C CYS B 280 -24.18 -41.79 -31.47
N SER B 281 -25.47 -41.88 -31.18
CA SER B 281 -26.20 -40.84 -30.50
C SER B 281 -25.92 -40.84 -29.00
N ARG B 282 -25.34 -41.90 -28.41
CA ARG B 282 -25.18 -41.93 -26.95
C ARG B 282 -23.89 -42.64 -26.61
N TRP B 283 -22.86 -41.90 -26.18
CA TRP B 283 -21.61 -42.46 -25.70
C TRP B 283 -21.16 -41.67 -24.47
N GLN B 284 -20.15 -42.18 -23.70
CA GLN B 284 -19.80 -41.66 -22.39
C GLN B 284 -18.55 -40.79 -22.46
N PRO B 285 -18.70 -39.42 -22.47
CA PRO B 285 -17.58 -38.50 -22.66
C PRO B 285 -16.59 -38.45 -21.52
N GLU B 286 -16.96 -38.93 -20.32
CA GLU B 286 -16.05 -38.95 -19.19
C GLU B 286 -15.17 -40.20 -19.24
N GLY B 287 -15.54 -41.18 -20.10
CA GLY B 287 -14.80 -42.45 -20.29
C GLY B 287 -13.54 -42.27 -21.15
N ASP B 288 -13.02 -43.42 -21.61
CA ASP B 288 -11.78 -43.48 -22.34
C ASP B 288 -12.01 -43.20 -23.83
N GLY B 289 -13.27 -43.13 -24.24
CA GLY B 289 -13.66 -42.88 -25.61
C GLY B 289 -13.46 -44.03 -26.61
N ALA B 290 -13.11 -45.24 -26.09
CA ALA B 290 -12.73 -46.39 -26.94
C ALA B 290 -13.87 -46.95 -27.79
N HIS B 291 -15.14 -46.88 -27.36
CA HIS B 291 -16.22 -47.45 -28.15
C HIS B 291 -16.30 -46.72 -29.48
N LEU B 292 -15.99 -45.44 -29.48
CA LEU B 292 -15.85 -44.68 -30.71
C LEU B 292 -14.53 -45.00 -31.41
N TRP B 293 -13.42 -44.85 -30.66
CA TRP B 293 -12.12 -44.77 -31.29
C TRP B 293 -11.70 -46.10 -31.92
N GLN B 294 -12.21 -47.24 -31.38
CA GLN B 294 -11.84 -48.57 -31.86
C GLN B 294 -12.35 -48.77 -33.28
N SER B 295 -13.47 -48.14 -33.63
CA SER B 295 -13.96 -48.15 -34.99
C SER B 295 -13.30 -47.06 -35.80
N PHE B 296 -13.35 -45.82 -35.27
CA PHE B 296 -13.04 -44.63 -36.09
C PHE B 296 -11.58 -44.68 -36.55
N SER B 297 -10.68 -45.07 -35.65
CA SER B 297 -9.25 -45.07 -35.92
C SER B 297 -8.82 -46.24 -36.83
N VAL B 298 -9.70 -47.24 -36.96
CA VAL B 298 -9.45 -48.42 -37.77
C VAL B 298 -9.95 -48.19 -39.19
N ASP B 299 -11.23 -47.87 -39.40
CA ASP B 299 -11.73 -47.68 -40.76
C ASP B 299 -12.62 -46.44 -40.97
N GLY B 300 -12.65 -45.47 -40.03
CA GLY B 300 -13.43 -44.23 -40.20
C GLY B 300 -14.93 -44.39 -39.91
N SER B 301 -15.34 -45.54 -39.34
CA SER B 301 -16.73 -45.83 -38.98
C SER B 301 -16.96 -45.58 -37.47
N LEU B 302 -18.23 -45.58 -37.08
CA LEU B 302 -18.65 -45.56 -35.70
C LEU B 302 -19.66 -46.65 -35.54
N PRO B 303 -19.77 -47.25 -34.34
CA PRO B 303 -20.89 -48.12 -34.03
C PRO B 303 -22.21 -47.41 -34.15
N PHE B 304 -23.19 -47.99 -34.81
CA PHE B 304 -24.48 -47.38 -34.97
C PHE B 304 -25.24 -47.42 -33.66
N VAL B 305 -25.61 -46.26 -33.14
CA VAL B 305 -26.43 -46.17 -31.95
C VAL B 305 -27.41 -45.03 -32.16
N ASN B 306 -28.71 -45.30 -32.11
CA ASN B 306 -29.73 -44.30 -31.92
C ASN B 306 -30.41 -44.66 -30.62
N ASP B 307 -30.04 -43.98 -29.53
CA ASP B 307 -30.46 -44.34 -28.16
C ASP B 307 -30.85 -43.09 -27.36
N PRO B 308 -32.12 -42.72 -27.33
CA PRO B 308 -32.57 -41.51 -26.68
C PRO B 308 -32.93 -41.72 -25.19
N THR B 309 -32.28 -42.66 -24.53
CA THR B 309 -32.49 -42.88 -23.10
C THR B 309 -31.96 -41.64 -22.38
N PRO B 310 -32.74 -40.99 -21.50
CA PRO B 310 -32.26 -39.87 -20.71
C PRO B 310 -31.14 -40.26 -19.76
N ALA B 311 -30.21 -39.33 -19.53
CA ALA B 311 -29.09 -39.53 -18.62
C ALA B 311 -29.62 -39.78 -17.20
N ALA B 312 -28.94 -40.73 -16.53
CA ALA B 312 -29.17 -41.05 -15.13
C ALA B 312 -28.39 -40.05 -14.30
N ALA B 313 -28.65 -40.02 -13.00
CA ALA B 313 -27.89 -39.21 -12.08
C ALA B 313 -26.42 -39.61 -12.14
N GLY B 314 -25.53 -38.64 -12.14
CA GLY B 314 -24.10 -38.86 -12.14
C GLY B 314 -23.57 -39.17 -13.53
N GLU B 315 -24.46 -39.31 -14.52
CA GLU B 315 -24.07 -39.75 -15.85
C GLU B 315 -24.04 -38.59 -16.87
N GLN B 316 -22.91 -38.46 -17.60
CA GLN B 316 -22.80 -37.51 -18.72
C GLN B 316 -23.12 -38.24 -20.04
N VAL B 317 -23.65 -37.52 -21.05
CA VAL B 317 -23.93 -38.12 -22.34
C VAL B 317 -23.42 -37.19 -23.47
N ALA B 318 -23.09 -37.84 -24.58
CA ALA B 318 -22.53 -37.22 -25.78
C ALA B 318 -23.06 -37.97 -27.01
N ALA B 319 -22.94 -37.34 -28.19
CA ALA B 319 -23.28 -37.88 -29.50
C ALA B 319 -22.07 -37.73 -30.40
N ALA B 320 -22.09 -38.44 -31.54
CA ALA B 320 -21.11 -38.32 -32.62
C ALA B 320 -21.77 -38.73 -33.91
N PHE B 321 -21.22 -38.24 -35.02
CA PHE B 321 -21.50 -38.76 -36.35
C PHE B 321 -20.18 -38.68 -37.10
N ALA B 322 -20.07 -39.51 -38.17
CA ALA B 322 -18.91 -39.54 -39.07
C ALA B 322 -19.40 -39.68 -40.51
N LEU B 323 -18.72 -38.98 -41.42
CA LEU B 323 -19.02 -39.08 -42.83
C LEU B 323 -17.76 -39.65 -43.48
N ARG B 324 -17.87 -40.86 -44.08
CA ARG B 324 -16.73 -41.49 -44.75
C ARG B 324 -16.88 -41.33 -46.25
N PHE B 325 -15.78 -41.10 -46.92
CA PHE B 325 -15.85 -40.77 -48.32
C PHE B 325 -14.47 -41.00 -48.89
N SER B 326 -14.43 -41.22 -50.20
CA SER B 326 -13.16 -41.46 -50.90
C SER B 326 -12.82 -40.23 -51.73
N LEU B 327 -11.53 -39.96 -51.86
CA LEU B 327 -11.03 -38.84 -52.62
C LEU B 327 -9.99 -39.39 -53.61
N ALA B 328 -10.35 -39.33 -54.91
CA ALA B 328 -9.50 -39.78 -55.99
C ALA B 328 -8.34 -38.80 -56.20
N PRO B 329 -7.21 -39.26 -56.80
CA PRO B 329 -6.11 -38.39 -57.17
C PRO B 329 -6.59 -37.10 -57.81
N GLY B 330 -6.14 -35.95 -57.31
CA GLY B 330 -6.56 -34.69 -57.86
C GLY B 330 -8.03 -34.36 -57.57
N GLU B 331 -8.74 -35.14 -56.75
CA GLU B 331 -10.11 -34.74 -56.39
C GLU B 331 -10.12 -33.73 -55.21
N ARG B 332 -11.14 -32.87 -55.26
CA ARG B 332 -11.43 -31.84 -54.28
C ARG B 332 -12.86 -32.05 -53.83
N LYS B 333 -13.09 -32.06 -52.51
CA LYS B 333 -14.44 -32.22 -51.95
C LYS B 333 -14.69 -31.24 -50.80
N GLN B 334 -15.93 -30.76 -50.72
CA GLN B 334 -16.34 -29.88 -49.64
C GLN B 334 -17.53 -30.45 -48.88
N ILE B 335 -17.45 -30.39 -47.54
CA ILE B 335 -18.55 -30.80 -46.66
C ILE B 335 -18.90 -29.67 -45.71
N PRO B 336 -20.13 -29.12 -45.78
CA PRO B 336 -20.56 -28.17 -44.79
C PRO B 336 -21.10 -28.90 -43.55
N VAL B 337 -20.47 -28.66 -42.39
CA VAL B 337 -20.99 -29.11 -41.11
C VAL B 337 -21.58 -27.90 -40.36
N VAL B 338 -22.87 -27.96 -39.97
CA VAL B 338 -23.49 -26.89 -39.21
C VAL B 338 -23.84 -27.30 -37.76
N LEU B 339 -23.56 -26.39 -36.83
CA LEU B 339 -23.87 -26.49 -35.40
C LEU B 339 -24.85 -25.37 -35.05
N ALA B 340 -25.97 -25.73 -34.42
CA ALA B 340 -26.99 -24.78 -34.00
C ALA B 340 -27.33 -25.06 -32.52
N TRP B 341 -27.62 -23.99 -31.75
CA TRP B 341 -28.04 -24.13 -30.34
C TRP B 341 -29.25 -23.26 -30.07
N ASP B 342 -30.35 -23.82 -29.59
CA ASP B 342 -31.58 -23.06 -29.36
C ASP B 342 -31.78 -22.93 -27.85
N PHE B 343 -31.31 -21.84 -27.24
CA PHE B 343 -31.47 -21.53 -25.81
C PHE B 343 -32.15 -20.18 -25.68
N PRO B 344 -33.50 -20.14 -25.80
CA PRO B 344 -34.20 -18.89 -26.10
C PRO B 344 -34.26 -17.88 -24.96
N VAL B 345 -34.14 -18.34 -23.68
CA VAL B 345 -34.32 -17.45 -22.52
C VAL B 345 -33.00 -16.88 -22.00
N THR B 346 -32.96 -15.53 -21.86
CA THR B 346 -31.97 -14.83 -21.04
C THR B 346 -32.71 -14.27 -19.82
N GLU B 347 -32.46 -14.92 -18.67
CA GLU B 347 -32.97 -14.50 -17.37
C GLU B 347 -31.83 -13.73 -16.72
N PHE B 348 -32.12 -12.53 -16.19
CA PHE B 348 -31.11 -11.70 -15.54
C PHE B 348 -31.20 -11.87 -14.01
N GLY B 349 -31.59 -10.82 -13.30
CA GLY B 349 -32.16 -10.98 -11.99
C GLY B 349 -33.31 -11.99 -11.98
N LYS B 350 -33.48 -12.66 -10.83
CA LYS B 350 -34.53 -13.65 -10.61
C LYS B 350 -35.86 -13.11 -11.12
N GLY B 351 -36.49 -13.77 -12.08
CA GLY B 351 -37.78 -13.33 -12.58
C GLY B 351 -37.71 -12.33 -13.73
N VAL B 352 -36.52 -11.84 -14.09
CA VAL B 352 -36.38 -10.89 -15.18
C VAL B 352 -36.09 -11.64 -16.47
N ILE B 353 -37.11 -11.81 -17.31
CA ILE B 353 -37.07 -12.77 -18.41
C ILE B 353 -37.09 -12.00 -19.74
N TYR B 354 -36.07 -12.21 -20.61
CA TYR B 354 -36.20 -11.80 -22.01
C TYR B 354 -35.94 -13.00 -22.95
N TYR B 355 -36.42 -12.88 -24.18
CA TYR B 355 -36.12 -13.86 -25.24
C TYR B 355 -35.04 -13.28 -26.17
N ARG B 356 -34.24 -14.17 -26.76
CA ARG B 356 -33.21 -13.80 -27.75
C ARG B 356 -33.86 -13.40 -29.07
N ARG B 357 -33.27 -12.42 -29.74
CA ARG B 357 -33.70 -11.94 -31.06
C ARG B 357 -33.97 -13.05 -32.09
N TYR B 358 -33.14 -14.10 -32.07
CA TYR B 358 -33.25 -15.15 -33.10
C TYR B 358 -34.61 -15.83 -33.02
N THR B 359 -35.28 -15.82 -31.84
CA THR B 359 -36.58 -16.45 -31.68
C THR B 359 -37.65 -15.77 -32.52
N ASP B 360 -37.41 -14.49 -32.89
CA ASP B 360 -38.26 -13.77 -33.82
C ASP B 360 -38.36 -14.42 -35.21
N PHE B 361 -37.40 -15.26 -35.58
CA PHE B 361 -37.40 -15.93 -36.88
C PHE B 361 -37.75 -17.42 -36.76
N CYS B 362 -37.97 -17.96 -35.56
CA CYS B 362 -38.49 -19.31 -35.39
C CYS B 362 -39.62 -19.24 -34.36
N ASP B 363 -39.37 -19.59 -33.11
CA ASP B 363 -40.30 -19.39 -32.03
C ASP B 363 -39.51 -19.39 -30.72
N ARG B 364 -40.29 -19.33 -29.61
CA ARG B 364 -39.71 -19.16 -28.30
C ARG B 364 -39.72 -20.46 -27.49
N HIS B 365 -39.96 -21.62 -28.12
CA HIS B 365 -40.17 -22.87 -27.36
C HIS B 365 -38.88 -23.62 -27.06
N GLY B 366 -37.78 -23.31 -27.74
CA GLY B 366 -36.49 -23.93 -27.48
C GLY B 366 -36.41 -25.32 -28.11
N THR B 367 -37.16 -25.53 -29.22
CA THR B 367 -37.29 -26.81 -29.94
C THR B 367 -36.96 -26.67 -31.45
N ASN B 368 -35.99 -25.83 -31.81
CA ASN B 368 -35.80 -25.37 -33.18
C ASN B 368 -34.37 -25.56 -33.66
N ALA B 369 -33.53 -26.28 -32.92
CA ALA B 369 -32.13 -26.33 -33.33
C ALA B 369 -31.99 -26.93 -34.74
N VAL B 370 -32.85 -27.89 -35.08
CA VAL B 370 -32.73 -28.57 -36.36
C VAL B 370 -33.15 -27.60 -37.46
N THR B 371 -34.25 -26.85 -37.27
CA THR B 371 -34.64 -25.77 -38.17
C THR B 371 -33.52 -24.79 -38.43
N LEU B 372 -32.85 -24.33 -37.38
CA LEU B 372 -31.79 -23.37 -37.56
C LEU B 372 -30.65 -24.00 -38.36
N ALA B 373 -30.24 -25.23 -37.97
CA ALA B 373 -29.19 -25.99 -38.64
C ALA B 373 -29.55 -26.21 -40.12
N ALA B 374 -30.81 -26.49 -40.40
CA ALA B 374 -31.25 -26.73 -41.77
C ALA B 374 -31.17 -25.45 -42.59
N GLN B 375 -31.54 -24.30 -42.00
CA GLN B 375 -31.33 -23.01 -42.68
C GLN B 375 -29.86 -22.76 -42.98
N ALA B 376 -29.00 -23.06 -42.02
CA ALA B 376 -27.59 -22.86 -42.26
C ALA B 376 -27.08 -23.70 -43.44
N LEU B 377 -27.57 -24.96 -43.52
CA LEU B 377 -27.16 -25.86 -44.60
C LEU B 377 -27.62 -25.27 -45.94
N ALA B 378 -28.84 -24.74 -45.97
CA ALA B 378 -29.41 -24.09 -47.14
C ALA B 378 -28.56 -22.89 -47.56
N ALA B 379 -28.23 -22.00 -46.61
CA ALA B 379 -27.79 -20.63 -46.86
C ALA B 379 -26.29 -20.38 -46.63
N TYR B 380 -25.53 -21.36 -46.14
CA TYR B 380 -24.17 -21.07 -45.76
C TYR B 380 -23.40 -20.38 -46.90
N ALA B 381 -23.58 -20.78 -48.17
CA ALA B 381 -22.76 -20.25 -49.25
C ALA B 381 -23.21 -18.83 -49.54
N THR B 382 -24.50 -18.51 -49.46
CA THR B 382 -24.94 -17.13 -49.54
C THR B 382 -24.28 -16.30 -48.43
N TRP B 383 -24.28 -16.80 -47.19
CA TRP B 383 -23.68 -16.06 -46.07
C TRP B 383 -22.21 -15.84 -46.36
N GLN B 384 -21.47 -16.88 -46.78
CA GLN B 384 -20.04 -16.73 -47.03
C GLN B 384 -19.80 -15.63 -48.09
N GLU B 385 -20.68 -15.52 -49.06
CA GLU B 385 -20.55 -14.59 -50.17
C GLU B 385 -20.82 -13.16 -49.67
N GLN B 386 -21.83 -13.05 -48.80
CA GLN B 386 -22.19 -11.78 -48.16
C GLN B 386 -21.07 -11.27 -47.24
N ILE B 387 -20.39 -12.17 -46.53
CA ILE B 387 -19.22 -11.83 -45.73
C ILE B 387 -18.08 -11.32 -46.62
N ARG B 388 -17.73 -12.08 -47.67
CA ARG B 388 -16.75 -11.67 -48.68
C ARG B 388 -17.08 -10.27 -49.23
N THR B 389 -18.38 -10.03 -49.52
CA THR B 389 -18.85 -8.79 -50.07
C THR B 389 -18.59 -7.61 -49.12
N TRP B 390 -18.97 -7.72 -47.81
CA TRP B 390 -18.85 -6.59 -46.91
C TRP B 390 -17.42 -6.35 -46.49
N GLN B 391 -16.57 -7.36 -46.41
CA GLN B 391 -15.15 -7.15 -46.11
C GLN B 391 -14.33 -6.63 -47.31
N ALA B 392 -14.86 -6.77 -48.55
CA ALA B 392 -14.10 -6.49 -49.77
C ALA B 392 -13.70 -5.00 -49.86
N PRO B 393 -14.58 -4.00 -49.58
CA PRO B 393 -14.15 -2.62 -49.54
C PRO B 393 -13.05 -2.36 -48.51
N ILE B 394 -13.05 -3.14 -47.44
CA ILE B 394 -12.00 -3.01 -46.43
C ILE B 394 -10.67 -3.57 -46.97
N LEU B 395 -10.75 -4.80 -47.50
CA LEU B 395 -9.56 -5.52 -47.94
C LEU B 395 -8.91 -4.82 -49.14
N SER B 396 -9.71 -4.17 -49.97
CA SER B 396 -9.22 -3.57 -51.21
C SER B 396 -8.83 -2.10 -51.02
N HIS B 397 -8.96 -1.55 -49.81
CA HIS B 397 -8.62 -0.16 -49.55
C HIS B 397 -7.15 0.11 -49.86
N PRO B 398 -6.86 1.03 -50.81
CA PRO B 398 -5.49 1.28 -51.23
C PRO B 398 -4.60 1.93 -50.20
N ASP B 399 -5.13 2.73 -49.23
CA ASP B 399 -4.30 3.48 -48.28
C ASP B 399 -4.43 2.97 -46.82
N TRP B 400 -4.82 1.71 -46.60
CA TRP B 400 -4.85 1.11 -45.28
C TRP B 400 -3.82 0.01 -45.22
N PRO B 401 -2.98 -0.10 -44.20
CA PRO B 401 -2.07 -1.23 -44.07
C PRO B 401 -2.79 -2.53 -43.77
N ASP B 402 -2.08 -3.63 -43.97
CA ASP B 402 -2.65 -4.96 -43.79
C ASP B 402 -3.10 -5.21 -42.34
N TRP B 403 -2.24 -4.88 -41.38
CA TRP B 403 -2.49 -5.05 -39.97
C TRP B 403 -3.77 -4.33 -39.53
N PHE B 404 -4.07 -3.21 -40.19
CA PHE B 404 -5.27 -2.41 -39.93
C PHE B 404 -6.52 -3.10 -40.44
N LYS B 405 -6.46 -3.66 -41.66
CA LYS B 405 -7.59 -4.41 -42.23
C LYS B 405 -7.97 -5.59 -41.34
N MET B 406 -6.91 -6.27 -40.87
CA MET B 406 -6.98 -7.38 -39.94
C MET B 406 -7.71 -6.94 -38.65
N ALA B 407 -7.16 -5.90 -37.97
CA ALA B 407 -7.62 -5.47 -36.65
C ALA B 407 -9.02 -4.88 -36.70
N LEU B 408 -9.37 -4.24 -37.81
CA LEU B 408 -10.67 -3.64 -37.99
C LEU B 408 -11.74 -4.71 -37.93
N CYS B 409 -11.52 -5.83 -38.63
CA CYS B 409 -12.41 -6.96 -38.60
C CYS B 409 -12.38 -7.65 -37.22
N ASN B 410 -11.16 -7.94 -36.71
CA ASN B 410 -11.02 -8.80 -35.56
C ASN B 410 -11.58 -8.12 -34.32
N GLU B 411 -11.44 -6.80 -34.18
CA GLU B 411 -11.98 -6.09 -33.02
C GLU B 411 -13.52 -6.19 -32.94
N LEU B 412 -14.18 -6.61 -34.00
CA LEU B 412 -15.63 -6.80 -33.91
C LEU B 412 -15.98 -8.01 -33.04
N TYR B 413 -14.98 -8.89 -32.70
CA TYR B 413 -15.24 -10.15 -31.97
C TYR B 413 -16.05 -9.88 -30.69
N VAL B 414 -15.82 -8.74 -30.04
CA VAL B 414 -16.41 -8.45 -28.75
C VAL B 414 -17.91 -8.25 -28.87
N LEU B 415 -18.46 -7.87 -30.03
CA LEU B 415 -19.90 -7.78 -30.20
C LEU B 415 -20.58 -9.13 -29.97
N SER B 416 -19.81 -10.22 -30.15
CA SER B 416 -20.31 -11.56 -29.92
C SER B 416 -19.99 -12.01 -28.48
N SER B 417 -18.75 -11.81 -28.12
CA SER B 417 -18.10 -12.40 -26.97
C SER B 417 -18.37 -11.58 -25.68
N GLY B 418 -18.65 -10.28 -25.76
CA GLY B 418 -18.73 -9.43 -24.58
C GLY B 418 -20.09 -9.53 -23.87
N GLY B 419 -20.53 -10.76 -23.51
CA GLY B 419 -21.78 -10.90 -22.79
C GLY B 419 -22.94 -10.27 -23.56
N SER B 420 -22.90 -10.34 -24.90
CA SER B 420 -23.76 -9.51 -25.72
C SER B 420 -25.21 -9.96 -25.57
N LEU B 421 -26.15 -9.00 -25.62
CA LEU B 421 -27.58 -9.22 -25.52
C LEU B 421 -28.24 -8.64 -26.73
N TRP B 422 -29.21 -9.36 -27.28
CA TRP B 422 -30.02 -8.91 -28.38
C TRP B 422 -31.36 -9.57 -28.18
N SER B 423 -32.37 -8.80 -27.76
CA SER B 423 -33.66 -9.30 -27.33
C SER B 423 -34.63 -9.33 -28.52
N ALA B 424 -35.78 -9.99 -28.30
CA ALA B 424 -36.87 -10.06 -29.27
C ALA B 424 -37.45 -8.67 -29.53
N ALA B 425 -38.00 -8.48 -30.72
CA ALA B 425 -38.55 -7.19 -31.14
C ALA B 425 -39.79 -6.84 -30.33
N SER B 426 -40.08 -5.53 -30.26
CA SER B 426 -41.30 -4.99 -29.71
C SER B 426 -41.67 -3.76 -30.56
N ASP B 427 -42.88 -3.25 -30.31
CA ASP B 427 -43.39 -2.05 -30.95
C ASP B 427 -42.41 -0.89 -30.81
N ARG B 428 -41.80 -0.67 -29.64
CA ARG B 428 -40.94 0.48 -29.43
C ARG B 428 -39.47 0.18 -29.72
N ASP B 429 -39.14 -1.10 -29.94
CA ASP B 429 -37.77 -1.48 -30.39
C ASP B 429 -37.90 -2.57 -31.46
N PRO B 430 -38.20 -2.16 -32.72
CA PRO B 430 -38.60 -3.09 -33.77
C PRO B 430 -37.55 -4.07 -34.27
N VAL B 431 -36.24 -3.92 -33.96
CA VAL B 431 -35.29 -4.98 -34.22
C VAL B 431 -34.71 -5.58 -32.93
N GLY B 432 -35.43 -5.34 -31.80
CA GLY B 432 -35.00 -5.71 -30.47
C GLY B 432 -34.15 -4.63 -29.83
N GLN B 433 -33.79 -4.86 -28.57
CA GLN B 433 -32.79 -4.07 -27.85
C GLN B 433 -31.47 -4.81 -27.83
N PHE B 434 -30.36 -4.09 -27.61
CA PHE B 434 -29.01 -4.60 -27.81
C PHE B 434 -28.15 -4.09 -26.67
N ALA B 435 -27.15 -4.88 -26.25
CA ALA B 435 -26.19 -4.37 -25.32
C ALA B 435 -24.95 -5.23 -25.36
N VAL B 436 -23.77 -4.63 -25.26
CA VAL B 436 -22.53 -5.35 -24.98
C VAL B 436 -21.97 -4.88 -23.65
N LEU B 437 -21.30 -5.79 -22.93
CA LEU B 437 -20.69 -5.48 -21.64
C LEU B 437 -19.58 -4.47 -21.85
N GLU B 438 -19.37 -3.62 -20.83
CA GLU B 438 -18.13 -2.91 -20.73
C GLU B 438 -16.96 -3.89 -20.80
N CYS B 439 -17.04 -4.93 -19.98
CA CYS B 439 -16.12 -6.07 -20.04
C CYS B 439 -16.57 -7.08 -19.01
N LEU B 440 -15.73 -8.10 -18.77
CA LEU B 440 -16.09 -9.21 -17.91
C LEU B 440 -15.86 -8.88 -16.42
N ASP B 441 -14.84 -8.09 -16.13
CA ASP B 441 -14.54 -7.61 -14.78
C ASP B 441 -15.56 -6.59 -14.28
N TYR B 442 -15.96 -5.68 -15.21
CA TYR B 442 -16.90 -4.58 -14.96
C TYR B 442 -18.22 -4.93 -15.66
N ARG B 443 -19.05 -5.71 -14.97
CA ARG B 443 -20.06 -6.52 -15.58
C ARG B 443 -21.34 -5.72 -15.61
N TRP B 444 -21.36 -4.70 -16.46
CA TRP B 444 -22.58 -3.95 -16.76
C TRP B 444 -22.46 -3.43 -18.20
N TYR B 445 -23.59 -2.95 -18.78
CA TYR B 445 -23.74 -2.77 -20.21
C TYR B 445 -23.51 -1.33 -20.69
N GLU B 446 -22.76 -1.20 -21.81
CA GLU B 446 -22.78 -0.06 -22.72
C GLU B 446 -22.47 1.23 -21.98
N SER B 447 -21.49 1.18 -21.09
CA SER B 447 -21.03 2.32 -20.32
C SER B 447 -20.86 3.52 -21.26
N LEU B 448 -21.55 4.62 -20.95
CA LEU B 448 -21.72 5.74 -21.88
C LEU B 448 -20.38 6.41 -22.18
N ASP B 449 -19.60 6.64 -21.15
CA ASP B 449 -18.25 7.17 -21.34
C ASP B 449 -17.39 6.28 -22.23
N VAL B 450 -17.57 4.95 -22.13
CA VAL B 450 -16.72 4.00 -22.81
C VAL B 450 -17.16 3.91 -24.30
N ARG B 451 -18.47 3.94 -24.49
CA ARG B 451 -19.02 3.79 -25.82
C ARG B 451 -18.87 5.09 -26.63
N LEU B 452 -18.50 6.21 -25.98
CA LEU B 452 -18.13 7.42 -26.74
C LEU B 452 -17.09 7.10 -27.83
N TYR B 453 -16.08 6.32 -27.43
N TYR B 453 -16.08 6.30 -27.51
CA TYR B 453 -15.02 5.77 -28.27
CA TYR B 453 -15.15 5.79 -28.53
C TYR B 453 -15.46 4.43 -28.88
C TYR B 453 -15.57 4.39 -28.98
N GLY B 454 -16.03 3.53 -28.05
CA GLY B 454 -16.30 2.14 -28.40
C GLY B 454 -17.43 1.85 -29.40
N SER B 455 -18.33 2.81 -29.63
CA SER B 455 -19.54 2.45 -30.36
C SER B 455 -19.41 2.71 -31.87
N PHE B 456 -18.20 3.02 -32.36
CA PHE B 456 -18.05 3.41 -33.76
C PHE B 456 -18.30 2.27 -34.72
N ALA B 457 -17.99 1.01 -34.35
CA ALA B 457 -18.33 -0.11 -35.24
C ALA B 457 -19.86 -0.31 -35.31
N LEU B 458 -20.57 -0.21 -34.17
CA LEU B 458 -21.98 -0.50 -34.16
C LEU B 458 -22.69 0.55 -35.01
N LEU B 459 -22.28 1.82 -34.85
CA LEU B 459 -22.81 2.93 -35.64
C LEU B 459 -22.72 2.61 -37.14
N GLN B 460 -21.54 2.22 -37.60
CA GLN B 460 -21.33 2.04 -39.04
C GLN B 460 -21.95 0.75 -39.60
N LEU B 461 -21.97 -0.36 -38.85
CA LEU B 461 -22.35 -1.67 -39.37
C LEU B 461 -23.77 -2.07 -38.92
N TRP B 462 -24.22 -1.67 -37.71
CA TRP B 462 -25.57 -1.99 -37.25
C TRP B 462 -26.23 -0.75 -36.63
N PRO B 463 -26.46 0.31 -37.46
CA PRO B 463 -27.00 1.57 -36.95
C PRO B 463 -28.32 1.41 -36.19
N GLU B 464 -29.20 0.43 -36.58
CA GLU B 464 -30.46 0.26 -35.89
C GLU B 464 -30.23 -0.23 -34.44
N LEU B 465 -29.12 -0.94 -34.18
CA LEU B 465 -28.80 -1.40 -32.86
C LEU B 465 -28.25 -0.23 -32.02
N GLU B 466 -27.36 0.57 -32.62
CA GLU B 466 -26.79 1.78 -32.02
C GLU B 466 -27.91 2.70 -31.53
N LYS B 467 -28.91 2.88 -32.38
CA LYS B 467 -30.06 3.72 -32.05
C LYS B 467 -30.86 3.14 -30.90
N SER B 468 -31.10 1.81 -30.88
CA SER B 468 -31.77 1.15 -29.75
C SER B 468 -31.05 1.46 -28.42
N VAL B 469 -29.69 1.40 -28.42
CA VAL B 469 -28.90 1.71 -27.23
C VAL B 469 -29.15 3.17 -26.74
N MET B 470 -29.03 4.12 -27.66
CA MET B 470 -29.19 5.51 -27.29
C MET B 470 -30.64 5.78 -26.83
N ARG B 471 -31.64 5.15 -27.43
CA ARG B 471 -33.02 5.30 -27.01
C ARG B 471 -33.16 4.84 -25.57
N ALA B 472 -32.39 3.81 -25.18
CA ALA B 472 -32.49 3.25 -23.84
C ALA B 472 -31.95 4.25 -22.79
N PHE B 473 -30.84 4.91 -23.11
CA PHE B 473 -30.29 6.04 -22.38
C PHE B 473 -31.28 7.19 -22.31
N ALA B 474 -31.93 7.51 -23.42
CA ALA B 474 -32.86 8.64 -23.47
C ALA B 474 -34.01 8.44 -22.47
N ARG B 475 -34.61 7.23 -22.49
CA ARG B 475 -35.77 6.86 -21.66
C ARG B 475 -35.45 6.92 -20.16
N ALA B 476 -34.19 6.57 -19.77
CA ALA B 476 -33.73 6.50 -18.39
C ALA B 476 -33.34 7.84 -17.78
N ILE B 477 -32.91 8.81 -18.63
CA ILE B 477 -32.43 10.09 -18.13
C ILE B 477 -33.45 10.76 -17.20
N PRO B 478 -34.71 10.96 -17.61
CA PRO B 478 -35.66 11.63 -16.74
C PRO B 478 -36.05 10.86 -15.48
N THR B 479 -35.66 9.59 -15.26
CA THR B 479 -36.23 8.75 -14.22
C THR B 479 -35.26 8.61 -13.03
N ALA B 480 -35.76 8.43 -11.78
CA ALA B 480 -34.92 8.32 -10.60
C ALA B 480 -34.92 6.89 -10.06
N ASP B 481 -33.81 6.43 -9.51
CA ASP B 481 -33.82 5.32 -8.57
C ASP B 481 -33.10 5.77 -7.29
N PRO B 482 -33.87 6.04 -6.20
CA PRO B 482 -33.34 6.60 -4.98
C PRO B 482 -32.64 5.61 -4.06
N THR B 483 -32.54 4.33 -4.42
CA THR B 483 -31.92 3.34 -3.54
C THR B 483 -30.52 3.78 -3.10
N LEU B 484 -30.26 3.76 -1.80
CA LEU B 484 -28.94 4.10 -1.26
C LEU B 484 -28.00 2.96 -1.59
N ARG B 485 -26.76 3.29 -2.00
CA ARG B 485 -25.75 2.25 -2.15
C ARG B 485 -24.43 2.81 -1.67
N ILE B 486 -23.58 1.90 -1.20
CA ILE B 486 -22.17 2.14 -0.92
C ILE B 486 -21.44 2.63 -2.18
N ILE B 487 -20.71 3.75 -2.08
CA ILE B 487 -19.79 4.15 -3.14
C ILE B 487 -18.46 3.46 -2.91
N GLY B 488 -18.08 2.62 -3.88
CA GLY B 488 -16.97 1.71 -3.71
C GLY B 488 -15.65 2.43 -3.57
N TYR B 489 -15.49 3.56 -4.28
CA TYR B 489 -14.28 4.39 -4.21
C TYR B 489 -13.92 4.69 -2.77
N PHE B 490 -14.94 4.94 -1.93
CA PHE B 490 -14.73 5.40 -0.57
C PHE B 490 -14.78 4.21 0.41
N TYR B 491 -15.20 3.03 -0.04
CA TYR B 491 -15.48 1.92 0.86
C TYR B 491 -14.19 1.38 1.47
N ARG B 492 -14.16 1.18 2.79
CA ARG B 492 -13.04 0.51 3.43
C ARG B 492 -13.49 -0.56 4.44
N GLY B 493 -14.66 -1.17 4.28
CA GLY B 493 -14.91 -2.49 4.84
C GLY B 493 -15.92 -2.49 5.99
N ASP B 494 -16.46 -1.32 6.29
CA ASP B 494 -17.50 -1.22 7.31
C ASP B 494 -18.82 -0.73 6.71
N PRO B 495 -19.69 -1.66 6.27
CA PRO B 495 -20.94 -1.33 5.59
C PRO B 495 -21.83 -0.40 6.37
N GLU B 496 -21.86 -0.55 7.69
CA GLU B 496 -22.71 0.26 8.54
C GLU B 496 -22.46 1.73 8.23
N THR B 497 -21.20 2.20 8.33
CA THR B 497 -20.88 3.62 8.33
C THR B 497 -20.40 4.09 6.95
N ALA B 498 -20.27 3.21 5.96
CA ALA B 498 -19.65 3.58 4.69
C ALA B 498 -20.47 4.67 4.01
N TYR B 499 -19.81 5.55 3.28
CA TYR B 499 -20.50 6.57 2.49
C TYR B 499 -21.39 5.95 1.42
N LYS B 500 -22.63 6.45 1.34
CA LYS B 500 -23.67 5.91 0.47
C LYS B 500 -24.36 7.08 -0.23
N ALA B 501 -24.88 6.82 -1.46
CA ALA B 501 -25.57 7.79 -2.28
C ALA B 501 -26.73 7.11 -3.00
N PRO B 502 -27.78 7.87 -3.36
CA PRO B 502 -28.83 7.36 -4.23
C PRO B 502 -28.32 6.91 -5.62
N ARG B 503 -28.89 5.80 -6.08
CA ARG B 503 -28.39 5.18 -7.29
C ARG B 503 -28.44 6.16 -8.47
N LYS B 504 -29.67 6.68 -8.73
CA LYS B 504 -29.86 7.56 -9.86
C LYS B 504 -30.89 8.67 -9.56
N LEU B 505 -30.50 9.92 -9.84
CA LEU B 505 -31.36 11.09 -9.64
C LEU B 505 -32.07 11.39 -10.92
N ALA B 506 -33.31 11.88 -10.81
CA ALA B 506 -34.05 12.33 -11.98
C ALA B 506 -33.27 13.39 -12.74
N ASN B 507 -33.16 13.18 -14.07
CA ASN B 507 -32.42 14.00 -15.00
C ASN B 507 -30.90 13.87 -14.99
N ALA B 508 -30.34 13.11 -14.06
CA ALA B 508 -28.97 12.71 -14.20
C ALA B 508 -28.81 11.73 -15.38
N VAL B 509 -27.58 11.69 -15.96
CA VAL B 509 -27.31 10.79 -17.06
C VAL B 509 -26.63 9.56 -16.47
N PRO B 510 -27.23 8.37 -16.76
CA PRO B 510 -26.69 7.10 -16.25
C PRO B 510 -25.36 6.71 -16.88
N HIS B 511 -24.50 6.06 -16.08
CA HIS B 511 -23.20 5.59 -16.54
C HIS B 511 -23.33 4.38 -17.47
N ASP B 512 -24.37 3.54 -17.30
CA ASP B 512 -24.49 2.24 -17.95
C ASP B 512 -25.96 1.82 -18.02
N LEU B 513 -26.27 0.75 -18.79
CA LEU B 513 -27.65 0.25 -18.99
C LEU B 513 -27.94 -1.02 -18.17
N GLY B 514 -27.26 -1.18 -17.02
CA GLY B 514 -27.53 -2.27 -16.10
C GLY B 514 -26.58 -3.45 -16.28
N ALA B 515 -27.03 -4.58 -15.77
CA ALA B 515 -26.16 -5.71 -15.49
C ALA B 515 -26.93 -6.99 -15.69
N PRO B 516 -26.23 -8.07 -16.08
CA PRO B 516 -26.88 -9.36 -16.35
C PRO B 516 -27.36 -10.11 -15.10
N ASN B 517 -27.00 -9.61 -13.90
CA ASN B 517 -27.53 -10.10 -12.62
C ASN B 517 -28.75 -9.31 -12.15
N GLU B 518 -29.26 -8.35 -12.94
CA GLU B 518 -30.34 -7.50 -12.53
C GLU B 518 -31.32 -7.24 -13.68
N HIS B 519 -31.31 -6.08 -14.35
CA HIS B 519 -32.32 -5.80 -15.37
C HIS B 519 -31.73 -4.85 -16.42
N PRO B 520 -31.06 -5.39 -17.45
CA PRO B 520 -30.49 -4.58 -18.53
C PRO B 520 -31.55 -3.69 -19.18
N TRP B 521 -31.12 -2.49 -19.57
CA TRP B 521 -31.93 -1.47 -20.25
C TRP B 521 -32.86 -0.70 -19.30
N GLU B 522 -33.58 -1.42 -18.43
CA GLU B 522 -34.62 -0.90 -17.52
C GLU B 522 -34.05 -0.39 -16.19
N LYS B 523 -32.98 -0.94 -15.65
CA LYS B 523 -32.38 -0.40 -14.44
C LYS B 523 -30.93 -0.04 -14.76
N THR B 524 -30.72 1.27 -14.90
CA THR B 524 -29.48 1.83 -15.40
C THR B 524 -28.62 2.24 -14.22
N ASN B 525 -27.39 2.60 -14.54
CA ASN B 525 -26.41 3.09 -13.57
C ASN B 525 -26.20 2.02 -12.49
N TYR B 526 -25.90 0.80 -12.92
CA TYR B 526 -25.57 -0.27 -12.00
C TYR B 526 -24.24 -0.01 -11.28
N THR B 527 -23.20 0.54 -11.93
CA THR B 527 -21.93 0.64 -11.20
C THR B 527 -22.10 1.61 -10.01
N ALA B 528 -21.44 1.32 -8.87
CA ALA B 528 -21.41 2.18 -7.70
C ALA B 528 -19.96 2.50 -7.32
N TYR B 529 -18.99 2.24 -8.22
CA TYR B 529 -17.61 2.57 -7.88
C TYR B 529 -17.52 4.08 -7.55
N GLN B 530 -18.14 4.90 -8.42
CA GLN B 530 -18.26 6.32 -8.21
C GLN B 530 -19.77 6.58 -8.24
N ASP B 531 -20.14 7.78 -7.77
CA ASP B 531 -21.48 8.34 -7.94
C ASP B 531 -21.57 9.06 -9.30
N CYS B 532 -21.98 8.34 -10.32
CA CYS B 532 -21.99 8.86 -11.67
C CYS B 532 -23.04 9.97 -11.88
N ASN B 533 -23.93 10.19 -10.88
CA ASN B 533 -24.82 11.35 -10.92
C ASN B 533 -24.00 12.64 -10.90
N LEU B 534 -22.74 12.55 -10.46
CA LEU B 534 -21.83 13.69 -10.30
C LEU B 534 -20.90 13.83 -11.51
N TRP B 535 -20.91 12.93 -12.47
CA TRP B 535 -19.88 12.98 -13.53
C TRP B 535 -20.09 14.16 -14.48
N LYS B 536 -18.95 14.74 -14.93
CA LYS B 536 -18.96 15.94 -15.77
C LYS B 536 -18.84 15.69 -17.28
N ASP B 537 -18.69 14.43 -17.71
CA ASP B 537 -18.57 14.03 -19.12
C ASP B 537 -19.86 13.36 -19.65
N LEU B 538 -20.55 12.57 -18.81
CA LEU B 538 -21.62 11.70 -19.26
C LEU B 538 -22.67 12.48 -20.08
N ALA B 539 -23.13 13.63 -19.60
CA ALA B 539 -24.20 14.34 -20.30
C ALA B 539 -23.74 14.85 -21.66
N SER B 540 -22.47 15.28 -21.75
CA SER B 540 -21.92 15.73 -23.01
C SER B 540 -21.84 14.55 -23.97
N ASP B 541 -21.36 13.41 -23.46
CA ASP B 541 -21.27 12.14 -24.19
C ASP B 541 -22.60 11.79 -24.83
N PHE B 542 -23.67 11.78 -24.02
CA PHE B 542 -25.00 11.46 -24.50
C PHE B 542 -25.39 12.34 -25.71
N VAL B 543 -25.23 13.66 -25.59
CA VAL B 543 -25.62 14.57 -26.63
C VAL B 543 -24.79 14.31 -27.90
N LEU B 544 -23.46 14.17 -27.75
CA LEU B 544 -22.58 13.95 -28.89
C LEU B 544 -22.96 12.66 -29.63
N LEU B 545 -23.31 11.59 -28.88
CA LEU B 545 -23.68 10.32 -29.45
C LEU B 545 -25.02 10.43 -30.18
N VAL B 546 -25.97 11.11 -29.58
CA VAL B 546 -27.25 11.33 -30.24
C VAL B 546 -27.01 11.99 -31.59
N TYR B 547 -26.34 13.13 -31.60
CA TYR B 547 -26.18 13.87 -32.85
C TYR B 547 -25.33 13.09 -33.85
N ARG B 548 -24.26 12.40 -33.39
CA ARG B 548 -23.43 11.60 -34.27
C ARG B 548 -24.29 10.54 -34.95
N ASP B 549 -25.16 9.88 -34.19
CA ASP B 549 -25.95 8.74 -34.65
C ASP B 549 -26.99 9.23 -35.67
N PHE B 550 -27.56 10.41 -35.41
CA PHE B 550 -28.41 11.11 -36.38
C PHE B 550 -27.68 11.46 -37.67
N LEU B 551 -26.52 12.09 -37.53
CA LEU B 551 -25.78 12.65 -38.64
C LEU B 551 -25.28 11.53 -39.55
N PHE B 552 -24.62 10.52 -39.02
CA PHE B 552 -23.90 9.50 -39.76
C PHE B 552 -24.83 8.40 -40.29
N THR B 553 -26.14 8.47 -40.05
CA THR B 553 -27.14 7.60 -40.65
C THR B 553 -27.91 8.42 -41.69
N GLY B 554 -27.39 9.57 -42.09
CA GLY B 554 -27.91 10.30 -43.23
C GLY B 554 -28.62 11.61 -42.90
N GLY B 555 -28.67 11.96 -41.62
CA GLY B 555 -29.40 13.12 -41.17
C GLY B 555 -30.87 13.10 -41.61
N THR B 556 -31.54 11.94 -41.62
CA THR B 556 -32.95 11.91 -41.99
C THR B 556 -33.84 11.35 -40.88
N ASP B 557 -33.26 10.73 -39.86
CA ASP B 557 -34.06 10.09 -38.80
C ASP B 557 -34.57 11.13 -37.79
N LEU B 558 -35.67 11.82 -38.17
CA LEU B 558 -36.24 12.88 -37.36
C LEU B 558 -36.95 12.27 -36.17
N ASN B 559 -37.51 11.07 -36.34
CA ASN B 559 -38.08 10.30 -35.24
C ASN B 559 -37.07 10.06 -34.10
N PHE B 560 -35.88 9.54 -34.44
CA PHE B 560 -34.83 9.37 -33.45
C PHE B 560 -34.47 10.70 -32.77
N ALA B 561 -34.28 11.76 -33.56
CA ALA B 561 -33.88 13.06 -33.07
C ALA B 561 -34.90 13.55 -32.05
N ARG B 562 -36.19 13.47 -32.45
CA ARG B 562 -37.30 13.96 -31.63
C ARG B 562 -37.41 13.18 -30.34
N GLU B 563 -37.30 11.86 -30.40
CA GLU B 563 -37.31 10.99 -29.23
C GLU B 563 -36.21 11.36 -28.23
N CYS B 564 -35.02 11.77 -28.70
CA CYS B 564 -33.89 12.04 -27.84
C CYS B 564 -33.82 13.47 -27.34
N TRP B 565 -34.54 14.42 -27.97
CA TRP B 565 -34.33 15.83 -27.69
C TRP B 565 -34.62 16.19 -26.24
N PRO B 566 -35.75 15.74 -25.64
CA PRO B 566 -36.03 16.06 -24.26
C PRO B 566 -34.93 15.58 -23.33
N ALA B 567 -34.43 14.36 -23.53
CA ALA B 567 -33.27 13.87 -22.79
C ALA B 567 -32.02 14.75 -23.02
N VAL B 568 -31.79 15.26 -24.24
CA VAL B 568 -30.66 16.17 -24.48
C VAL B 568 -30.81 17.41 -23.60
N VAL B 569 -32.01 18.00 -23.57
CA VAL B 569 -32.25 19.21 -22.80
C VAL B 569 -32.05 18.93 -21.31
N ALA B 570 -32.62 17.82 -20.82
CA ALA B 570 -32.44 17.40 -19.45
C ALA B 570 -30.95 17.23 -19.14
N ALA B 571 -30.21 16.58 -20.01
CA ALA B 571 -28.80 16.28 -19.78
C ALA B 571 -27.96 17.55 -19.65
N LEU B 572 -28.14 18.50 -20.58
CA LEU B 572 -27.35 19.72 -20.55
C LEU B 572 -27.68 20.57 -19.32
N ASP B 573 -28.96 20.61 -18.89
CA ASP B 573 -29.36 21.28 -17.66
C ASP B 573 -28.72 20.61 -16.44
N HIS B 574 -28.75 19.27 -16.38
CA HIS B 574 -28.07 18.54 -15.32
C HIS B 574 -26.59 18.93 -15.23
N LEU B 575 -25.83 18.94 -16.35
CA LEU B 575 -24.42 19.30 -16.27
C LEU B 575 -24.20 20.79 -15.97
N LYS B 576 -25.05 21.68 -16.48
CA LYS B 576 -24.94 23.14 -16.26
C LYS B 576 -24.93 23.51 -14.76
N GLN B 577 -25.59 22.70 -13.92
CA GLN B 577 -25.61 22.96 -12.49
C GLN B 577 -24.19 22.91 -11.94
N PHE B 578 -23.21 22.26 -12.61
CA PHE B 578 -21.85 22.15 -12.06
C PHE B 578 -20.92 23.27 -12.55
N ASP B 579 -21.53 24.24 -13.26
CA ASP B 579 -20.88 25.51 -13.51
C ASP B 579 -21.10 26.38 -12.27
N GLN B 580 -20.16 26.38 -11.33
CA GLN B 580 -20.40 26.96 -10.01
C GLN B 580 -20.32 28.49 -10.07
N ASP B 581 -19.42 29.05 -10.88
CA ASP B 581 -19.15 30.47 -10.91
C ASP B 581 -19.92 31.15 -12.03
N GLY B 582 -20.57 30.40 -12.92
CA GLY B 582 -21.36 31.02 -13.97
C GLY B 582 -20.57 31.51 -15.18
N ASP B 583 -19.34 31.06 -15.42
CA ASP B 583 -18.62 31.46 -16.64
C ASP B 583 -19.07 30.65 -17.88
N GLY B 584 -20.00 29.69 -17.72
CA GLY B 584 -20.49 28.88 -18.84
C GLY B 584 -19.92 27.45 -18.90
N LEU B 585 -18.94 27.13 -18.06
CA LEU B 585 -18.24 25.86 -18.07
C LEU B 585 -18.55 25.09 -16.79
N PRO B 586 -18.91 23.80 -16.89
CA PRO B 586 -18.97 22.95 -15.69
C PRO B 586 -17.58 22.72 -15.12
N GLU B 587 -17.53 22.53 -13.81
CA GLU B 587 -16.27 22.41 -13.09
C GLU B 587 -16.22 21.04 -12.41
N ASN B 588 -15.10 20.34 -12.60
CA ASN B 588 -14.78 19.08 -11.95
C ASN B 588 -14.52 19.36 -10.48
N GLY B 589 -14.77 18.33 -9.65
CA GLY B 589 -14.38 18.32 -8.25
C GLY B 589 -14.75 17.01 -7.56
N GLY B 590 -14.40 16.92 -6.29
CA GLY B 590 -14.70 15.74 -5.49
C GLY B 590 -13.88 14.53 -5.94
N ALA B 591 -14.44 13.34 -5.66
CA ALA B 591 -13.96 12.06 -6.19
C ALA B 591 -13.88 12.11 -7.71
N PRO B 592 -13.00 11.25 -8.33
CA PRO B 592 -12.92 11.20 -9.79
C PRO B 592 -14.32 11.24 -10.42
N ASP B 593 -14.51 12.15 -11.39
CA ASP B 593 -15.86 12.48 -11.85
C ASP B 593 -15.94 12.46 -13.38
N GLN B 594 -15.26 11.49 -13.98
CA GLN B 594 -15.29 11.26 -15.44
C GLN B 594 -14.65 9.90 -15.75
N THR B 595 -14.63 9.50 -17.05
CA THR B 595 -14.19 8.18 -17.51
C THR B 595 -12.85 7.74 -16.89
N TYR B 596 -11.91 8.66 -16.65
CA TYR B 596 -10.66 8.40 -15.93
C TYR B 596 -10.98 8.42 -14.42
N ASP B 597 -11.69 7.35 -13.98
CA ASP B 597 -12.41 7.33 -12.71
C ASP B 597 -11.49 6.95 -11.55
N ASP B 598 -10.16 6.97 -11.76
CA ASP B 598 -9.20 7.01 -10.66
C ASP B 598 -8.47 8.35 -10.57
N TRP B 599 -8.83 9.28 -11.46
CA TRP B 599 -8.03 10.45 -11.69
C TRP B 599 -8.87 11.69 -11.29
N LYS B 600 -8.46 12.35 -10.18
CA LYS B 600 -9.15 13.51 -9.60
C LYS B 600 -8.81 14.76 -10.42
N LEU B 601 -9.86 15.46 -10.86
CA LEU B 601 -9.77 16.75 -11.56
C LEU B 601 -10.44 17.84 -10.71
N GLN B 602 -9.88 19.08 -10.76
CA GLN B 602 -10.31 20.24 -9.93
C GLN B 602 -10.45 21.46 -10.86
N GLY B 603 -11.69 22.03 -10.91
CA GLY B 603 -12.07 23.17 -11.76
C GLY B 603 -12.42 22.74 -13.17
N VAL B 604 -12.32 23.65 -14.11
CA VAL B 604 -12.57 23.33 -15.52
C VAL B 604 -11.43 22.42 -15.95
N SER B 605 -11.78 21.25 -16.58
CA SER B 605 -10.78 20.32 -17.14
C SER B 605 -10.75 20.41 -18.66
N ALA B 606 -9.58 20.22 -19.27
CA ALA B 606 -9.50 20.16 -20.72
C ALA B 606 -10.50 19.12 -21.30
N TYR B 607 -10.58 17.94 -20.65
CA TYR B 607 -11.34 16.83 -21.17
C TYR B 607 -12.84 17.17 -21.14
N CYS B 608 -13.38 17.43 -19.95
CA CYS B 608 -14.83 17.64 -19.78
C CYS B 608 -15.27 18.96 -20.36
N GLY B 609 -14.46 20.01 -20.16
CA GLY B 609 -14.73 21.32 -20.74
C GLY B 609 -14.79 21.26 -22.27
N GLY B 610 -13.88 20.45 -22.85
CA GLY B 610 -13.85 20.29 -24.30
C GLY B 610 -15.13 19.59 -24.82
N LEU B 611 -15.53 18.49 -24.14
CA LEU B 611 -16.68 17.66 -24.54
C LEU B 611 -17.96 18.51 -24.46
N TRP B 612 -17.98 19.40 -23.46
CA TRP B 612 -19.10 20.29 -23.18
C TRP B 612 -19.31 21.29 -24.32
N LEU B 613 -18.20 21.91 -24.76
CA LEU B 613 -18.24 22.82 -25.90
C LEU B 613 -18.77 22.08 -27.14
N ALA B 614 -18.22 20.88 -27.37
CA ALA B 614 -18.62 20.11 -28.53
C ALA B 614 -20.12 19.80 -28.42
N ALA B 615 -20.55 19.44 -27.19
CA ALA B 615 -21.93 19.06 -26.93
C ALA B 615 -22.90 20.22 -27.16
N LEU B 616 -22.51 21.43 -26.73
CA LEU B 616 -23.30 22.64 -26.97
C LEU B 616 -23.47 22.85 -28.48
N GLU B 617 -22.37 22.72 -29.22
CA GLU B 617 -22.43 22.82 -30.68
C GLU B 617 -23.38 21.80 -31.29
N ALA B 618 -23.34 20.55 -30.78
CA ALA B 618 -24.11 19.47 -31.31
C ALA B 618 -25.59 19.72 -31.06
N ALA B 619 -25.93 20.14 -29.84
CA ALA B 619 -27.30 20.40 -29.47
C ALA B 619 -27.83 21.60 -30.25
N ILE B 620 -27.00 22.63 -30.48
CA ILE B 620 -27.39 23.74 -31.36
C ILE B 620 -27.73 23.26 -32.78
N ALA B 621 -26.86 22.43 -33.34
CA ALA B 621 -27.11 21.87 -34.67
C ALA B 621 -28.38 21.03 -34.69
N LEU B 622 -28.55 20.12 -33.71
CA LEU B 622 -29.72 19.25 -33.68
C LEU B 622 -31.03 20.02 -33.45
N GLY B 623 -31.00 20.89 -32.44
CA GLY B 623 -32.14 21.68 -32.04
C GLY B 623 -32.54 22.67 -33.14
N THR B 624 -31.58 23.12 -33.95
CA THR B 624 -31.91 23.95 -35.11
C THR B 624 -32.66 23.11 -36.14
N LEU B 625 -32.17 21.90 -36.39
CA LEU B 625 -32.91 21.00 -37.26
C LEU B 625 -34.33 20.78 -36.76
N LEU B 626 -34.53 20.61 -35.45
CA LEU B 626 -35.86 20.37 -34.94
C LEU B 626 -36.62 21.67 -34.65
N GLN B 627 -36.00 22.83 -34.93
CA GLN B 627 -36.65 24.11 -34.74
C GLN B 627 -37.05 24.33 -33.29
N GLN B 628 -36.09 24.10 -32.35
CA GLN B 628 -36.29 24.17 -30.93
C GLN B 628 -35.70 25.47 -30.39
N PRO B 629 -36.43 26.19 -29.53
CA PRO B 629 -36.02 27.51 -29.11
C PRO B 629 -34.82 27.44 -28.18
N GLN B 630 -34.67 26.28 -27.52
CA GLN B 630 -33.62 26.08 -26.53
C GLN B 630 -32.20 26.37 -27.10
N VAL B 631 -32.06 26.23 -28.41
CA VAL B 631 -30.81 26.49 -29.14
C VAL B 631 -30.22 27.85 -28.81
N GLU B 632 -31.08 28.87 -28.64
CA GLU B 632 -30.63 30.22 -28.30
C GLU B 632 -30.00 30.29 -26.91
N ILE B 633 -30.44 29.48 -25.96
CA ILE B 633 -29.79 29.42 -24.66
C ILE B 633 -28.37 28.85 -24.78
N TYR B 634 -28.25 27.73 -25.53
CA TYR B 634 -26.95 27.06 -25.75
C TYR B 634 -25.96 28.00 -26.43
N ARG B 635 -26.43 28.82 -27.36
CA ARG B 635 -25.59 29.82 -28.01
C ARG B 635 -25.05 30.83 -27.02
N GLN B 636 -25.92 31.34 -26.11
CA GLN B 636 -25.46 32.21 -25.02
C GLN B 636 -24.36 31.49 -24.21
N TRP B 637 -24.66 30.27 -23.68
CA TRP B 637 -23.65 29.58 -22.89
C TRP B 637 -22.33 29.44 -23.67
N LEU B 638 -22.43 29.01 -24.92
CA LEU B 638 -21.29 28.75 -25.80
C LEU B 638 -20.46 30.00 -26.03
N SER B 639 -21.16 31.13 -26.31
CA SER B 639 -20.46 32.40 -26.54
C SER B 639 -19.65 32.83 -25.32
N GLN B 640 -20.01 32.45 -24.09
CA GLN B 640 -19.18 32.69 -22.92
C GLN B 640 -18.11 31.59 -22.78
N ALA B 641 -18.50 30.32 -22.97
CA ALA B 641 -17.71 29.15 -22.52
C ALA B 641 -16.48 28.92 -23.40
N ARG B 642 -16.65 29.13 -24.71
CA ARG B 642 -15.62 28.81 -25.70
C ARG B 642 -14.33 29.62 -25.56
N PRO B 643 -14.38 30.99 -25.61
CA PRO B 643 -13.17 31.77 -25.35
C PRO B 643 -12.61 31.52 -23.97
N ARG B 644 -13.49 31.40 -22.97
CA ARG B 644 -13.03 31.22 -21.60
C ARG B 644 -12.22 29.93 -21.40
N TYR B 645 -12.66 28.81 -22.02
CA TYR B 645 -11.97 27.54 -21.98
C TYR B 645 -10.52 27.73 -22.43
N HIS B 646 -10.40 28.37 -23.59
CA HIS B 646 -9.08 28.60 -24.17
C HIS B 646 -8.25 29.46 -23.22
N GLN B 647 -8.83 30.59 -22.76
CA GLN B 647 -8.10 31.48 -21.86
C GLN B 647 -7.63 30.79 -20.57
N LEU B 648 -8.48 29.94 -19.99
CA LEU B 648 -8.18 29.22 -18.74
C LEU B 648 -7.09 28.16 -18.91
N LEU B 649 -7.03 27.50 -20.05
CA LEU B 649 -6.27 26.26 -20.13
C LEU B 649 -5.12 26.31 -21.12
N TRP B 650 -5.12 27.19 -22.12
CA TRP B 650 -4.04 27.16 -23.10
C TRP B 650 -2.75 27.64 -22.44
N ASN B 651 -1.62 26.93 -22.55
CA ASN B 651 -0.36 27.40 -21.98
C ASN B 651 0.68 27.80 -23.02
N GLY B 652 0.32 27.79 -24.31
CA GLY B 652 1.28 27.99 -25.40
C GLY B 652 1.67 26.72 -26.17
N GLU B 653 1.66 25.55 -25.51
CA GLU B 653 2.01 24.29 -26.15
C GLU B 653 0.89 23.27 -26.10
N TYR B 654 0.16 23.19 -24.99
CA TYR B 654 -0.96 22.28 -24.86
C TYR B 654 -2.00 22.87 -23.90
N TYR B 655 -3.16 22.20 -23.79
CA TYR B 655 -4.15 22.54 -22.79
C TYR B 655 -3.87 21.83 -21.48
N ARG B 656 -3.76 22.64 -20.41
CA ARG B 656 -3.53 22.18 -19.03
C ARG B 656 -4.63 21.21 -18.62
N LEU B 657 -4.30 20.29 -17.69
CA LEU B 657 -5.24 19.25 -17.25
C LEU B 657 -6.55 19.86 -16.73
N ASP B 658 -6.42 20.92 -15.91
CA ASP B 658 -7.56 21.53 -15.24
C ASP B 658 -7.11 22.88 -14.68
N THR B 659 -8.00 23.64 -14.05
CA THR B 659 -7.69 24.96 -13.54
C THR B 659 -7.27 24.92 -12.08
N GLY B 660 -7.56 23.86 -11.32
CA GLY B 660 -7.49 23.91 -9.87
C GLY B 660 -6.38 23.04 -9.25
N SER B 661 -5.70 22.18 -9.99
CA SER B 661 -4.82 21.19 -9.39
C SER B 661 -3.37 21.65 -9.33
N GLY B 662 -2.97 22.63 -10.14
CA GLY B 662 -1.56 22.97 -10.36
C GLY B 662 -0.74 21.97 -11.19
N SER B 663 -1.33 20.95 -11.80
CA SER B 663 -0.61 19.93 -12.53
C SER B 663 -0.12 20.42 -13.88
N ASP B 664 1.15 20.10 -14.20
CA ASP B 664 1.75 20.21 -15.52
C ASP B 664 1.53 19.03 -16.47
N VAL B 665 0.84 17.98 -16.01
CA VAL B 665 0.58 16.82 -16.83
C VAL B 665 -0.04 17.15 -18.20
N ILE B 666 0.45 16.45 -19.22
CA ILE B 666 -0.14 16.44 -20.55
C ILE B 666 -1.05 15.23 -20.62
N MET B 667 -2.36 15.49 -20.70
CA MET B 667 -3.35 14.43 -20.75
C MET B 667 -3.57 14.14 -22.23
N ALA B 668 -3.36 12.87 -22.65
CA ALA B 668 -3.42 12.48 -24.03
C ALA B 668 -4.76 12.86 -24.66
N ASP B 669 -5.85 12.68 -23.90
CA ASP B 669 -7.20 12.80 -24.42
C ASP B 669 -7.77 14.21 -24.16
N GLN B 670 -6.94 15.20 -23.78
CA GLN B 670 -7.36 16.57 -23.47
C GLN B 670 -8.33 17.22 -24.48
N LEU B 671 -8.14 17.01 -25.81
CA LEU B 671 -8.96 17.61 -26.84
C LEU B 671 -9.93 16.62 -27.50
N CYS B 672 -10.39 15.60 -26.76
CA CYS B 672 -11.43 14.71 -27.23
C CYS B 672 -12.61 15.52 -27.80
N GLY B 673 -12.94 16.65 -27.15
CA GLY B 673 -14.04 17.51 -27.62
C GLY B 673 -13.84 18.04 -29.05
N GLN B 674 -12.60 18.37 -29.35
CA GLN B 674 -12.20 18.92 -30.65
C GLN B 674 -12.23 17.83 -31.71
N PHE B 675 -11.82 16.60 -31.30
CA PHE B 675 -11.90 15.45 -32.17
C PHE B 675 -13.35 15.26 -32.59
N TYR B 676 -14.27 15.24 -31.63
CA TYR B 676 -15.66 14.97 -31.95
C TYR B 676 -16.34 16.10 -32.71
N ALA B 677 -15.98 17.33 -32.38
CA ALA B 677 -16.62 18.48 -33.06
C ALA B 677 -16.32 18.45 -34.56
N GLN B 678 -15.04 18.31 -34.91
CA GLN B 678 -14.69 18.24 -36.32
C GLN B 678 -15.31 17.02 -37.01
N LEU B 679 -15.35 15.88 -36.32
CA LEU B 679 -15.95 14.69 -36.85
C LEU B 679 -17.42 14.94 -37.12
N LEU B 680 -18.09 15.72 -36.30
CA LEU B 680 -19.52 15.98 -36.49
C LEU B 680 -19.79 17.20 -37.41
N GLY B 681 -18.72 17.73 -38.03
CA GLY B 681 -18.92 18.82 -38.96
C GLY B 681 -19.22 20.13 -38.24
N LEU B 682 -18.88 20.27 -36.96
CA LEU B 682 -19.17 21.47 -36.18
C LEU B 682 -17.96 22.38 -36.12
N VAL B 683 -18.14 23.62 -35.62
CA VAL B 683 -17.08 24.62 -35.52
C VAL B 683 -16.01 24.15 -34.54
N ASP B 684 -14.75 24.43 -34.84
CA ASP B 684 -13.65 24.08 -33.95
C ASP B 684 -13.91 24.69 -32.58
N ILE B 685 -13.65 23.96 -31.48
CA ILE B 685 -13.93 24.44 -30.14
C ILE B 685 -12.74 25.23 -29.60
N VAL B 686 -11.62 25.13 -30.35
CA VAL B 686 -10.40 25.83 -30.05
C VAL B 686 -9.79 26.28 -31.37
N PRO B 687 -8.85 27.25 -31.37
CA PRO B 687 -8.15 27.64 -32.59
C PRO B 687 -7.40 26.46 -33.21
N PRO B 688 -7.55 26.25 -34.54
CA PRO B 688 -6.98 25.09 -35.22
C PRO B 688 -5.47 24.92 -35.03
N ASP B 689 -4.72 26.03 -34.96
CA ASP B 689 -3.26 25.94 -34.83
C ASP B 689 -2.85 25.48 -33.45
N CYS B 690 -3.72 25.81 -32.49
CA CYS B 690 -3.53 25.46 -31.09
C CYS B 690 -3.81 23.97 -30.90
N CYS B 691 -4.94 23.51 -31.45
CA CYS B 691 -5.24 22.09 -31.58
C CYS B 691 -4.04 21.29 -32.10
N ASP B 692 -3.45 21.76 -33.22
CA ASP B 692 -2.34 21.05 -33.88
C ASP B 692 -1.07 21.00 -33.07
N ARG B 693 -0.74 22.13 -32.46
CA ARG B 693 0.41 22.20 -31.58
C ARG B 693 0.22 21.25 -30.40
N ALA B 694 -0.99 21.24 -29.84
CA ALA B 694 -1.29 20.40 -28.69
C ALA B 694 -1.12 18.91 -29.04
N LEU B 695 -1.66 18.55 -30.19
CA LEU B 695 -1.65 17.21 -30.70
C LEU B 695 -0.20 16.75 -30.95
N ARG B 696 0.63 17.64 -31.50
CA ARG B 696 2.03 17.34 -31.75
C ARG B 696 2.70 17.08 -30.42
N LYS B 697 2.37 17.92 -29.43
CA LYS B 697 2.96 17.76 -28.09
C LYS B 697 2.58 16.42 -27.43
N ILE B 698 1.29 16.04 -27.51
CA ILE B 698 0.81 14.79 -26.97
C ILE B 698 1.56 13.61 -27.58
N TYR B 699 1.67 13.58 -28.91
CA TYR B 699 2.37 12.55 -29.65
C TYR B 699 3.83 12.47 -29.24
N ASP B 700 4.51 13.61 -29.16
CA ASP B 700 5.93 13.67 -28.85
C ASP B 700 6.17 13.30 -27.38
N THR B 701 5.15 13.42 -26.49
CA THR B 701 5.38 13.17 -25.06
C THR B 701 4.72 11.86 -24.57
N CYS B 702 3.38 11.80 -24.61
CA CYS B 702 2.67 10.68 -24.03
C CYS B 702 2.99 9.40 -24.81
N PHE B 703 3.42 9.53 -26.09
CA PHE B 703 3.78 8.37 -26.90
C PHE B 703 5.32 8.25 -27.00
N LEU B 704 5.97 9.19 -27.67
CA LEU B 704 7.37 8.99 -28.07
C LEU B 704 8.34 9.08 -26.90
N LYS B 705 7.98 9.75 -25.79
CA LYS B 705 8.76 9.73 -24.56
C LYS B 705 8.22 8.76 -23.52
N PHE B 706 7.24 7.93 -23.84
CA PHE B 706 6.85 6.84 -22.96
C PHE B 706 7.51 5.55 -23.42
N HIS B 707 8.62 5.21 -22.75
CA HIS B 707 9.51 4.10 -23.11
C HIS B 707 9.77 4.04 -24.60
N ASN B 708 10.29 5.11 -25.19
CA ASN B 708 10.55 5.22 -26.64
C ASN B 708 9.44 4.67 -27.51
N GLY B 709 8.18 4.92 -27.19
CA GLY B 709 7.12 4.61 -28.13
C GLY B 709 6.85 3.12 -28.28
N GLN B 710 7.31 2.30 -27.34
CA GLN B 710 7.16 0.87 -27.41
C GLN B 710 5.72 0.40 -27.19
N PHE B 711 4.90 1.13 -26.42
CA PHE B 711 3.62 0.58 -25.97
C PHE B 711 2.42 1.33 -26.57
N GLY B 712 2.60 2.58 -27.02
CA GLY B 712 1.48 3.48 -27.25
C GLY B 712 1.57 4.73 -26.40
N ALA B 713 0.45 5.48 -26.39
CA ALA B 713 0.30 6.72 -25.65
C ALA B 713 -0.15 6.45 -24.21
N ALA B 714 0.68 6.83 -23.22
CA ALA B 714 0.23 6.90 -21.83
C ALA B 714 -0.81 8.02 -21.66
N ASN B 715 -1.76 7.80 -20.72
CA ASN B 715 -2.87 8.73 -20.55
C ASN B 715 -2.37 10.11 -20.11
N GLY B 716 -1.30 10.17 -19.31
CA GLY B 716 -0.78 11.43 -18.81
C GLY B 716 0.67 11.33 -18.31
N LEU B 717 1.54 12.21 -18.86
CA LEU B 717 2.92 12.38 -18.43
C LEU B 717 3.28 13.87 -18.33
N LEU B 718 4.32 14.16 -17.55
CA LEU B 718 4.94 15.48 -17.58
C LEU B 718 5.58 15.71 -18.95
N PRO B 719 5.83 16.99 -19.35
CA PRO B 719 6.52 17.33 -20.57
C PRO B 719 7.86 16.61 -20.76
N ASN B 720 8.55 16.27 -19.69
CA ASN B 720 9.83 15.57 -19.81
C ASN B 720 9.66 14.06 -19.93
N GLY B 721 8.45 13.52 -20.02
CA GLY B 721 8.26 12.09 -20.18
C GLY B 721 8.17 11.30 -18.86
N GLN B 722 8.39 11.97 -17.71
CA GLN B 722 8.30 11.35 -16.41
C GLN B 722 6.88 11.38 -15.84
N PRO B 723 6.55 10.42 -14.97
CA PRO B 723 5.23 10.39 -14.35
C PRO B 723 5.11 11.53 -13.34
N GLU B 724 3.96 12.19 -13.29
CA GLU B 724 3.74 13.14 -12.21
C GLU B 724 3.89 12.43 -10.85
N ASN B 725 3.26 11.28 -10.72
CA ASN B 725 3.31 10.46 -9.53
C ASN B 725 3.48 9.03 -10.04
N PRO B 726 4.61 8.38 -9.72
CA PRO B 726 4.89 7.04 -10.23
C PRO B 726 4.01 5.93 -9.67
N HIS B 727 3.16 6.27 -8.69
CA HIS B 727 2.25 5.34 -8.06
C HIS B 727 0.82 5.55 -8.52
N ALA B 728 0.59 6.45 -9.48
CA ALA B 728 -0.76 6.63 -9.99
C ALA B 728 -1.15 5.51 -10.96
N THR B 729 -2.46 5.24 -11.14
CA THR B 729 -2.89 4.15 -12.00
C THR B 729 -3.09 4.65 -13.45
N HIS B 730 -4.24 5.25 -13.70
CA HIS B 730 -4.73 5.58 -15.02
C HIS B 730 -3.72 6.34 -15.87
N PRO B 731 -3.04 7.39 -15.35
CA PRO B 731 -2.16 8.18 -16.19
C PRO B 731 -1.00 7.37 -16.80
N LEU B 732 -0.62 6.24 -16.19
CA LEU B 732 0.57 5.47 -16.58
C LEU B 732 0.17 4.22 -17.36
N GLU B 733 -1.13 4.05 -17.55
CA GLU B 733 -1.62 3.00 -18.41
C GLU B 733 -1.75 3.53 -19.84
N VAL B 734 -1.66 2.62 -20.83
CA VAL B 734 -1.98 2.90 -22.21
C VAL B 734 -3.36 2.32 -22.44
N TRP B 735 -4.33 3.14 -22.84
CA TRP B 735 -5.68 2.62 -23.04
C TRP B 735 -5.88 2.39 -24.53
N THR B 736 -6.24 1.15 -24.91
CA THR B 736 -6.25 0.77 -26.31
C THR B 736 -7.24 1.65 -27.07
N GLY B 737 -8.46 1.83 -26.58
CA GLY B 737 -9.48 2.56 -27.32
C GLY B 737 -9.18 4.07 -27.35
N ILE B 738 -8.53 4.59 -26.30
CA ILE B 738 -8.13 5.98 -26.27
C ILE B 738 -7.09 6.20 -27.39
N ASN B 739 -6.13 5.27 -27.50
CA ASN B 739 -5.08 5.33 -28.52
C ASN B 739 -5.70 5.27 -29.91
N PHE B 740 -6.71 4.40 -30.13
CA PHE B 740 -7.40 4.35 -31.41
C PHE B 740 -8.10 5.69 -31.73
N GLY B 741 -8.80 6.27 -30.75
CA GLY B 741 -9.45 7.58 -30.89
C GLY B 741 -8.44 8.68 -31.24
N LEU B 742 -7.28 8.59 -30.62
CA LEU B 742 -6.22 9.55 -30.83
C LEU B 742 -5.59 9.39 -32.21
N ALA B 743 -5.42 8.15 -32.70
CA ALA B 743 -4.99 7.91 -34.07
C ALA B 743 -5.98 8.53 -35.05
N ALA B 744 -7.27 8.42 -34.76
CA ALA B 744 -8.29 8.97 -35.65
C ALA B 744 -8.17 10.48 -35.73
N PHE B 745 -7.94 11.07 -34.54
CA PHE B 745 -7.77 12.52 -34.40
C PHE B 745 -6.53 12.98 -35.16
N LEU B 746 -5.38 12.34 -34.92
CA LEU B 746 -4.16 12.64 -35.67
C LEU B 746 -4.43 12.66 -37.18
N TRP B 747 -5.10 11.59 -37.67
CA TRP B 747 -5.40 11.45 -39.08
C TRP B 747 -6.21 12.68 -39.54
N GLN B 748 -7.27 12.96 -38.79
CA GLN B 748 -8.22 14.00 -39.07
C GLN B 748 -7.49 15.34 -39.18
N ARG B 749 -6.40 15.52 -38.46
CA ARG B 749 -5.67 16.77 -38.46
C ARG B 749 -4.55 16.71 -39.49
N GLY B 750 -4.49 15.69 -40.36
CA GLY B 750 -3.46 15.60 -41.39
C GLY B 750 -2.14 15.03 -40.87
N MET B 751 -2.08 14.54 -39.64
CA MET B 751 -0.89 13.83 -39.15
C MET B 751 -1.05 12.32 -39.39
N ILE B 752 -0.96 11.98 -40.67
CA ILE B 752 -1.25 10.67 -41.23
C ILE B 752 -0.24 9.61 -40.72
N ASP B 753 1.06 9.89 -40.98
CA ASP B 753 2.11 8.97 -40.61
C ASP B 753 2.01 8.68 -39.13
N GLU B 754 1.70 9.74 -38.35
CA GLU B 754 1.71 9.66 -36.88
C GLU B 754 0.57 8.73 -36.43
N ALA B 755 -0.58 8.94 -37.07
CA ALA B 755 -1.76 8.14 -36.80
C ALA B 755 -1.45 6.64 -36.99
N TRP B 756 -0.88 6.28 -38.16
CA TRP B 756 -0.68 4.88 -38.52
C TRP B 756 0.32 4.26 -37.57
N ARG B 757 1.34 5.01 -37.23
CA ARG B 757 2.37 4.51 -36.33
C ARG B 757 1.84 4.26 -34.90
N LEU B 758 1.04 5.19 -34.39
CA LEU B 758 0.51 5.02 -33.05
C LEU B 758 -0.35 3.77 -33.03
N ALA B 759 -1.30 3.66 -33.98
CA ALA B 759 -2.23 2.54 -34.03
C ALA B 759 -1.51 1.20 -34.27
N GLU B 760 -0.40 1.20 -35.00
CA GLU B 760 0.30 -0.03 -35.32
C GLU B 760 0.87 -0.60 -34.04
N VAL B 761 1.50 0.25 -33.23
CA VAL B 761 2.15 -0.17 -31.98
C VAL B 761 1.11 -0.84 -31.11
N VAL B 762 -0.11 -0.30 -31.06
CA VAL B 762 -1.12 -0.85 -30.15
C VAL B 762 -1.63 -2.21 -30.66
N VAL B 763 -1.84 -2.30 -31.99
CA VAL B 763 -2.34 -3.53 -32.60
C VAL B 763 -1.30 -4.63 -32.37
N ARG B 764 -0.02 -4.27 -32.57
CA ARG B 764 1.08 -5.20 -32.41
C ARG B 764 1.06 -5.70 -30.97
N GLN B 765 0.93 -4.81 -29.99
CA GLN B 765 0.92 -5.23 -28.60
C GLN B 765 -0.16 -6.29 -28.31
N ILE B 766 -1.36 -6.07 -28.86
CA ILE B 766 -2.49 -6.93 -28.62
C ILE B 766 -2.28 -8.28 -29.30
N TYR B 767 -1.88 -8.26 -30.58
CA TYR B 767 -1.95 -9.44 -31.45
C TYR B 767 -0.66 -10.25 -31.33
N GLU B 768 0.38 -9.75 -30.68
CA GLU B 768 1.61 -10.52 -30.51
C GLU B 768 1.79 -11.06 -29.10
N ASN B 769 1.09 -10.54 -28.10
CA ASN B 769 1.43 -10.85 -26.72
C ASN B 769 0.26 -11.50 -25.99
N GLY B 770 -0.65 -12.14 -26.74
CA GLY B 770 -1.60 -13.04 -26.12
C GLY B 770 -2.89 -12.40 -25.64
N LEU B 771 -3.38 -11.37 -26.35
CA LEU B 771 -4.59 -10.66 -25.94
C LEU B 771 -5.64 -10.69 -27.03
N GLN B 772 -5.37 -11.42 -28.13
CA GLN B 772 -6.30 -11.52 -29.24
C GLN B 772 -7.62 -12.13 -28.73
N PHE B 773 -8.73 -11.54 -29.14
CA PHE B 773 -10.09 -11.96 -28.81
C PHE B 773 -10.40 -11.83 -27.33
N ARG B 774 -9.68 -10.90 -26.69
CA ARG B 774 -9.93 -10.45 -25.33
C ARG B 774 -9.23 -9.08 -25.10
N THR B 775 -9.27 -8.23 -26.14
CA THR B 775 -8.61 -6.92 -26.11
C THR B 775 -8.94 -6.15 -24.82
N PRO B 776 -7.95 -5.76 -23.98
CA PRO B 776 -8.24 -5.08 -22.74
C PRO B 776 -8.38 -3.56 -22.89
N GLU B 777 -8.94 -2.95 -21.82
CA GLU B 777 -8.86 -1.51 -21.62
C GLU B 777 -7.42 -1.04 -21.74
N ALA B 778 -6.53 -1.68 -20.93
CA ALA B 778 -5.23 -1.11 -20.68
C ALA B 778 -4.15 -2.15 -20.75
N ILE B 779 -2.96 -1.68 -21.17
CA ILE B 779 -1.71 -2.41 -20.97
C ILE B 779 -0.78 -1.45 -20.23
N THR B 780 0.19 -2.00 -19.50
CA THR B 780 1.25 -1.25 -18.84
C THR B 780 2.59 -1.55 -19.50
N ALA B 781 3.64 -0.83 -19.10
CA ALA B 781 4.99 -1.10 -19.56
C ALA B 781 5.60 -2.29 -18.85
N ASN B 782 4.83 -2.99 -17.99
CA ASN B 782 5.33 -4.12 -17.23
C ASN B 782 4.75 -5.44 -17.69
N GLY B 783 4.31 -5.54 -18.94
CA GLY B 783 3.75 -6.78 -19.45
C GLY B 783 2.45 -7.16 -18.73
N THR B 784 1.65 -6.18 -18.24
CA THR B 784 0.38 -6.47 -17.57
C THR B 784 -0.75 -5.71 -18.28
N PHE B 785 -2.00 -6.14 -18.04
CA PHE B 785 -3.18 -5.55 -18.66
C PHE B 785 -4.22 -5.38 -17.57
N ARG B 786 -5.27 -4.59 -17.85
CA ARG B 786 -6.43 -4.44 -16.98
C ARG B 786 -7.64 -4.53 -17.88
N ALA B 787 -8.64 -5.32 -17.45
CA ALA B 787 -10.03 -5.35 -17.97
C ALA B 787 -10.07 -5.95 -19.39
N CYS B 788 -9.87 -7.28 -19.48
CA CYS B 788 -9.86 -7.97 -20.78
C CYS B 788 -11.27 -8.03 -21.30
N MET B 789 -11.38 -8.19 -22.64
CA MET B 789 -12.64 -8.23 -23.36
C MET B 789 -13.44 -6.92 -23.20
N TYR B 790 -12.78 -5.81 -23.60
CA TYR B 790 -13.17 -4.43 -23.28
C TYR B 790 -13.89 -3.80 -24.45
N LEU B 791 -14.92 -3.00 -24.16
CA LEU B 791 -15.78 -2.36 -25.18
C LEU B 791 -15.02 -1.28 -25.97
N ARG B 792 -14.10 -0.56 -25.33
CA ARG B 792 -13.54 0.69 -25.86
C ARG B 792 -12.72 0.48 -27.15
N PRO B 793 -11.92 -0.61 -27.30
CA PRO B 793 -11.06 -0.77 -28.48
C PRO B 793 -11.75 -0.91 -29.83
N MET B 794 -13.09 -1.04 -29.83
CA MET B 794 -13.81 -0.88 -31.09
C MET B 794 -13.69 0.52 -31.69
N ALA B 795 -13.11 1.46 -30.94
CA ALA B 795 -12.69 2.79 -31.37
C ALA B 795 -11.78 2.71 -32.59
N ILE B 796 -11.19 1.55 -32.92
CA ILE B 796 -10.37 1.48 -34.13
C ILE B 796 -11.23 1.88 -35.34
N TRP B 797 -12.55 1.69 -35.22
CA TRP B 797 -13.46 1.97 -36.31
C TRP B 797 -13.63 3.48 -36.55
N ALA B 798 -13.25 4.31 -35.55
CA ALA B 798 -13.21 5.76 -35.72
C ALA B 798 -12.10 6.17 -36.73
N LEU B 799 -10.94 5.52 -36.64
CA LEU B 799 -9.83 5.70 -37.60
C LEU B 799 -10.30 5.26 -38.99
N ALA B 800 -11.06 4.17 -39.06
CA ALA B 800 -11.54 3.75 -40.37
C ALA B 800 -12.45 4.85 -40.91
N LEU B 801 -13.29 5.40 -40.03
CA LEU B 801 -14.34 6.31 -40.47
C LEU B 801 -13.68 7.55 -41.06
N VAL B 802 -12.70 8.10 -40.38
CA VAL B 802 -12.16 9.39 -40.76
C VAL B 802 -11.27 9.13 -41.98
N SER B 803 -10.61 7.98 -42.08
CA SER B 803 -9.67 7.77 -43.18
C SER B 803 -10.31 7.04 -44.39
N GLY B 804 -11.58 6.66 -44.32
CA GLY B 804 -12.18 5.69 -45.21
C GLY B 804 -12.57 6.30 -46.56
N GLY B 805 -12.56 7.65 -46.67
CA GLY B 805 -13.31 8.31 -47.72
C GLY B 805 -14.71 7.72 -47.74
N SER B 806 -15.10 7.05 -48.85
CA SER B 806 -16.47 6.57 -49.03
C SER B 806 -16.64 5.05 -48.97
N ARG B 807 -15.61 4.28 -48.62
CA ARG B 807 -15.77 2.82 -48.47
C ARG B 807 -16.56 2.52 -47.20
N LEU B 808 -16.21 1.45 -46.46
CA LEU B 808 -16.93 1.05 -45.24
C LEU B 808 -18.32 0.53 -45.67
N PRO B 809 -18.78 -0.65 -45.18
CA PRO B 809 -20.13 -1.17 -45.46
C PRO B 809 -21.36 -0.36 -45.01
C2 BGC C . 1.94 11.65 31.10
C3 BGC C . 2.22 12.47 29.86
C4 BGC C . 2.18 13.95 30.20
C5 BGC C . 3.17 14.21 31.36
C6 BGC C . 3.22 15.66 31.81
C1 BGC C . 2.79 12.06 32.28
O1 BGC C . 2.24 11.44 33.43
O2 BGC C . 2.02 10.23 30.88
O3 BGC C . 1.24 12.09 28.89
O4 BGC C . 2.51 14.76 29.05
O5 BGC C . 2.78 13.46 32.51
O6 BGC C . 4.43 15.92 32.52
C1 GOL D . -4.95 -4.40 22.62
O1 GOL D . -5.91 -4.84 23.58
C2 GOL D . -4.00 -3.44 23.25
O2 GOL D . -3.14 -2.73 22.38
C3 GOL D . -4.73 -2.48 24.14
O3 GOL D . -4.23 -2.66 25.45
C1 GOL E . 17.40 38.08 14.44
O1 GOL E . 17.18 39.40 13.97
C2 GOL E . 17.58 38.09 15.95
O2 GOL E . 17.49 36.78 16.48
C3 GOL E . 16.60 39.03 16.65
O3 GOL E . 15.22 38.82 16.31
C1 GOL F . -2.63 29.86 4.81
O1 GOL F . -1.40 30.34 5.35
C2 GOL F . -3.81 30.60 5.42
O2 GOL F . -4.06 30.16 6.75
C3 GOL F . -3.50 32.04 5.60
O3 GOL F . -2.55 32.09 6.66
C1 GOL G . -15.54 15.02 25.32
O1 GOL G . -14.61 15.92 24.74
C2 GOL G . -15.46 15.16 26.82
O2 GOL G . -16.77 14.97 27.34
C3 GOL G . -14.47 14.20 27.45
O3 GOL G . -13.10 14.40 27.02
C1 GOL H . 6.89 1.08 40.21
O1 GOL H . 8.12 0.51 40.60
C2 GOL H . 6.93 1.81 38.87
O2 GOL H . 5.65 1.68 38.24
C3 GOL H . 7.28 3.29 39.00
O3 GOL H . 8.47 3.48 39.77
C1 GOL I . 9.60 -8.76 17.81
O1 GOL I . 9.94 -7.85 18.87
C2 GOL I . 9.65 -10.23 18.23
O2 GOL I . 9.09 -11.18 17.32
C3 GOL I . 11.06 -10.69 18.45
O3 GOL I . 11.68 -9.88 19.43
CA CA J . 11.86 -8.00 33.71
O1 TLA K . 27.21 16.54 46.85
O11 TLA K . 26.86 14.58 47.78
C1 TLA K . 26.49 15.63 47.21
C2 TLA K . 24.99 15.82 46.98
O2 TLA K . 24.68 17.05 46.35
C3 TLA K . 24.34 15.77 48.35
O3 TLA K . 24.83 16.84 49.14
C4 TLA K . 22.81 15.86 48.19
O4 TLA K . 22.24 14.97 47.52
O41 TLA K . 22.27 16.80 48.79
C2 BGC L . -15.65 2.23 -15.33
C3 BGC L . -15.48 3.07 -16.59
C4 BGC L . -14.07 3.69 -16.62
C5 BGC L . -13.04 2.55 -16.59
C6 BGC L . -11.58 2.93 -16.59
C1 BGC L . -14.57 1.20 -15.21
O1 BGC L . -14.71 0.48 -14.00
O2 BGC L . -16.91 1.61 -15.40
O3 BGC L . -16.54 4.03 -16.63
O4 BGC L . -13.89 4.54 -17.75
O5 BGC L . -13.24 1.79 -15.37
O6 BGC L . -10.78 1.80 -16.98
C1 GOL M . -17.73 -10.67 -12.55
O1 GOL M . -16.72 -9.69 -12.50
C2 GOL M . -18.44 -10.64 -11.22
O2 GOL M . -19.46 -9.67 -11.34
C3 GOL M . -18.91 -12.00 -10.76
O3 GOL M . -19.76 -12.61 -11.73
C1 GOL N . -5.54 11.12 -5.40
O1 GOL N . -5.93 10.99 -4.01
C2 GOL N . -6.61 10.60 -6.36
O2 GOL N . -6.90 9.23 -6.05
C3 GOL N . -6.34 10.67 -7.87
O3 GOL N . -5.65 11.82 -8.33
C1 GOL O . -12.71 1.19 -12.12
O1 GOL O . -13.07 2.24 -13.01
C2 GOL O . -11.21 0.95 -12.16
O2 GOL O . -10.59 2.23 -12.31
C3 GOL O . -10.73 0.16 -10.95
O3 GOL O . -11.85 -0.55 -10.40
CA CA P . -28.82 -15.60 -16.84
O1 TLA Q . 1.21 -18.58 -19.34
O11 TLA Q . -0.92 -19.30 -19.68
C1 TLA Q . 0.35 -19.28 -19.93
C2 TLA Q . 0.89 -20.33 -20.93
O2 TLA Q . 2.30 -20.52 -20.84
C3 TLA Q . 0.56 -19.92 -22.36
O3 TLA Q . 1.33 -18.81 -22.75
C4 TLA Q . 0.86 -21.10 -23.29
O4 TLA Q . 0.30 -22.19 -23.03
O41 TLA Q . 1.63 -20.87 -24.23
#